data_1Q2S
#
_entry.id   1Q2S
#
_cell.length_a   261.961
_cell.length_b   261.961
_cell.length_c   55.549
_cell.angle_alpha   90.00
_cell.angle_beta   90.00
_cell.angle_gamma   90.00
#
_symmetry.space_group_name_H-M   'I 4'
#
loop_
_entity.id
_entity.type
_entity.pdbx_description
1 polymer "5'-R(*AP*GP*CP*AP*CP*GP*GP*CP*UP*(PQ1)P*UP*AP*AP*AP*CP*CP*GP*UP*GP*C)-3'"
2 polymer "RNA (5'-R(*AP*GP*CP*AP*CP*GP*GP*CP*UP*(N)P*UP*AP*AP*AP*CP*CP*GP*UP*GP*C)-3')"
3 polymer 'Queuine tRNA-ribosyltransferase'
4 non-polymer 'ZINC ION'
5 non-polymer 9-DEAZAGUANINE
6 water water
#
loop_
_entity_poly.entity_id
_entity_poly.type
_entity_poly.pdbx_seq_one_letter_code
_entity_poly.pdbx_strand_id
1 'polyribonucleotide' AGCACGGCU(PQ1)UAAACCGUGC E
2 'polyribonucleotide' AGCACGGCU(N)UAAACCGUGC F
3 'polypeptide(L)'
;MVEATAQETDRPRFSFSIAAREGKARTGTIEMKRGVIRTPAFMPVGTAATVKALKPETVRATGADIILGNTYHLMLRPGA
ERIAKLGGLHSFMGWDRPILTDSGGYQVMSLSSLTKQSEEGVTFKSHLDGSRHMLSPERSIEIQHLLGSDIVMAFDECTP
YPATPSRAASSMERSMRWAKRSRDAFDSRKEQAENAALFGIQQGSVFENLRQQSADALAEIGFDGYAVGGLAVGEGQDEM
FRVLDFSVPMLPDDKPHYLMGVGKPDDIVGAVERGIDMFDCVLPTRSGRNGQAFTWDGPINIRNARFSEDLKPLDSECHC
AVCQKWSRAYIHHLIRAGEILGAMLMTEHNIAFYQQLMQKIRDSISEGRFSQFAQDFRARYFARNS
;
A,B,C,D
#
# COMPACT_ATOMS: atom_id res chain seq x y z
N ARG C 11 -44.27 -33.40 6.52
CA ARG C 11 -44.49 -34.76 7.09
C ARG C 11 -43.55 -35.83 6.52
N PRO C 12 -43.36 -35.88 5.18
CA PRO C 12 -42.47 -36.88 4.58
C PRO C 12 -41.00 -36.58 4.84
N ARG C 13 -40.22 -37.61 5.11
CA ARG C 13 -38.80 -37.44 5.40
C ARG C 13 -38.04 -36.75 4.27
N PHE C 14 -38.11 -37.36 3.09
CA PHE C 14 -37.43 -36.84 1.91
C PHE C 14 -38.22 -37.34 0.71
N SER C 15 -38.77 -36.44 -0.08
CA SER C 15 -39.55 -36.84 -1.23
C SER C 15 -39.31 -36.00 -2.48
N PHE C 16 -38.38 -36.45 -3.32
CA PHE C 16 -38.05 -35.76 -4.57
C PHE C 16 -39.09 -36.12 -5.61
N SER C 17 -39.64 -35.10 -6.27
CA SER C 17 -40.65 -35.33 -7.29
C SER C 17 -40.53 -34.35 -8.46
N ILE C 18 -40.02 -34.84 -9.58
CA ILE C 18 -39.84 -34.03 -10.77
C ILE C 18 -41.20 -33.75 -11.40
N ALA C 19 -41.45 -32.48 -11.76
CA ALA C 19 -42.74 -32.10 -12.33
C ALA C 19 -42.69 -31.65 -13.79
N ALA C 20 -41.49 -31.59 -14.36
CA ALA C 20 -41.34 -31.16 -15.75
C ALA C 20 -39.89 -31.34 -16.16
N ARG C 21 -39.66 -31.45 -17.46
CA ARG C 21 -38.32 -31.63 -17.97
C ARG C 21 -38.16 -30.96 -19.34
N GLU C 22 -36.91 -30.83 -19.76
CA GLU C 22 -36.54 -30.28 -21.05
C GLU C 22 -35.09 -30.66 -21.24
N GLY C 23 -34.85 -31.73 -21.97
CA GLY C 23 -33.48 -32.16 -22.18
C GLY C 23 -33.05 -32.77 -20.88
N LYS C 24 -31.77 -32.72 -20.57
CA LYS C 24 -31.27 -33.31 -19.33
C LYS C 24 -31.69 -32.50 -18.11
N ALA C 25 -32.41 -31.40 -18.35
CA ALA C 25 -32.86 -30.52 -17.28
C ALA C 25 -34.24 -30.83 -16.76
N ARG C 26 -34.51 -30.45 -15.51
CA ARG C 26 -35.81 -30.67 -14.91
C ARG C 26 -36.09 -29.88 -13.62
N THR C 27 -37.36 -29.53 -13.44
CA THR C 27 -37.79 -28.78 -12.27
C THR C 27 -38.70 -29.70 -11.45
N GLY C 28 -38.52 -29.64 -10.13
CA GLY C 28 -39.30 -30.47 -9.25
C GLY C 28 -39.42 -29.82 -7.89
N THR C 29 -39.58 -30.66 -6.87
CA THR C 29 -39.75 -30.24 -5.49
C THR C 29 -39.19 -31.31 -4.56
N ILE C 30 -38.58 -30.90 -3.45
CA ILE C 30 -38.10 -31.89 -2.49
C ILE C 30 -38.87 -31.61 -1.21
N GLU C 31 -39.62 -32.61 -0.74
CA GLU C 31 -40.42 -32.49 0.47
C GLU C 31 -39.75 -33.12 1.68
N MET C 32 -39.55 -32.30 2.70
CA MET C 32 -38.92 -32.75 3.93
C MET C 32 -39.77 -32.33 5.10
N LYS C 33 -39.49 -32.88 6.26
CA LYS C 33 -40.28 -32.55 7.44
C LYS C 33 -40.22 -31.06 7.78
N ARG C 34 -39.07 -30.42 7.54
CA ARG C 34 -38.94 -28.99 7.85
C ARG C 34 -39.40 -28.01 6.78
N GLY C 35 -39.79 -28.49 5.60
CA GLY C 35 -40.24 -27.59 4.56
C GLY C 35 -40.05 -28.12 3.15
N VAL C 36 -40.49 -27.36 2.16
CA VAL C 36 -40.37 -27.81 0.77
C VAL C 36 -39.23 -27.13 0.04
N ILE C 37 -38.56 -27.86 -0.83
CA ILE C 37 -37.45 -27.33 -1.58
C ILE C 37 -37.69 -27.35 -3.07
N ARG C 38 -37.82 -26.15 -3.65
CA ARG C 38 -38.06 -25.97 -5.08
C ARG C 38 -36.75 -26.20 -5.81
N THR C 39 -36.79 -26.95 -6.92
CA THR C 39 -35.58 -27.24 -7.70
C THR C 39 -35.78 -27.10 -9.22
N PRO C 40 -34.72 -26.74 -9.95
CA PRO C 40 -33.35 -26.47 -9.49
C PRO C 40 -33.33 -25.41 -8.38
N ALA C 41 -32.49 -25.61 -7.37
CA ALA C 41 -32.45 -24.65 -6.28
C ALA C 41 -31.04 -24.20 -5.91
N PHE C 42 -30.94 -22.96 -5.43
CA PHE C 42 -29.65 -22.48 -4.98
C PHE C 42 -29.74 -22.38 -3.47
N MET C 43 -28.72 -22.88 -2.78
CA MET C 43 -28.72 -22.85 -1.33
C MET C 43 -27.58 -22.02 -0.78
N PRO C 44 -27.91 -20.88 -0.17
CA PRO C 44 -26.94 -19.96 0.42
C PRO C 44 -26.04 -20.68 1.42
N VAL C 45 -24.81 -20.17 1.59
CA VAL C 45 -23.87 -20.79 2.52
C VAL C 45 -23.71 -20.04 3.83
N GLY C 46 -24.12 -20.69 4.90
CA GLY C 46 -24.01 -20.11 6.24
C GLY C 46 -23.07 -21.01 7.03
N THR C 47 -21.82 -21.04 6.61
CA THR C 47 -20.78 -21.86 7.21
C THR C 47 -20.79 -21.96 8.74
N ALA C 48 -20.54 -20.86 9.44
CA ALA C 48 -20.51 -20.90 10.89
C ALA C 48 -21.82 -20.49 11.56
N ALA C 49 -22.91 -21.11 11.10
CA ALA C 49 -24.24 -20.85 11.66
C ALA C 49 -24.72 -19.42 11.45
N THR C 50 -24.59 -18.94 10.23
CA THR C 50 -25.02 -17.60 9.88
C THR C 50 -24.70 -17.36 8.41
N VAL C 51 -25.63 -16.71 7.70
CA VAL C 51 -25.39 -16.38 6.31
C VAL C 51 -24.88 -14.94 6.39
N LYS C 52 -23.56 -14.80 6.35
CA LYS C 52 -22.89 -13.50 6.47
C LYS C 52 -23.75 -12.29 6.18
N ALA C 53 -23.80 -11.36 7.14
CA ALA C 53 -24.54 -10.12 7.02
C ALA C 53 -26.05 -10.21 6.78
N LEU C 54 -26.65 -11.37 7.04
CA LEU C 54 -28.09 -11.53 6.83
C LEU C 54 -28.85 -12.26 7.93
N LYS C 55 -29.99 -11.71 8.35
CA LYS C 55 -30.81 -12.34 9.37
C LYS C 55 -31.58 -13.46 8.68
N PRO C 56 -31.70 -14.61 9.34
CA PRO C 56 -32.42 -15.73 8.72
C PRO C 56 -33.64 -15.30 7.91
N GLU C 57 -34.48 -14.47 8.51
CA GLU C 57 -35.69 -14.01 7.84
C GLU C 57 -35.43 -13.32 6.51
N THR C 58 -34.33 -12.58 6.41
CA THR C 58 -34.01 -11.88 5.18
C THR C 58 -33.65 -12.92 4.12
N VAL C 59 -32.94 -13.95 4.55
CA VAL C 59 -32.55 -15.02 3.66
C VAL C 59 -33.82 -15.63 3.08
N ARG C 60 -34.80 -15.84 3.95
CA ARG C 60 -36.05 -16.39 3.49
C ARG C 60 -36.74 -15.40 2.55
N ALA C 61 -36.67 -14.12 2.94
CA ALA C 61 -37.27 -13.04 2.17
C ALA C 61 -36.85 -13.07 0.72
N THR C 62 -35.59 -13.41 0.47
CA THR C 62 -35.05 -13.48 -0.90
C THR C 62 -35.58 -14.66 -1.68
N GLY C 63 -36.01 -15.72 -0.98
CA GLY C 63 -36.55 -16.88 -1.66
C GLY C 63 -35.87 -18.21 -1.43
N ALA C 64 -34.92 -18.25 -0.51
CA ALA C 64 -34.21 -19.48 -0.23
C ALA C 64 -35.09 -20.46 0.55
N ASP C 65 -35.11 -21.71 0.12
CA ASP C 65 -35.91 -22.72 0.82
C ASP C 65 -35.02 -23.51 1.77
N ILE C 66 -33.71 -23.45 1.54
CA ILE C 66 -32.77 -24.19 2.36
C ILE C 66 -31.36 -23.56 2.41
N ILE C 67 -30.80 -23.45 3.61
CA ILE C 67 -29.45 -22.91 3.74
C ILE C 67 -28.52 -24.08 4.06
N LEU C 68 -27.23 -23.88 3.82
CA LEU C 68 -26.24 -24.90 4.06
C LEU C 68 -25.27 -24.47 5.16
N GLY C 69 -24.97 -25.39 6.07
CA GLY C 69 -24.05 -25.09 7.16
C GLY C 69 -22.86 -26.03 7.05
N ASN C 70 -21.71 -25.64 7.58
CA ASN C 70 -20.54 -26.49 7.46
C ASN C 70 -20.18 -27.25 8.74
N THR C 71 -19.72 -28.49 8.60
CA THR C 71 -19.36 -29.32 9.75
C THR C 71 -18.02 -28.90 10.36
N TYR C 72 -16.96 -29.01 9.57
CA TYR C 72 -15.64 -28.66 10.04
C TYR C 72 -15.63 -27.45 10.97
N HIS C 73 -16.12 -26.32 10.47
CA HIS C 73 -16.12 -25.12 11.28
C HIS C 73 -16.98 -25.20 12.53
N LEU C 74 -18.24 -25.55 12.34
CA LEU C 74 -19.14 -25.66 13.47
C LEU C 74 -18.54 -26.58 14.53
N MET C 75 -17.95 -27.70 14.10
CA MET C 75 -17.34 -28.63 15.04
C MET C 75 -16.40 -27.91 16.01
N LEU C 76 -15.52 -27.08 15.47
CA LEU C 76 -14.56 -26.32 16.24
C LEU C 76 -15.20 -25.20 17.04
N ARG C 77 -16.08 -24.45 16.38
CA ARG C 77 -16.76 -23.32 17.01
C ARG C 77 -18.14 -23.16 16.38
N PRO C 78 -19.20 -23.08 17.19
CA PRO C 78 -19.18 -23.15 18.67
C PRO C 78 -19.01 -24.55 19.22
N GLY C 79 -18.95 -25.54 18.34
CA GLY C 79 -18.77 -26.93 18.76
C GLY C 79 -20.00 -27.79 18.56
N ALA C 80 -19.82 -28.98 18.04
CA ALA C 80 -20.93 -29.90 17.79
C ALA C 80 -21.82 -30.10 19.02
N GLU C 81 -21.24 -30.73 20.04
CA GLU C 81 -21.95 -31.02 21.29
C GLU C 81 -22.64 -29.80 21.92
N ARG C 82 -22.01 -28.64 21.83
CA ARG C 82 -22.58 -27.44 22.44
C ARG C 82 -23.85 -27.01 21.74
N ILE C 83 -23.81 -26.95 20.42
CA ILE C 83 -25.00 -26.55 19.69
C ILE C 83 -26.10 -27.52 20.04
N ALA C 84 -25.78 -28.80 20.01
CA ALA C 84 -26.78 -29.82 20.32
C ALA C 84 -27.39 -29.56 21.69
N LYS C 85 -26.52 -29.27 22.65
CA LYS C 85 -26.96 -29.01 24.02
C LYS C 85 -27.86 -27.77 24.09
N LEU C 86 -27.82 -26.93 23.07
CA LEU C 86 -28.61 -25.72 23.05
C LEU C 86 -29.93 -25.86 22.31
N GLY C 87 -30.14 -26.98 21.64
CA GLY C 87 -31.40 -27.18 20.94
C GLY C 87 -31.28 -27.36 19.44
N GLY C 88 -30.09 -27.71 18.96
CA GLY C 88 -29.88 -27.91 17.54
C GLY C 88 -29.64 -26.63 16.75
N LEU C 89 -28.82 -26.74 15.72
CA LEU C 89 -28.48 -25.61 14.88
C LEU C 89 -29.70 -24.73 14.56
N HIS C 90 -30.74 -25.34 13.99
CA HIS C 90 -31.97 -24.63 13.60
C HIS C 90 -32.44 -23.61 14.62
N SER C 91 -32.51 -24.05 15.87
CA SER C 91 -32.94 -23.18 16.95
C SER C 91 -31.85 -22.17 17.23
N PHE C 92 -30.63 -22.66 17.30
CA PHE C 92 -29.47 -21.82 17.58
C PHE C 92 -29.43 -20.58 16.72
N MET C 93 -29.46 -20.76 15.39
CA MET C 93 -29.38 -19.63 14.47
C MET C 93 -30.70 -18.98 14.07
N GLY C 94 -31.81 -19.70 14.18
CA GLY C 94 -33.08 -19.09 13.84
C GLY C 94 -33.59 -19.37 12.45
N TRP C 95 -33.31 -20.57 11.95
CA TRP C 95 -33.77 -20.98 10.64
C TRP C 95 -34.42 -22.32 10.86
N ASP C 96 -35.74 -22.33 10.73
CA ASP C 96 -36.52 -23.52 10.95
C ASP C 96 -36.75 -24.37 9.72
N ARG C 97 -36.27 -23.92 8.57
CA ARG C 97 -36.45 -24.71 7.37
C ARG C 97 -35.31 -25.70 7.22
N PRO C 98 -35.42 -26.62 6.26
CA PRO C 98 -34.33 -27.58 6.11
C PRO C 98 -32.93 -26.95 6.03
N ILE C 99 -31.93 -27.69 6.49
CA ILE C 99 -30.57 -27.23 6.45
C ILE C 99 -29.72 -28.39 5.95
N LEU C 100 -28.75 -28.10 5.10
CA LEU C 100 -27.89 -29.15 4.58
C LEU C 100 -26.46 -28.91 5.12
N THR C 101 -25.94 -29.88 5.85
CA THR C 101 -24.61 -29.72 6.39
C THR C 101 -23.61 -30.47 5.54
N ASP C 102 -22.48 -29.82 5.25
CA ASP C 102 -21.41 -30.42 4.47
C ASP C 102 -20.57 -31.26 5.42
N SER C 103 -20.07 -32.40 4.96
CA SER C 103 -19.28 -33.28 5.80
C SER C 103 -17.96 -32.67 6.23
N GLY C 104 -17.51 -31.67 5.48
CA GLY C 104 -16.25 -31.04 5.78
C GLY C 104 -15.21 -31.54 4.78
N GLY C 105 -15.66 -32.37 3.85
CA GLY C 105 -14.77 -32.92 2.84
C GLY C 105 -14.10 -31.85 2.01
N TYR C 106 -14.59 -30.62 2.12
CA TYR C 106 -14.01 -29.52 1.37
C TYR C 106 -12.83 -28.99 2.16
N GLN C 107 -12.94 -29.02 3.47
CA GLN C 107 -11.84 -28.54 4.30
C GLN C 107 -10.62 -29.44 4.16
N VAL C 108 -10.84 -30.67 3.69
CA VAL C 108 -9.75 -31.60 3.51
C VAL C 108 -8.86 -31.10 2.37
N MET C 109 -9.46 -30.32 1.47
CA MET C 109 -8.75 -29.76 0.33
C MET C 109 -8.93 -28.24 0.27
N SER C 110 -8.27 -27.53 1.18
CA SER C 110 -8.33 -26.06 1.22
C SER C 110 -7.67 -25.70 2.53
N LEU C 111 -7.66 -26.68 3.41
CA LEU C 111 -7.03 -26.56 4.71
C LEU C 111 -6.06 -27.72 4.74
N SER C 112 -5.86 -28.31 3.57
CA SER C 112 -4.95 -29.44 3.37
C SER C 112 -3.62 -29.11 4.03
N SER C 113 -3.32 -27.81 4.04
CA SER C 113 -2.09 -27.30 4.63
C SER C 113 -1.87 -27.99 5.98
N LEU C 114 -2.76 -27.70 6.93
CA LEU C 114 -2.69 -28.26 8.27
C LEU C 114 -3.46 -29.57 8.45
N THR C 115 -3.44 -30.42 7.43
CA THR C 115 -4.14 -31.71 7.47
C THR C 115 -3.24 -32.94 7.25
N LYS C 116 -3.60 -34.03 7.92
CA LYS C 116 -2.86 -35.28 7.80
C LYS C 116 -3.85 -36.41 7.50
N GLN C 117 -3.83 -36.92 6.27
CA GLN C 117 -4.74 -37.97 5.84
C GLN C 117 -4.28 -39.38 6.16
N SER C 118 -5.26 -40.29 6.25
CA SER C 118 -5.02 -41.70 6.54
C SER C 118 -6.17 -42.55 5.95
N GLU C 119 -6.71 -43.47 6.75
CA GLU C 119 -7.83 -44.32 6.29
C GLU C 119 -8.96 -44.20 7.28
N GLU C 120 -8.60 -44.01 8.54
CA GLU C 120 -9.57 -43.85 9.61
C GLU C 120 -10.33 -42.56 9.37
N GLY C 121 -9.62 -41.57 8.84
CA GLY C 121 -10.21 -40.27 8.56
C GLY C 121 -9.13 -39.25 8.22
N VAL C 122 -9.43 -37.98 8.45
CA VAL C 122 -8.48 -36.91 8.17
C VAL C 122 -8.23 -36.12 9.45
N THR C 123 -7.02 -36.24 9.99
CA THR C 123 -6.68 -35.55 11.22
C THR C 123 -6.01 -34.19 10.96
N PHE C 124 -6.68 -33.10 11.31
CA PHE C 124 -6.08 -31.77 11.13
C PHE C 124 -6.07 -30.84 12.32
N LYS C 125 -5.23 -29.81 12.20
CA LYS C 125 -5.03 -28.78 13.21
C LYS C 125 -6.00 -27.60 13.08
N SER C 126 -6.59 -27.20 14.20
CA SER C 126 -7.52 -26.07 14.19
C SER C 126 -6.85 -24.88 13.51
N HIS C 127 -7.46 -24.40 12.43
CA HIS C 127 -6.91 -23.28 11.67
C HIS C 127 -6.76 -21.99 12.46
N LEU C 128 -7.28 -21.97 13.68
CA LEU C 128 -7.20 -20.78 14.51
C LEU C 128 -6.78 -21.10 15.93
N ASP C 129 -7.10 -22.32 16.36
CA ASP C 129 -6.79 -22.78 17.70
C ASP C 129 -5.46 -23.53 17.73
N GLY C 130 -5.14 -24.27 16.68
CA GLY C 130 -3.90 -25.01 16.65
C GLY C 130 -4.04 -26.43 17.15
N SER C 131 -5.11 -26.70 17.89
CA SER C 131 -5.36 -28.03 18.45
C SER C 131 -5.41 -29.12 17.38
N ARG C 132 -5.78 -30.33 17.79
CA ARG C 132 -5.84 -31.45 16.86
C ARG C 132 -7.21 -32.12 16.90
N HIS C 133 -7.77 -32.39 15.73
CA HIS C 133 -9.07 -33.04 15.64
C HIS C 133 -9.06 -34.12 14.57
N MET C 134 -9.67 -35.26 14.88
CA MET C 134 -9.73 -36.40 13.97
C MET C 134 -11.14 -36.49 13.39
N LEU C 135 -11.31 -35.97 12.17
CA LEU C 135 -12.63 -36.03 11.53
C LEU C 135 -12.73 -37.29 10.70
N SER C 136 -13.57 -38.22 11.16
CA SER C 136 -13.77 -39.48 10.48
C SER C 136 -15.19 -39.56 9.92
N PRO C 137 -15.42 -40.51 9.00
CA PRO C 137 -16.76 -40.67 8.41
C PRO C 137 -17.76 -40.79 9.54
N GLU C 138 -17.35 -41.52 10.57
CA GLU C 138 -18.19 -41.75 11.73
C GLU C 138 -18.49 -40.43 12.44
N ARG C 139 -17.43 -39.75 12.88
CA ARG C 139 -17.55 -38.50 13.61
C ARG C 139 -18.30 -37.46 12.81
N SER C 140 -17.91 -37.25 11.57
CA SER C 140 -18.58 -36.26 10.74
C SER C 140 -20.08 -36.46 10.79
N ILE C 141 -20.53 -37.70 10.59
CA ILE C 141 -21.94 -38.03 10.62
C ILE C 141 -22.52 -37.82 12.00
N GLU C 142 -21.71 -38.01 13.05
CA GLU C 142 -22.20 -37.82 14.42
C GLU C 142 -22.41 -36.34 14.63
N ILE C 143 -21.41 -35.57 14.23
CA ILE C 143 -21.46 -34.13 14.34
C ILE C 143 -22.72 -33.61 13.66
N GLN C 144 -22.90 -34.03 12.41
CA GLN C 144 -24.07 -33.61 11.64
C GLN C 144 -25.38 -34.00 12.31
N HIS C 145 -25.34 -35.07 13.10
CA HIS C 145 -26.54 -35.52 13.82
C HIS C 145 -26.81 -34.56 14.97
N LEU C 146 -25.76 -34.26 15.72
CA LEU C 146 -25.84 -33.33 16.83
C LEU C 146 -26.48 -32.03 16.39
N LEU C 147 -25.99 -31.48 15.28
CA LEU C 147 -26.52 -30.25 14.71
C LEU C 147 -28.02 -30.34 14.40
N GLY C 148 -28.46 -31.49 13.90
CA GLY C 148 -29.86 -31.64 13.55
C GLY C 148 -30.11 -31.29 12.11
N SER C 149 -29.09 -31.44 11.27
CA SER C 149 -29.20 -31.13 9.85
C SER C 149 -30.19 -32.05 9.18
N ASP C 150 -30.98 -31.50 8.25
CA ASP C 150 -31.98 -32.26 7.52
C ASP C 150 -31.31 -33.04 6.40
N ILE C 151 -30.40 -32.40 5.69
CA ILE C 151 -29.72 -33.13 4.65
C ILE C 151 -28.26 -33.31 5.06
N VAL C 152 -27.89 -34.57 5.30
CA VAL C 152 -26.56 -34.98 5.72
C VAL C 152 -25.71 -35.41 4.53
N MET C 153 -24.50 -34.87 4.44
CA MET C 153 -23.58 -35.21 3.35
C MET C 153 -22.58 -36.25 3.84
N ALA C 154 -22.31 -37.25 3.01
CA ALA C 154 -21.34 -38.29 3.37
C ALA C 154 -20.01 -37.60 3.53
N PHE C 155 -19.08 -38.27 4.20
CA PHE C 155 -17.75 -37.69 4.37
C PHE C 155 -16.86 -38.12 3.22
N ASP C 156 -16.44 -37.16 2.42
CA ASP C 156 -15.58 -37.41 1.26
C ASP C 156 -14.27 -36.64 1.38
N GLU C 157 -13.51 -36.66 0.30
CA GLU C 157 -12.25 -35.94 0.22
C GLU C 157 -12.26 -35.28 -1.15
N CYS C 158 -12.48 -33.97 -1.18
CA CYS C 158 -12.50 -33.24 -2.44
C CYS C 158 -11.11 -33.35 -3.06
N THR C 159 -11.02 -34.02 -4.20
CA THR C 159 -9.74 -34.21 -4.88
C THR C 159 -9.31 -32.92 -5.56
N PRO C 160 -8.12 -32.40 -5.19
CA PRO C 160 -7.56 -31.17 -5.75
C PRO C 160 -7.28 -31.30 -7.25
N TYR C 161 -7.04 -30.18 -7.90
CA TYR C 161 -6.76 -30.15 -9.33
C TYR C 161 -5.54 -29.31 -9.61
N PRO C 162 -4.65 -29.78 -10.49
CA PRO C 162 -4.74 -31.05 -11.22
C PRO C 162 -4.41 -32.23 -10.33
N ALA C 163 -4.61 -33.44 -10.85
CA ALA C 163 -4.33 -34.67 -10.11
C ALA C 163 -4.10 -35.84 -11.07
N THR C 164 -3.08 -36.63 -10.79
CA THR C 164 -2.74 -37.79 -11.62
C THR C 164 -3.75 -38.91 -11.43
N PRO C 165 -3.94 -39.76 -12.45
CA PRO C 165 -4.90 -40.86 -12.31
C PRO C 165 -4.65 -41.65 -11.03
N SER C 166 -3.52 -41.41 -10.39
CA SER C 166 -3.19 -42.09 -9.15
C SER C 166 -4.09 -41.58 -8.02
N ARG C 167 -3.83 -40.38 -7.51
CA ARG C 167 -4.67 -39.83 -6.44
C ARG C 167 -6.12 -39.83 -6.89
N ALA C 168 -6.31 -39.54 -8.17
CA ALA C 168 -7.64 -39.50 -8.75
C ALA C 168 -8.43 -40.74 -8.33
N ALA C 169 -7.78 -41.90 -8.30
CA ALA C 169 -8.44 -43.14 -7.92
C ALA C 169 -8.31 -43.43 -6.43
N SER C 170 -7.15 -43.16 -5.85
CA SER C 170 -6.94 -43.40 -4.43
C SER C 170 -8.02 -42.68 -3.66
N SER C 171 -8.00 -41.35 -3.76
CA SER C 171 -8.97 -40.49 -3.09
C SER C 171 -10.39 -41.01 -3.32
N MET C 172 -10.74 -41.18 -4.59
CA MET C 172 -12.06 -41.67 -4.98
C MET C 172 -12.44 -42.96 -4.27
N GLU C 173 -11.65 -44.00 -4.49
CA GLU C 173 -11.90 -45.30 -3.85
C GLU C 173 -11.99 -45.19 -2.34
N ARG C 174 -11.07 -44.44 -1.72
CA ARG C 174 -11.09 -44.29 -0.28
C ARG C 174 -12.35 -43.54 0.12
N SER C 175 -12.74 -42.59 -0.72
CA SER C 175 -13.94 -41.80 -0.45
C SER C 175 -15.17 -42.68 -0.46
N MET C 176 -15.19 -43.69 -1.34
CA MET C 176 -16.33 -44.58 -1.41
C MET C 176 -16.37 -45.43 -0.16
N ARG C 177 -15.22 -45.99 0.22
CA ARG C 177 -15.15 -46.81 1.40
C ARG C 177 -15.80 -46.00 2.53
N TRP C 178 -15.47 -44.72 2.56
CA TRP C 178 -16.01 -43.79 3.55
C TRP C 178 -17.50 -43.57 3.32
N ALA C 179 -17.92 -43.56 2.07
CA ALA C 179 -19.34 -43.37 1.76
C ALA C 179 -20.16 -44.47 2.43
N LYS C 180 -19.58 -45.66 2.54
CA LYS C 180 -20.26 -46.79 3.16
C LYS C 180 -20.30 -46.61 4.68
N ARG C 181 -19.15 -46.27 5.26
CA ARG C 181 -19.08 -46.06 6.70
C ARG C 181 -20.09 -44.99 7.12
N SER C 182 -20.27 -43.97 6.30
CA SER C 182 -21.23 -42.93 6.60
C SER C 182 -22.61 -43.57 6.66
N ARG C 183 -23.03 -44.16 5.55
CA ARG C 183 -24.35 -44.80 5.47
C ARG C 183 -24.62 -45.58 6.75
N ASP C 184 -23.70 -46.46 7.10
CA ASP C 184 -23.85 -47.28 8.30
C ASP C 184 -24.07 -46.39 9.52
N ALA C 185 -23.21 -45.39 9.66
CA ALA C 185 -23.30 -44.46 10.78
C ALA C 185 -24.66 -43.77 10.72
N PHE C 186 -25.05 -43.34 9.54
CA PHE C 186 -26.33 -42.67 9.38
C PHE C 186 -27.50 -43.58 9.77
N ASP C 187 -27.36 -44.89 9.58
CA ASP C 187 -28.44 -45.78 9.93
C ASP C 187 -28.33 -46.33 11.37
N SER C 188 -27.21 -46.07 12.01
CA SER C 188 -27.00 -46.52 13.37
C SER C 188 -27.98 -45.82 14.31
N ARG C 189 -28.20 -44.53 14.08
CA ARG C 189 -29.14 -43.75 14.89
C ARG C 189 -30.47 -43.70 14.15
N LYS C 190 -31.53 -44.19 14.78
CA LYS C 190 -32.82 -44.18 14.12
C LYS C 190 -33.47 -42.81 14.22
N GLU C 191 -33.01 -42.00 15.18
CA GLU C 191 -33.54 -40.65 15.33
C GLU C 191 -33.18 -39.85 14.09
N GLN C 192 -32.00 -40.12 13.56
CA GLN C 192 -31.49 -39.44 12.37
C GLN C 192 -31.95 -40.09 11.09
N ALA C 193 -32.02 -41.41 11.09
CA ALA C 193 -32.44 -42.12 9.89
C ALA C 193 -33.93 -41.93 9.60
N GLU C 194 -34.71 -41.59 10.62
CA GLU C 194 -36.14 -41.39 10.43
C GLU C 194 -36.48 -39.95 10.09
N ASN C 195 -35.56 -39.02 10.36
CA ASN C 195 -35.85 -37.61 10.10
C ASN C 195 -35.01 -36.88 9.06
N ALA C 196 -33.75 -37.27 8.92
CA ALA C 196 -32.87 -36.62 7.96
C ALA C 196 -32.71 -37.43 6.68
N ALA C 197 -31.94 -36.89 5.75
CA ALA C 197 -31.68 -37.58 4.51
C ALA C 197 -30.18 -37.62 4.31
N LEU C 198 -29.72 -38.59 3.53
CA LEU C 198 -28.30 -38.75 3.28
C LEU C 198 -27.96 -38.65 1.80
N PHE C 199 -26.93 -37.86 1.49
CA PHE C 199 -26.47 -37.68 0.13
C PHE C 199 -25.07 -38.26 -0.02
N GLY C 200 -24.78 -38.82 -1.18
CA GLY C 200 -23.47 -39.38 -1.44
C GLY C 200 -22.72 -38.50 -2.43
N ILE C 201 -21.41 -38.43 -2.31
CA ILE C 201 -20.65 -37.56 -3.21
C ILE C 201 -19.79 -38.33 -4.18
N GLN C 202 -19.95 -38.05 -5.47
CA GLN C 202 -19.18 -38.68 -6.52
C GLN C 202 -17.87 -37.93 -6.70
N GLN C 203 -16.77 -38.66 -6.76
CA GLN C 203 -15.48 -38.04 -6.98
C GLN C 203 -14.89 -38.61 -8.27
N GLY C 204 -13.57 -38.46 -8.46
CA GLY C 204 -12.93 -38.97 -9.64
C GLY C 204 -12.45 -37.89 -10.60
N SER C 205 -12.28 -36.68 -10.08
CA SER C 205 -11.84 -35.55 -10.88
C SER C 205 -12.42 -35.52 -12.28
N VAL C 206 -11.56 -35.38 -13.28
CA VAL C 206 -12.02 -35.30 -14.66
C VAL C 206 -11.97 -36.59 -15.46
N PHE C 207 -11.63 -37.70 -14.81
CA PHE C 207 -11.56 -39.01 -15.49
C PHE C 207 -12.89 -39.73 -15.38
N GLU C 208 -13.53 -39.98 -16.52
CA GLU C 208 -14.83 -40.62 -16.47
C GLU C 208 -14.86 -42.07 -16.05
N ASN C 209 -13.92 -42.87 -16.53
CA ASN C 209 -13.90 -44.29 -16.15
C ASN C 209 -13.96 -44.34 -14.62
N LEU C 210 -13.41 -43.30 -13.99
CA LEU C 210 -13.39 -43.20 -12.54
C LEU C 210 -14.73 -42.65 -12.03
N ARG C 211 -15.25 -41.65 -12.71
CA ARG C 211 -16.54 -41.07 -12.30
C ARG C 211 -17.57 -42.19 -12.35
N GLN C 212 -17.33 -43.15 -13.24
CA GLN C 212 -18.24 -44.27 -13.38
C GLN C 212 -18.21 -45.11 -12.14
N GLN C 213 -17.02 -45.57 -11.76
CA GLN C 213 -16.89 -46.40 -10.57
C GLN C 213 -17.58 -45.77 -9.37
N SER C 214 -17.24 -44.51 -9.11
CA SER C 214 -17.79 -43.77 -7.99
C SER C 214 -19.31 -43.81 -8.02
N ALA C 215 -19.88 -43.56 -9.20
CA ALA C 215 -21.32 -43.59 -9.35
C ALA C 215 -21.84 -44.94 -8.87
N ASP C 216 -21.31 -46.01 -9.46
CA ASP C 216 -21.70 -47.37 -9.11
C ASP C 216 -21.54 -47.66 -7.63
N ALA C 217 -20.38 -47.34 -7.09
CA ALA C 217 -20.14 -47.56 -5.67
C ALA C 217 -21.26 -46.88 -4.87
N LEU C 218 -21.57 -45.64 -5.24
CA LEU C 218 -22.61 -44.86 -4.57
C LEU C 218 -23.98 -45.48 -4.75
N ALA C 219 -24.27 -45.91 -5.99
CA ALA C 219 -25.56 -46.52 -6.27
C ALA C 219 -25.76 -47.82 -5.49
N GLU C 220 -24.67 -48.58 -5.30
CA GLU C 220 -24.74 -49.83 -4.57
C GLU C 220 -25.15 -49.57 -3.14
N ILE C 221 -24.41 -48.70 -2.48
CA ILE C 221 -24.66 -48.35 -1.10
C ILE C 221 -26.12 -47.92 -0.88
N GLY C 222 -26.54 -46.91 -1.63
CA GLY C 222 -27.91 -46.43 -1.54
C GLY C 222 -28.02 -45.10 -0.82
N PHE C 223 -28.38 -44.06 -1.56
CA PHE C 223 -28.51 -42.73 -0.96
C PHE C 223 -29.80 -42.05 -1.40
N ASP C 224 -30.18 -41.00 -0.67
CA ASP C 224 -31.39 -40.26 -0.95
C ASP C 224 -31.15 -39.22 -2.04
N GLY C 225 -29.89 -38.84 -2.21
CA GLY C 225 -29.54 -37.86 -3.22
C GLY C 225 -28.08 -37.99 -3.56
N TYR C 226 -27.74 -37.76 -4.83
CA TYR C 226 -26.35 -37.87 -5.27
C TYR C 226 -25.81 -36.53 -5.72
N ALA C 227 -24.61 -36.22 -5.26
CA ALA C 227 -23.98 -34.97 -5.58
C ALA C 227 -22.66 -35.18 -6.28
N VAL C 228 -22.41 -34.33 -7.28
CA VAL C 228 -21.16 -34.36 -8.04
C VAL C 228 -20.19 -33.40 -7.39
N GLY C 229 -19.15 -33.94 -6.75
CA GLY C 229 -18.19 -33.07 -6.11
C GLY C 229 -16.85 -33.11 -6.80
N GLY C 230 -15.87 -32.41 -6.25
CA GLY C 230 -14.55 -32.41 -6.86
C GLY C 230 -14.44 -31.57 -8.12
N LEU C 231 -15.54 -30.95 -8.53
CA LEU C 231 -15.51 -30.09 -9.70
C LEU C 231 -15.45 -28.64 -9.25
N ALA C 232 -15.40 -27.72 -10.22
CA ALA C 232 -15.31 -26.29 -9.94
C ALA C 232 -14.18 -26.04 -8.94
N VAL C 233 -13.22 -26.96 -8.95
CA VAL C 233 -12.07 -26.90 -8.08
C VAL C 233 -10.90 -26.33 -8.92
N GLY C 234 -11.24 -25.53 -9.93
CA GLY C 234 -10.22 -24.91 -10.75
C GLY C 234 -9.87 -25.59 -12.05
N GLU C 235 -10.87 -26.00 -12.81
CA GLU C 235 -10.56 -26.66 -14.09
C GLU C 235 -11.27 -25.92 -15.19
N GLY C 236 -11.84 -24.76 -14.86
CA GLY C 236 -12.54 -23.97 -15.85
C GLY C 236 -13.92 -24.52 -16.15
N GLN C 237 -14.78 -23.66 -16.68
CA GLN C 237 -16.15 -24.06 -17.00
C GLN C 237 -16.11 -25.14 -18.05
N ASP C 238 -15.28 -24.91 -19.05
CA ASP C 238 -15.11 -25.84 -20.15
C ASP C 238 -14.96 -27.26 -19.64
N GLU C 239 -13.87 -27.54 -18.94
CA GLU C 239 -13.65 -28.89 -18.41
C GLU C 239 -14.83 -29.40 -17.58
N MET C 240 -15.28 -28.59 -16.64
CA MET C 240 -16.39 -28.98 -15.78
C MET C 240 -17.61 -29.43 -16.56
N PHE C 241 -18.10 -28.59 -17.47
CA PHE C 241 -19.26 -28.95 -18.29
C PHE C 241 -18.97 -30.25 -19.01
N ARG C 242 -17.76 -30.33 -19.54
CA ARG C 242 -17.32 -31.52 -20.26
C ARG C 242 -17.51 -32.76 -19.39
N VAL C 243 -17.20 -32.63 -18.10
CA VAL C 243 -17.35 -33.75 -17.18
C VAL C 243 -18.81 -34.00 -16.83
N LEU C 244 -19.52 -32.93 -16.49
CA LEU C 244 -20.94 -33.03 -16.15
C LEU C 244 -21.71 -33.72 -17.27
N ASP C 245 -21.21 -33.55 -18.50
CA ASP C 245 -21.86 -34.14 -19.66
C ASP C 245 -22.05 -35.65 -19.58
N PHE C 246 -21.12 -36.33 -18.93
CA PHE C 246 -21.20 -37.78 -18.82
C PHE C 246 -21.34 -38.20 -17.37
N SER C 247 -21.01 -37.30 -16.45
CA SER C 247 -21.11 -37.61 -15.03
C SER C 247 -22.54 -37.65 -14.51
N VAL C 248 -23.28 -36.58 -14.70
CA VAL C 248 -24.65 -36.50 -14.22
C VAL C 248 -25.52 -37.67 -14.70
N PRO C 249 -25.28 -38.16 -15.92
CA PRO C 249 -26.05 -39.29 -16.48
C PRO C 249 -25.79 -40.65 -15.82
N MET C 250 -24.62 -40.80 -15.22
CA MET C 250 -24.25 -42.02 -14.53
C MET C 250 -25.06 -42.16 -13.25
N LEU C 251 -25.45 -41.03 -12.70
CA LEU C 251 -26.20 -41.00 -11.46
C LEU C 251 -27.67 -41.32 -11.63
N PRO C 252 -28.29 -41.96 -10.62
CA PRO C 252 -29.71 -42.36 -10.57
C PRO C 252 -30.60 -41.19 -10.94
N ASP C 253 -31.34 -41.33 -12.03
CA ASP C 253 -32.18 -40.24 -12.50
C ASP C 253 -33.35 -39.83 -11.61
N ASP C 254 -33.89 -40.77 -10.85
CA ASP C 254 -35.04 -40.45 -9.99
C ASP C 254 -34.69 -39.86 -8.63
N LYS C 255 -33.41 -39.52 -8.46
CA LYS C 255 -32.96 -38.92 -7.21
C LYS C 255 -32.36 -37.56 -7.55
N PRO C 256 -32.38 -36.64 -6.61
CA PRO C 256 -31.80 -35.34 -6.96
C PRO C 256 -30.29 -35.36 -7.18
N HIS C 257 -29.84 -34.48 -8.07
CA HIS C 257 -28.43 -34.30 -8.41
C HIS C 257 -28.00 -32.94 -7.85
N TYR C 258 -26.91 -32.92 -7.09
CA TYR C 258 -26.44 -31.70 -6.46
C TYR C 258 -24.96 -31.37 -6.75
N LEU C 259 -24.74 -30.26 -7.43
CA LEU C 259 -23.39 -29.82 -7.78
C LEU C 259 -22.88 -28.90 -6.69
N MET C 260 -21.93 -29.40 -5.90
CA MET C 260 -21.36 -28.66 -4.78
C MET C 260 -20.38 -27.58 -5.17
N GLY C 261 -20.43 -26.46 -4.45
CA GLY C 261 -19.52 -25.37 -4.71
C GLY C 261 -19.71 -24.56 -5.99
N VAL C 262 -20.35 -25.12 -6.99
CA VAL C 262 -20.56 -24.37 -8.21
C VAL C 262 -21.60 -23.27 -7.97
N GLY C 263 -21.46 -22.19 -8.72
CA GLY C 263 -22.39 -21.11 -8.57
C GLY C 263 -21.83 -19.84 -9.16
N LYS C 264 -22.24 -19.56 -10.38
CA LYS C 264 -21.83 -18.36 -11.09
C LYS C 264 -22.92 -18.42 -12.15
N PRO C 265 -23.79 -17.40 -12.18
CA PRO C 265 -24.91 -17.35 -13.13
C PRO C 265 -24.78 -18.29 -14.33
N ASP C 266 -23.78 -18.04 -15.18
CA ASP C 266 -23.57 -18.88 -16.34
C ASP C 266 -23.24 -20.34 -15.99
N ASP C 267 -22.48 -20.56 -14.91
CA ASP C 267 -22.15 -21.92 -14.47
C ASP C 267 -23.46 -22.66 -14.14
N ILE C 268 -24.21 -22.10 -13.21
CA ILE C 268 -25.49 -22.67 -12.79
C ILE C 268 -26.38 -22.98 -14.00
N VAL C 269 -26.60 -21.97 -14.85
CA VAL C 269 -27.44 -22.17 -16.02
C VAL C 269 -26.98 -23.35 -16.87
N GLY C 270 -25.67 -23.47 -17.02
CA GLY C 270 -25.12 -24.57 -17.79
C GLY C 270 -25.25 -25.92 -17.09
N ALA C 271 -24.95 -25.95 -15.80
CA ALA C 271 -25.05 -27.18 -15.03
C ALA C 271 -26.49 -27.68 -15.04
N VAL C 272 -27.45 -26.76 -15.07
CA VAL C 272 -28.84 -27.20 -15.08
C VAL C 272 -29.10 -27.93 -16.38
N GLU C 273 -28.61 -27.38 -17.48
CA GLU C 273 -28.80 -28.01 -18.78
C GLU C 273 -28.15 -29.37 -18.74
N ARG C 274 -27.07 -29.49 -17.97
CA ARG C 274 -26.38 -30.77 -17.84
C ARG C 274 -27.13 -31.74 -16.91
N GLY C 275 -28.10 -31.23 -16.14
CA GLY C 275 -28.88 -32.09 -15.27
C GLY C 275 -28.79 -31.90 -13.77
N ILE C 276 -28.20 -30.80 -13.32
CA ILE C 276 -28.09 -30.56 -11.88
C ILE C 276 -29.39 -30.03 -11.28
N ASP C 277 -29.64 -30.39 -10.03
CA ASP C 277 -30.85 -29.99 -9.33
C ASP C 277 -30.63 -29.05 -8.16
N MET C 278 -29.45 -29.12 -7.55
CA MET C 278 -29.13 -28.29 -6.39
C MET C 278 -27.76 -27.65 -6.49
N PHE C 279 -27.64 -26.44 -5.95
CA PHE C 279 -26.38 -25.71 -5.95
C PHE C 279 -26.10 -25.04 -4.61
N ASP C 280 -24.82 -24.93 -4.28
CA ASP C 280 -24.42 -24.27 -3.05
C ASP C 280 -23.09 -23.61 -3.37
N CYS C 281 -22.96 -22.31 -3.09
CA CYS C 281 -21.73 -21.61 -3.41
C CYS C 281 -21.53 -20.31 -2.64
N VAL C 282 -20.27 -20.03 -2.33
CA VAL C 282 -19.89 -18.84 -1.58
C VAL C 282 -20.00 -17.50 -2.31
N LEU C 283 -19.74 -17.52 -3.60
CA LEU C 283 -19.77 -16.32 -4.41
C LEU C 283 -20.72 -15.20 -4.04
N PRO C 284 -22.03 -15.40 -4.22
CA PRO C 284 -22.94 -14.31 -3.88
C PRO C 284 -22.74 -13.63 -2.53
N THR C 285 -22.50 -14.41 -1.48
CA THR C 285 -22.32 -13.83 -0.17
C THR C 285 -20.93 -13.22 0.04
N ARG C 286 -19.91 -13.79 -0.60
CA ARG C 286 -18.54 -13.29 -0.46
C ARG C 286 -18.38 -12.02 -1.29
N SER C 287 -18.79 -12.09 -2.56
CA SER C 287 -18.72 -10.96 -3.48
C SER C 287 -19.55 -9.79 -3.00
N GLY C 288 -20.64 -10.08 -2.30
CA GLY C 288 -21.44 -8.99 -1.80
C GLY C 288 -20.53 -8.23 -0.85
N ARG C 289 -20.06 -8.95 0.16
CA ARG C 289 -19.17 -8.38 1.16
C ARG C 289 -18.00 -7.62 0.56
N ASN C 290 -17.43 -8.15 -0.50
CA ASN C 290 -16.28 -7.52 -1.16
C ASN C 290 -16.67 -6.28 -1.98
N GLY C 291 -17.80 -6.35 -2.70
CA GLY C 291 -18.23 -5.22 -3.50
C GLY C 291 -18.71 -5.58 -4.90
N GLN C 292 -18.78 -6.87 -5.22
CA GLN C 292 -19.22 -7.31 -6.53
C GLN C 292 -20.70 -7.67 -6.47
N ALA C 293 -21.49 -7.16 -7.41
CA ALA C 293 -22.93 -7.44 -7.45
C ALA C 293 -23.28 -8.19 -8.72
N PHE C 294 -24.21 -9.14 -8.62
CA PHE C 294 -24.62 -9.93 -9.77
C PHE C 294 -25.92 -9.46 -10.37
N THR C 295 -25.88 -9.06 -11.65
CA THR C 295 -27.05 -8.55 -12.33
C THR C 295 -27.27 -9.22 -13.66
N TRP C 296 -28.46 -9.07 -14.19
CA TRP C 296 -28.82 -9.70 -15.46
C TRP C 296 -27.90 -9.25 -16.58
N ASP C 297 -27.17 -8.17 -16.33
CA ASP C 297 -26.25 -7.66 -17.33
C ASP C 297 -24.81 -7.93 -16.94
N GLY C 298 -24.58 -9.10 -16.36
CA GLY C 298 -23.25 -9.48 -15.94
C GLY C 298 -22.85 -8.97 -14.55
N PRO C 299 -21.63 -9.29 -14.09
CA PRO C 299 -21.16 -8.84 -12.79
C PRO C 299 -20.78 -7.38 -12.87
N ILE C 300 -20.91 -6.65 -11.77
CA ILE C 300 -20.48 -5.26 -11.75
C ILE C 300 -19.77 -5.04 -10.43
N ASN C 301 -18.70 -4.25 -10.43
CA ASN C 301 -17.95 -3.97 -9.22
C ASN C 301 -18.36 -2.58 -8.78
N ILE C 302 -19.31 -2.51 -7.87
CA ILE C 302 -19.84 -1.25 -7.38
C ILE C 302 -18.80 -0.25 -6.89
N ARG C 303 -17.55 -0.68 -6.72
CA ARG C 303 -16.50 0.22 -6.27
C ARG C 303 -16.04 1.20 -7.37
N ASN C 304 -16.24 0.85 -8.63
CA ASN C 304 -15.84 1.70 -9.75
C ASN C 304 -16.24 3.16 -9.65
N ALA C 305 -15.42 4.02 -10.24
CA ALA C 305 -15.68 5.46 -10.21
C ALA C 305 -17.02 5.85 -10.84
N ARG C 306 -17.42 5.13 -11.88
CA ARG C 306 -18.67 5.41 -12.57
C ARG C 306 -19.90 5.47 -11.68
N PHE C 307 -20.04 4.47 -10.80
CA PHE C 307 -21.19 4.39 -9.91
C PHE C 307 -21.28 5.47 -8.86
N SER C 308 -20.23 6.27 -8.71
CA SER C 308 -20.25 7.34 -7.71
C SER C 308 -21.51 8.20 -7.70
N GLU C 309 -22.05 8.50 -8.86
CA GLU C 309 -23.25 9.33 -8.92
C GLU C 309 -24.39 8.65 -9.65
N ASP C 310 -24.32 7.33 -9.75
CA ASP C 310 -25.35 6.55 -10.43
C ASP C 310 -26.57 6.38 -9.51
N LEU C 311 -27.71 6.94 -9.91
CA LEU C 311 -28.92 6.87 -9.07
C LEU C 311 -29.81 5.66 -9.31
N LYS C 312 -29.43 4.81 -10.26
CA LYS C 312 -30.21 3.61 -10.56
C LYS C 312 -29.89 2.52 -9.53
N PRO C 313 -30.73 1.48 -9.45
CA PRO C 313 -30.49 0.39 -8.51
C PRO C 313 -29.53 -0.62 -9.13
N LEU C 314 -28.93 -1.46 -8.29
CA LEU C 314 -27.99 -2.46 -8.76
C LEU C 314 -28.46 -3.14 -10.05
N ASP C 315 -29.75 -3.43 -10.13
CA ASP C 315 -30.31 -4.06 -11.32
C ASP C 315 -31.76 -3.59 -11.47
N SER C 316 -32.05 -2.97 -12.61
CA SER C 316 -33.40 -2.45 -12.83
C SER C 316 -34.48 -3.50 -13.04
N GLU C 317 -34.09 -4.76 -13.14
CA GLU C 317 -35.05 -5.85 -13.32
C GLU C 317 -35.31 -6.50 -11.97
N CYS C 318 -34.29 -6.49 -11.11
CA CYS C 318 -34.35 -7.08 -9.78
C CYS C 318 -35.53 -6.59 -8.94
N HIS C 319 -36.15 -7.52 -8.22
CA HIS C 319 -37.27 -7.22 -7.35
C HIS C 319 -36.79 -7.11 -5.90
N CYS C 320 -35.52 -7.44 -5.65
CA CYS C 320 -34.97 -7.40 -4.30
C CYS C 320 -35.29 -6.11 -3.55
N ALA C 321 -35.39 -6.23 -2.22
CA ALA C 321 -35.70 -5.10 -1.35
C ALA C 321 -34.70 -3.97 -1.49
N VAL C 322 -33.43 -4.31 -1.75
CA VAL C 322 -32.40 -3.29 -1.89
C VAL C 322 -32.66 -2.46 -3.14
N CYS C 323 -32.84 -3.18 -4.25
CA CYS C 323 -33.10 -2.55 -5.54
C CYS C 323 -34.39 -1.75 -5.57
N GLN C 324 -35.24 -1.97 -4.58
CA GLN C 324 -36.49 -1.22 -4.51
C GLN C 324 -36.31 0.06 -3.72
N LYS C 325 -35.17 0.20 -3.05
CA LYS C 325 -34.97 1.39 -2.24
C LYS C 325 -33.62 2.12 -2.22
N TRP C 326 -32.55 1.49 -2.71
CA TRP C 326 -31.26 2.19 -2.67
C TRP C 326 -30.53 2.28 -3.99
N SER C 327 -29.84 3.42 -4.19
CA SER C 327 -29.09 3.70 -5.42
C SER C 327 -27.70 3.10 -5.46
N ARG C 328 -27.16 3.00 -6.66
CA ARG C 328 -25.83 2.44 -6.85
C ARG C 328 -24.86 3.35 -6.11
N ALA C 329 -25.09 4.65 -6.24
CA ALA C 329 -24.25 5.67 -5.61
C ALA C 329 -24.22 5.54 -4.09
N TYR C 330 -25.35 5.17 -3.50
CA TYR C 330 -25.39 5.02 -2.04
C TYR C 330 -24.55 3.84 -1.65
N ILE C 331 -24.81 2.69 -2.27
CA ILE C 331 -24.06 1.49 -1.96
C ILE C 331 -22.59 1.71 -2.33
N HIS C 332 -22.36 2.45 -3.40
CA HIS C 332 -20.99 2.76 -3.84
C HIS C 332 -20.30 3.40 -2.65
N HIS C 333 -20.89 4.47 -2.16
CA HIS C 333 -20.37 5.17 -1.02
C HIS C 333 -20.03 4.23 0.14
N LEU C 334 -21.03 3.50 0.62
CA LEU C 334 -20.88 2.58 1.74
C LEU C 334 -19.75 1.55 1.61
N ILE C 335 -19.89 0.64 0.65
CA ILE C 335 -18.88 -0.37 0.45
C ILE C 335 -17.47 0.23 0.47
N ARG C 336 -17.29 1.29 -0.32
CA ARG C 336 -16.01 2.00 -0.46
C ARG C 336 -15.47 2.53 0.85
N ALA C 337 -16.39 2.92 1.73
CA ALA C 337 -16.07 3.48 3.04
C ALA C 337 -15.93 2.45 4.19
N GLY C 338 -16.05 1.17 3.88
CA GLY C 338 -15.93 0.14 4.91
C GLY C 338 -17.18 -0.08 5.77
N GLU C 339 -18.27 0.59 5.44
CA GLU C 339 -19.52 0.46 6.20
C GLU C 339 -20.15 -0.92 6.06
N ILE C 340 -20.68 -1.43 7.16
CA ILE C 340 -21.31 -2.76 7.17
C ILE C 340 -22.63 -2.78 6.40
N LEU C 341 -23.41 -1.72 6.51
CA LEU C 341 -24.69 -1.69 5.80
C LEU C 341 -24.44 -2.07 4.35
N GLY C 342 -23.27 -1.73 3.85
CA GLY C 342 -22.94 -2.04 2.48
C GLY C 342 -22.96 -3.53 2.22
N ALA C 343 -22.24 -4.29 3.04
CA ALA C 343 -22.17 -5.75 2.88
C ALA C 343 -23.55 -6.36 3.02
N MET C 344 -24.38 -5.72 3.82
CA MET C 344 -25.74 -6.18 4.01
C MET C 344 -26.55 -6.00 2.71
N LEU C 345 -26.54 -4.79 2.15
CA LEU C 345 -27.27 -4.51 0.94
C LEU C 345 -26.74 -5.29 -0.25
N MET C 346 -25.43 -5.40 -0.34
CA MET C 346 -24.82 -6.14 -1.44
C MET C 346 -25.25 -7.59 -1.43
N THR C 347 -25.01 -8.26 -0.31
CA THR C 347 -25.35 -9.66 -0.13
C THR C 347 -26.85 -9.91 -0.27
N GLU C 348 -27.66 -9.06 0.33
CA GLU C 348 -29.09 -9.28 0.19
C GLU C 348 -29.43 -9.27 -1.29
N HIS C 349 -28.85 -8.33 -2.04
CA HIS C 349 -29.11 -8.26 -3.48
C HIS C 349 -28.67 -9.53 -4.20
N ASN C 350 -27.38 -9.84 -4.09
CA ASN C 350 -26.82 -11.03 -4.73
C ASN C 350 -27.58 -12.32 -4.43
N ILE C 351 -27.96 -12.56 -3.18
CA ILE C 351 -28.73 -13.75 -2.89
C ILE C 351 -30.10 -13.66 -3.55
N ALA C 352 -30.82 -12.57 -3.32
CA ALA C 352 -32.14 -12.41 -3.94
C ALA C 352 -31.99 -12.67 -5.42
N PHE C 353 -30.88 -12.21 -5.99
CA PHE C 353 -30.62 -12.36 -7.41
C PHE C 353 -30.52 -13.82 -7.82
N TYR C 354 -29.63 -14.54 -7.16
CA TYR C 354 -29.43 -15.95 -7.44
C TYR C 354 -30.78 -16.68 -7.32
N GLN C 355 -31.63 -16.23 -6.40
CA GLN C 355 -32.92 -16.86 -6.22
C GLN C 355 -33.80 -16.59 -7.44
N GLN C 356 -33.91 -15.31 -7.79
CA GLN C 356 -34.67 -14.90 -8.96
C GLN C 356 -34.18 -15.65 -10.17
N LEU C 357 -32.89 -15.94 -10.20
CA LEU C 357 -32.32 -16.68 -11.31
C LEU C 357 -32.86 -18.10 -11.25
N MET C 358 -32.80 -18.70 -10.06
CA MET C 358 -33.29 -20.06 -9.85
C MET C 358 -34.77 -20.11 -10.16
N GLN C 359 -35.49 -19.04 -9.82
CA GLN C 359 -36.92 -18.98 -10.10
C GLN C 359 -37.12 -19.06 -11.60
N LYS C 360 -36.62 -18.06 -12.32
CA LYS C 360 -36.76 -18.00 -13.79
C LYS C 360 -36.37 -19.29 -14.50
N ILE C 361 -35.34 -19.97 -14.01
CA ILE C 361 -34.93 -21.22 -14.62
C ILE C 361 -36.06 -22.20 -14.44
N ARG C 362 -36.55 -22.32 -13.20
CA ARG C 362 -37.65 -23.23 -12.90
C ARG C 362 -38.88 -22.96 -13.75
N ASP C 363 -39.32 -21.71 -13.78
CA ASP C 363 -40.47 -21.31 -14.58
C ASP C 363 -40.29 -21.78 -16.01
N SER C 364 -39.13 -21.51 -16.58
CA SER C 364 -38.84 -21.89 -17.95
C SER C 364 -38.88 -23.40 -18.15
N ILE C 365 -38.26 -24.14 -17.25
CA ILE C 365 -38.23 -25.58 -17.39
C ILE C 365 -39.64 -26.15 -17.43
N SER C 366 -40.55 -25.63 -16.61
CA SER C 366 -41.91 -26.15 -16.60
C SER C 366 -42.79 -25.45 -17.63
N GLU C 367 -42.17 -24.80 -18.59
CA GLU C 367 -42.89 -24.13 -19.66
C GLU C 367 -42.26 -24.58 -20.97
N GLY C 368 -41.26 -25.43 -20.85
CA GLY C 368 -40.58 -25.93 -22.03
C GLY C 368 -40.02 -24.81 -22.87
N ARG C 369 -39.22 -23.94 -22.24
CA ARG C 369 -38.63 -22.83 -22.96
C ARG C 369 -37.35 -22.42 -22.24
N PHE C 370 -36.77 -23.40 -21.55
CA PHE C 370 -35.55 -23.19 -20.79
C PHE C 370 -34.35 -23.02 -21.69
N SER C 371 -34.19 -23.93 -22.67
CA SER C 371 -33.06 -23.84 -23.59
C SER C 371 -33.07 -22.45 -24.22
N GLN C 372 -34.26 -21.94 -24.50
CA GLN C 372 -34.38 -20.61 -25.07
C GLN C 372 -33.94 -19.62 -24.01
N PHE C 373 -34.36 -19.85 -22.77
CA PHE C 373 -33.99 -18.96 -21.67
C PHE C 373 -32.47 -18.86 -21.58
N ALA C 374 -31.83 -20.00 -21.40
CA ALA C 374 -30.38 -20.09 -21.28
C ALA C 374 -29.63 -19.26 -22.32
N GLN C 375 -29.95 -19.45 -23.60
CA GLN C 375 -29.28 -18.70 -24.65
C GLN C 375 -29.55 -17.20 -24.56
N ASP C 376 -30.78 -16.81 -24.19
CA ASP C 376 -31.10 -15.40 -24.04
C ASP C 376 -30.31 -14.84 -22.86
N PHE C 377 -30.09 -15.69 -21.88
CA PHE C 377 -29.36 -15.32 -20.67
C PHE C 377 -27.89 -15.01 -20.94
N ARG C 378 -27.13 -16.01 -21.36
CA ARG C 378 -25.71 -15.80 -21.63
C ARG C 378 -25.55 -14.54 -22.47
N ALA C 379 -26.39 -14.42 -23.49
CA ALA C 379 -26.37 -13.27 -24.39
C ALA C 379 -26.30 -11.95 -23.61
N ARG C 380 -27.40 -11.61 -22.96
CA ARG C 380 -27.45 -10.39 -22.21
C ARG C 380 -26.43 -10.35 -21.08
N TYR C 381 -26.18 -11.51 -20.49
CA TYR C 381 -25.26 -11.61 -19.37
C TYR C 381 -23.83 -11.27 -19.75
N PHE C 382 -23.44 -11.67 -20.94
CA PHE C 382 -22.09 -11.39 -21.39
C PHE C 382 -22.00 -10.00 -22.05
N ALA C 383 -23.13 -9.47 -22.49
CA ALA C 383 -23.20 -8.14 -23.12
C ALA C 383 -22.62 -7.13 -22.12
N ARG C 384 -23.16 -7.15 -20.91
CA ARG C 384 -22.69 -6.26 -19.86
C ARG C 384 -23.02 -4.82 -20.16
N ASN C 385 -24.15 -4.58 -20.80
CA ASN C 385 -24.56 -3.22 -21.13
C ASN C 385 -25.19 -2.59 -19.89
N SER C 386 -24.52 -2.74 -18.75
CA SER C 386 -25.02 -2.17 -17.50
C SER C 386 -24.06 -1.11 -16.97
N ARG D 11 -46.78 19.06 9.92
CA ARG D 11 -47.15 20.22 9.05
C ARG D 11 -46.28 21.46 9.30
N PRO D 12 -46.18 21.93 10.58
CA PRO D 12 -45.37 23.11 10.88
C PRO D 12 -43.88 22.95 10.63
N ARG D 13 -43.17 24.06 10.58
CA ARG D 13 -41.73 24.04 10.35
C ARG D 13 -41.02 23.56 11.62
N PHE D 14 -41.43 24.12 12.75
CA PHE D 14 -40.85 23.76 14.05
C PHE D 14 -41.92 24.13 15.08
N SER D 15 -42.19 23.24 16.02
CA SER D 15 -43.20 23.51 17.02
C SER D 15 -43.05 22.64 18.27
N PHE D 16 -42.21 23.12 19.20
CA PHE D 16 -41.97 22.41 20.45
C PHE D 16 -43.14 22.68 21.38
N SER D 17 -43.57 21.66 22.11
CA SER D 17 -44.70 21.81 23.03
C SER D 17 -44.56 20.93 24.28
N ILE D 18 -44.14 21.53 25.40
CA ILE D 18 -44.01 20.77 26.64
C ILE D 18 -45.43 20.26 26.96
N ALA D 19 -45.54 19.09 27.57
CA ALA D 19 -46.87 18.55 27.86
C ALA D 19 -47.06 18.09 29.29
N ALA D 20 -45.97 17.97 30.03
CA ALA D 20 -46.01 17.55 31.43
C ALA D 20 -44.64 17.78 32.03
N ARG D 21 -44.60 18.26 33.26
CA ARG D 21 -43.31 18.52 33.89
C ARG D 21 -43.10 17.68 35.13
N GLU D 22 -41.88 17.73 35.65
CA GLU D 22 -41.50 16.97 36.82
C GLU D 22 -40.21 17.62 37.28
N GLY D 23 -40.32 18.83 37.78
CA GLY D 23 -39.12 19.51 38.20
C GLY D 23 -38.48 20.06 36.95
N LYS D 24 -37.18 20.33 37.00
CA LYS D 24 -36.49 20.87 35.84
C LYS D 24 -36.71 19.99 34.62
N ALA D 25 -37.10 18.74 34.88
CA ALA D 25 -37.37 17.76 33.83
C ALA D 25 -38.73 17.97 33.17
N ARG D 26 -38.82 17.63 31.89
CA ARG D 26 -40.07 17.78 31.16
C ARG D 26 -40.13 16.90 29.92
N THR D 27 -41.34 16.54 29.51
CA THR D 27 -41.54 15.71 28.33
C THR D 27 -42.56 16.36 27.40
N GLY D 28 -42.36 16.16 26.10
CA GLY D 28 -43.27 16.71 25.12
C GLY D 28 -43.02 16.16 23.72
N THR D 29 -43.16 17.04 22.73
CA THR D 29 -42.95 16.66 21.34
C THR D 29 -42.60 17.88 20.51
N ILE D 30 -41.70 17.68 19.53
CA ILE D 30 -41.28 18.74 18.62
C ILE D 30 -41.85 18.40 17.25
N GLU D 31 -42.95 19.07 16.88
CA GLU D 31 -43.59 18.81 15.61
C GLU D 31 -42.74 19.40 14.49
N MET D 32 -42.23 18.50 13.65
CA MET D 32 -41.39 18.89 12.52
C MET D 32 -42.18 18.59 11.24
N LYS D 33 -41.63 18.98 10.11
CA LYS D 33 -42.32 18.74 8.84
C LYS D 33 -42.30 17.26 8.44
N ARG D 34 -41.11 16.70 8.31
CA ARG D 34 -40.94 15.29 7.92
C ARG D 34 -41.29 14.34 9.07
N GLY D 35 -41.71 14.88 10.20
CA GLY D 35 -42.07 14.03 11.32
C GLY D 35 -42.20 14.69 12.68
N VAL D 36 -42.65 13.91 13.65
CA VAL D 36 -42.82 14.38 15.02
C VAL D 36 -41.77 13.70 15.89
N ILE D 37 -41.12 14.49 16.73
CA ILE D 37 -40.08 13.99 17.61
C ILE D 37 -40.51 13.95 19.06
N ARG D 38 -40.78 12.76 19.59
CA ARG D 38 -41.17 12.64 20.99
C ARG D 38 -39.95 12.90 21.88
N THR D 39 -40.08 13.90 22.75
CA THR D 39 -38.99 14.28 23.66
C THR D 39 -39.41 14.15 25.13
N PRO D 40 -38.45 13.87 26.03
CA PRO D 40 -37.01 13.66 25.78
C PRO D 40 -36.76 12.61 24.69
N ALA D 41 -35.71 12.79 23.90
CA ALA D 41 -35.42 11.86 22.83
C ALA D 41 -33.94 11.59 22.59
N PHE D 42 -33.60 10.34 22.30
CA PHE D 42 -32.22 9.99 22.01
C PHE D 42 -32.15 9.79 20.51
N MET D 43 -31.14 10.38 19.89
CA MET D 43 -30.96 10.27 18.45
C MET D 43 -29.80 9.37 18.08
N PRO D 44 -30.09 8.29 17.33
CA PRO D 44 -29.01 7.38 16.93
C PRO D 44 -28.08 8.16 16.01
N VAL D 45 -26.78 8.00 16.20
CA VAL D 45 -25.82 8.72 15.38
C VAL D 45 -25.50 7.96 14.10
N GLY D 46 -25.77 8.58 12.97
CA GLY D 46 -25.50 7.95 11.69
C GLY D 46 -24.36 8.66 10.98
N THR D 47 -23.14 8.22 11.26
CA THR D 47 -21.95 8.82 10.67
C THR D 47 -21.95 8.98 9.15
N ALA D 48 -21.29 8.08 8.44
CA ALA D 48 -21.21 8.20 6.99
C ALA D 48 -22.53 7.91 6.26
N ALA D 49 -23.58 8.64 6.64
CA ALA D 49 -24.91 8.49 6.02
C ALA D 49 -25.55 7.11 6.25
N THR D 50 -25.26 6.53 7.41
CA THR D 50 -25.77 5.22 7.78
C THR D 50 -25.58 5.05 9.28
N VAL D 51 -26.51 4.36 9.92
CA VAL D 51 -26.39 4.11 11.36
C VAL D 51 -25.70 2.77 11.51
N LYS D 52 -24.40 2.83 11.76
CA LYS D 52 -23.55 1.65 11.93
C LYS D 52 -24.23 0.26 11.97
N ALA D 53 -24.36 -0.36 10.80
CA ALA D 53 -24.92 -1.70 10.64
C ALA D 53 -26.42 -1.88 10.91
N LEU D 54 -27.23 -1.02 10.29
CA LEU D 54 -28.69 -1.09 10.45
C LEU D 54 -29.36 -0.37 9.30
N LYS D 55 -30.37 -0.99 8.71
CA LYS D 55 -31.09 -0.33 7.65
C LYS D 55 -31.87 0.77 8.36
N PRO D 56 -32.33 1.79 7.63
CA PRO D 56 -33.08 2.88 8.25
C PRO D 56 -34.31 2.34 8.94
N GLU D 57 -35.01 1.43 8.27
CA GLU D 57 -36.23 0.82 8.80
C GLU D 57 -36.00 0.17 10.15
N THR D 58 -34.88 -0.51 10.33
CA THR D 58 -34.59 -1.15 11.62
C THR D 58 -34.47 -0.05 12.67
N VAL D 59 -33.91 1.09 12.29
CA VAL D 59 -33.79 2.19 13.23
C VAL D 59 -35.20 2.68 13.62
N ARG D 60 -35.99 3.02 12.61
CA ARG D 60 -37.34 3.49 12.88
C ARG D 60 -38.07 2.42 13.68
N ALA D 61 -37.69 1.16 13.46
CA ALA D 61 -38.29 0.02 14.15
C ALA D 61 -38.04 0.11 15.66
N THR D 62 -36.82 0.47 16.05
CA THR D 62 -36.48 0.59 17.45
C THR D 62 -37.25 1.75 18.07
N GLY D 63 -37.83 2.60 17.22
CA GLY D 63 -38.61 3.71 17.71
C GLY D 63 -37.97 5.09 17.72
N ALA D 64 -36.80 5.22 17.11
CA ALA D 64 -36.12 6.51 17.03
C ALA D 64 -36.93 7.41 16.11
N ASP D 65 -37.10 8.68 16.47
CA ASP D 65 -37.87 9.60 15.64
C ASP D 65 -36.97 10.52 14.83
N ILE D 66 -35.67 10.45 15.07
CA ILE D 66 -34.71 11.30 14.36
C ILE D 66 -33.27 10.82 14.58
N ILE D 67 -32.46 10.89 13.54
CA ILE D 67 -31.07 10.47 13.64
C ILE D 67 -30.15 11.66 13.43
N LEU D 68 -28.86 11.49 13.72
CA LEU D 68 -27.92 12.58 13.53
C LEU D 68 -26.85 12.21 12.52
N GLY D 69 -26.66 13.05 11.50
CA GLY D 69 -25.64 12.78 10.50
C GLY D 69 -24.44 13.70 10.67
N ASN D 70 -23.24 13.13 10.65
CA ASN D 70 -22.02 13.91 10.82
C ASN D 70 -21.70 14.77 9.60
N THR D 71 -21.87 16.08 9.74
CA THR D 71 -21.62 17.01 8.64
C THR D 71 -20.17 16.89 8.17
N TYR D 72 -19.26 16.69 9.11
CA TYR D 72 -17.85 16.57 8.77
C TYR D 72 -17.55 15.45 7.79
N HIS D 73 -17.74 14.21 8.24
CA HIS D 73 -17.46 13.07 7.40
C HIS D 73 -18.01 13.14 5.98
N LEU D 74 -19.30 13.48 5.87
CA LEU D 74 -19.99 13.58 4.57
C LEU D 74 -19.40 14.57 3.57
N MET D 75 -18.85 15.69 4.05
CA MET D 75 -18.28 16.71 3.17
C MET D 75 -17.02 16.23 2.47
N LEU D 76 -16.26 15.34 3.11
CA LEU D 76 -15.04 14.82 2.52
C LEU D 76 -15.40 13.74 1.53
N ARG D 77 -16.30 12.83 1.95
CA ARG D 77 -16.78 11.73 1.13
C ARG D 77 -18.23 11.43 1.50
N PRO D 78 -19.14 11.37 0.51
CA PRO D 78 -18.91 11.55 -0.93
C PRO D 78 -18.70 13.02 -1.34
N GLY D 79 -19.41 13.92 -0.67
CA GLY D 79 -19.31 15.34 -0.98
C GLY D 79 -20.62 16.06 -0.75
N ALA D 80 -20.59 17.15 -0.01
CA ALA D 80 -21.79 17.92 0.28
C ALA D 80 -22.53 18.23 -1.03
N GLU D 81 -21.77 18.63 -2.05
CA GLU D 81 -22.32 18.95 -3.35
C GLU D 81 -22.92 17.68 -3.96
N ARG D 82 -22.08 16.66 -4.10
CA ARG D 82 -22.48 15.38 -4.66
C ARG D 82 -23.75 14.84 -4.02
N ILE D 83 -23.88 15.03 -2.72
CA ILE D 83 -25.07 14.56 -2.01
C ILE D 83 -26.29 15.39 -2.41
N ALA D 84 -26.17 16.71 -2.26
CA ALA D 84 -27.25 17.60 -2.63
C ALA D 84 -27.68 17.27 -4.05
N LYS D 85 -26.68 17.02 -4.90
CA LYS D 85 -26.90 16.68 -6.31
C LYS D 85 -27.62 15.34 -6.42
N LEU D 86 -27.35 14.44 -5.48
CA LEU D 86 -27.98 13.13 -5.49
C LEU D 86 -29.36 13.13 -4.86
N GLY D 87 -29.89 14.32 -4.58
CA GLY D 87 -31.22 14.41 -3.99
C GLY D 87 -31.28 14.70 -2.51
N GLY D 88 -30.12 14.94 -1.91
CA GLY D 88 -30.08 15.23 -0.48
C GLY D 88 -29.98 14.00 0.39
N LEU D 89 -29.36 14.16 1.55
CA LEU D 89 -29.17 13.08 2.50
C LEU D 89 -30.36 12.16 2.69
N HIS D 90 -31.48 12.68 3.18
CA HIS D 90 -32.66 11.85 3.41
C HIS D 90 -32.85 10.79 2.33
N SER D 91 -32.95 11.25 1.09
CA SER D 91 -33.12 10.35 -0.04
C SER D 91 -31.93 9.41 -0.23
N PHE D 92 -30.75 10.01 -0.33
CA PHE D 92 -29.52 9.25 -0.49
C PHE D 92 -29.41 8.00 0.38
N MET D 93 -29.74 8.12 1.67
CA MET D 93 -29.62 6.97 2.59
C MET D 93 -30.90 6.19 2.95
N GLY D 94 -32.08 6.73 2.64
CA GLY D 94 -33.29 6.01 2.96
C GLY D 94 -33.92 6.37 4.29
N TRP D 95 -33.78 7.61 4.74
CA TRP D 95 -34.40 8.03 6.00
C TRP D 95 -35.26 9.26 5.76
N ASP D 96 -36.58 9.06 5.71
CA ASP D 96 -37.52 10.16 5.43
C ASP D 96 -37.95 11.00 6.64
N ARG D 97 -37.50 10.63 7.83
CA ARG D 97 -37.82 11.35 9.06
C ARG D 97 -36.79 12.46 9.29
N PRO D 98 -37.12 13.43 10.15
CA PRO D 98 -36.17 14.50 10.42
C PRO D 98 -34.74 14.03 10.65
N ILE D 99 -33.80 14.92 10.37
CA ILE D 99 -32.38 14.65 10.53
C ILE D 99 -31.66 15.88 11.09
N LEU D 100 -30.76 15.66 12.04
CA LEU D 100 -30.01 16.78 12.62
C LEU D 100 -28.54 16.62 12.24
N THR D 101 -27.92 17.73 11.83
CA THR D 101 -26.50 17.73 11.42
C THR D 101 -25.65 18.62 12.30
N ASP D 102 -24.55 18.09 12.81
CA ASP D 102 -23.67 18.87 13.66
C ASP D 102 -22.92 19.85 12.77
N SER D 103 -22.39 20.91 13.35
CA SER D 103 -21.67 21.93 12.59
C SER D 103 -20.44 21.38 11.89
N GLY D 104 -19.90 20.29 12.41
CA GLY D 104 -18.71 19.72 11.83
C GLY D 104 -17.54 20.40 12.51
N GLY D 105 -17.85 21.36 13.38
CA GLY D 105 -16.82 22.09 14.08
C GLY D 105 -16.01 21.17 14.97
N TYR D 106 -16.70 20.48 15.88
CA TYR D 106 -16.07 19.55 16.81
C TYR D 106 -15.20 18.53 16.07
N GLN D 107 -15.81 17.75 15.18
CA GLN D 107 -15.08 16.73 14.40
C GLN D 107 -13.79 17.27 13.79
N VAL D 108 -13.89 18.42 13.12
CA VAL D 108 -12.73 19.05 12.48
C VAL D 108 -11.61 19.27 13.49
N MET D 109 -11.91 20.09 14.49
CA MET D 109 -10.96 20.41 15.54
C MET D 109 -10.48 19.18 16.31
N SER D 110 -11.23 18.07 16.21
CA SER D 110 -10.87 16.82 16.88
C SER D 110 -10.01 15.95 15.97
N LEU D 111 -10.50 14.75 15.65
CA LEU D 111 -9.76 13.84 14.78
C LEU D 111 -9.54 14.48 13.40
N SER D 112 -8.33 14.94 13.15
CA SER D 112 -8.00 15.57 11.87
C SER D 112 -6.49 15.77 11.75
N SER D 113 -6.07 16.86 11.11
CA SER D 113 -4.65 17.16 10.94
C SER D 113 -4.39 18.66 10.80
N LEU D 114 -3.23 19.10 11.32
CA LEU D 114 -2.80 20.51 11.28
C LEU D 114 -3.91 21.54 11.31
N THR D 115 -4.63 21.62 12.42
CA THR D 115 -5.71 22.58 12.55
C THR D 115 -5.16 24.02 12.62
N LYS D 116 -5.67 24.86 11.73
CA LYS D 116 -5.27 26.26 11.63
C LYS D 116 -6.52 27.16 11.71
N GLN D 117 -6.68 27.87 12.84
CA GLN D 117 -7.85 28.73 13.05
C GLN D 117 -7.62 30.24 12.87
N SER D 118 -8.73 30.94 12.59
CA SER D 118 -8.73 32.38 12.41
C SER D 118 -10.05 32.90 12.96
N GLU D 119 -10.53 34.02 12.43
CA GLU D 119 -11.80 34.59 12.89
C GLU D 119 -12.88 34.31 11.85
N GLU D 120 -12.47 34.20 10.59
CA GLU D 120 -13.41 33.92 9.51
C GLU D 120 -13.87 32.47 9.60
N GLY D 121 -12.94 31.58 9.92
CA GLY D 121 -13.27 30.18 10.03
C GLY D 121 -12.15 29.33 10.61
N VAL D 122 -11.79 28.26 9.91
CA VAL D 122 -10.74 27.37 10.36
C VAL D 122 -10.35 26.45 9.22
N THR D 123 -9.05 26.19 9.08
CA THR D 123 -8.56 25.31 8.03
C THR D 123 -7.98 24.06 8.67
N PHE D 124 -8.02 22.96 7.93
CA PHE D 124 -7.51 21.68 8.42
C PHE D 124 -7.14 20.77 7.25
N LYS D 125 -6.55 19.62 7.58
CA LYS D 125 -6.16 18.63 6.58
C LYS D 125 -7.01 17.36 6.73
N SER D 126 -7.76 17.06 5.67
CA SER D 126 -8.62 15.87 5.65
C SER D 126 -7.79 14.67 6.09
N HIS D 127 -8.34 13.87 7.00
CA HIS D 127 -7.62 12.69 7.49
C HIS D 127 -7.40 11.65 6.40
N LEU D 128 -8.28 11.60 5.42
CA LEU D 128 -8.15 10.64 4.34
C LEU D 128 -7.69 11.23 3.00
N ASP D 129 -7.86 12.54 2.83
CA ASP D 129 -7.44 13.20 1.59
C ASP D 129 -6.09 13.90 1.73
N GLY D 130 -5.83 14.44 2.92
CA GLY D 130 -4.58 15.15 3.14
C GLY D 130 -4.62 16.43 2.34
N SER D 131 -5.84 16.92 2.11
CA SER D 131 -6.08 18.13 1.35
C SER D 131 -6.52 19.26 2.27
N ARG D 132 -6.43 20.49 1.78
CA ARG D 132 -6.80 21.67 2.56
C ARG D 132 -8.27 22.06 2.44
N HIS D 133 -8.87 22.41 3.56
CA HIS D 133 -10.27 22.83 3.62
C HIS D 133 -10.45 23.97 4.62
N MET D 134 -11.29 24.94 4.27
CA MET D 134 -11.55 26.09 5.12
C MET D 134 -13.04 26.09 5.50
N LEU D 135 -13.32 25.66 6.73
CA LEU D 135 -14.71 25.59 7.22
C LEU D 135 -15.12 26.83 8.02
N SER D 136 -16.21 27.45 7.58
CA SER D 136 -16.72 28.66 8.20
C SER D 136 -18.22 28.58 8.47
N PRO D 137 -18.70 29.31 9.47
CA PRO D 137 -20.13 29.30 9.79
C PRO D 137 -20.97 29.44 8.54
N GLU D 138 -20.49 30.26 7.60
CA GLU D 138 -21.22 30.46 6.36
C GLU D 138 -21.32 29.15 5.60
N ARG D 139 -20.20 28.41 5.56
CA ARG D 139 -20.15 27.14 4.85
C ARG D 139 -20.85 26.00 5.59
N SER D 140 -20.63 25.91 6.90
CA SER D 140 -21.27 24.85 7.69
C SER D 140 -22.76 24.88 7.38
N ILE D 141 -23.39 26.03 7.57
CA ILE D 141 -24.81 26.16 7.30
C ILE D 141 -25.11 25.79 5.86
N GLU D 142 -24.20 26.14 4.95
CA GLU D 142 -24.39 25.83 3.54
C GLU D 142 -24.34 24.31 3.32
N ILE D 143 -23.29 23.65 3.79
CA ILE D 143 -23.16 22.21 3.64
C ILE D 143 -24.42 21.52 4.14
N GLN D 144 -24.76 21.80 5.40
CA GLN D 144 -25.93 21.24 6.06
C GLN D 144 -27.20 21.46 5.23
N HIS D 145 -27.19 22.48 4.39
CA HIS D 145 -28.33 22.76 3.55
C HIS D 145 -28.30 21.84 2.34
N LEU D 146 -27.10 21.55 1.87
CA LEU D 146 -26.91 20.70 0.70
C LEU D 146 -27.40 19.30 1.04
N LEU D 147 -27.07 18.85 2.25
CA LEU D 147 -27.46 17.54 2.76
C LEU D 147 -28.97 17.55 2.97
N GLY D 148 -29.48 18.71 3.37
CA GLY D 148 -30.91 18.87 3.58
C GLY D 148 -31.41 18.62 4.98
N SER D 149 -30.51 18.65 5.95
CA SER D 149 -30.87 18.41 7.33
C SER D 149 -32.05 19.28 7.76
N ASP D 150 -32.78 18.80 8.76
CA ASP D 150 -33.94 19.50 9.30
C ASP D 150 -33.58 20.35 10.50
N ILE D 151 -32.47 20.02 11.14
CA ILE D 151 -32.00 20.79 12.28
C ILE D 151 -30.52 21.05 12.09
N VAL D 152 -30.21 22.34 12.02
CA VAL D 152 -28.85 22.80 11.80
C VAL D 152 -28.19 23.33 13.06
N MET D 153 -26.99 22.83 13.33
CA MET D 153 -26.24 23.28 14.50
C MET D 153 -25.33 24.38 13.99
N ALA D 154 -25.39 25.55 14.63
CA ALA D 154 -24.55 26.64 14.21
C ALA D 154 -23.10 26.27 14.45
N PHE D 155 -22.20 26.88 13.68
CA PHE D 155 -20.78 26.63 13.80
C PHE D 155 -20.24 27.26 15.08
N ASP D 156 -19.25 26.63 15.69
CA ASP D 156 -18.67 27.18 16.92
C ASP D 156 -17.30 26.62 17.28
N GLU D 157 -16.61 27.33 18.14
CA GLU D 157 -15.27 26.96 18.59
C GLU D 157 -15.34 26.11 19.86
N CYS D 158 -15.11 24.81 19.71
CA CYS D 158 -15.13 23.88 20.84
C CYS D 158 -13.97 24.13 21.79
N THR D 159 -14.28 24.29 23.07
CA THR D 159 -13.29 24.55 24.11
C THR D 159 -12.82 23.23 24.73
N PRO D 160 -11.50 22.99 24.75
CA PRO D 160 -10.92 21.76 25.31
C PRO D 160 -11.05 21.63 26.83
N TYR D 161 -10.48 20.56 27.37
CA TYR D 161 -10.51 20.32 28.82
C TYR D 161 -9.18 19.74 29.30
N PRO D 162 -8.62 20.32 30.38
CA PRO D 162 -9.16 21.45 31.16
C PRO D 162 -9.22 22.77 30.39
N ALA D 163 -9.61 23.84 31.09
CA ALA D 163 -9.70 25.15 30.46
C ALA D 163 -9.25 26.29 31.39
N THR D 164 -8.75 27.37 30.78
CA THR D 164 -8.28 28.53 31.54
C THR D 164 -9.45 29.52 31.69
N PRO D 165 -9.53 30.22 32.83
CA PRO D 165 -10.59 31.19 33.13
C PRO D 165 -10.84 32.23 32.03
N SER D 166 -9.87 32.45 31.16
CA SER D 166 -10.04 33.41 30.08
C SER D 166 -10.01 32.71 28.71
N ARG D 167 -9.43 31.53 28.66
CA ARG D 167 -9.37 30.77 27.41
C ARG D 167 -10.82 30.50 27.00
N ALA D 168 -11.62 30.08 27.97
CA ALA D 168 -13.02 29.78 27.72
C ALA D 168 -13.75 31.02 27.22
N ALA D 169 -13.38 32.17 27.74
CA ALA D 169 -14.01 33.42 27.36
C ALA D 169 -13.74 33.76 25.89
N SER D 170 -12.47 33.74 25.49
CA SER D 170 -12.08 34.06 24.12
C SER D 170 -12.74 33.11 23.11
N SER D 171 -12.76 31.83 23.44
CA SER D 171 -13.37 30.84 22.57
C SER D 171 -14.87 31.16 22.48
N MET D 172 -15.52 31.24 23.65
CA MET D 172 -16.94 31.53 23.73
C MET D 172 -17.35 32.78 22.93
N GLU D 173 -16.59 33.86 23.10
CA GLU D 173 -16.88 35.10 22.38
C GLU D 173 -16.93 34.78 20.89
N ARG D 174 -15.87 34.14 20.40
CA ARG D 174 -15.78 33.76 19.00
C ARG D 174 -16.99 32.95 18.58
N SER D 175 -17.31 31.95 19.41
CA SER D 175 -18.43 31.06 19.15
C SER D 175 -19.74 31.85 19.05
N MET D 176 -19.87 32.86 19.90
CA MET D 176 -21.07 33.71 19.91
C MET D 176 -21.14 34.56 18.67
N ARG D 177 -19.98 35.01 18.20
CA ARG D 177 -19.90 35.83 16.99
C ARG D 177 -20.29 34.95 15.82
N TRP D 178 -19.72 33.75 15.80
CA TRP D 178 -20.02 32.79 14.76
C TRP D 178 -21.49 32.42 14.82
N ALA D 179 -22.03 32.40 16.04
CA ALA D 179 -23.43 32.08 16.27
C ALA D 179 -24.30 33.03 15.47
N LYS D 180 -24.06 34.31 15.67
CA LYS D 180 -24.81 35.32 14.94
C LYS D 180 -24.64 35.04 13.45
N ARG D 181 -23.38 35.01 13.01
CA ARG D 181 -23.04 34.77 11.61
C ARG D 181 -23.82 33.59 11.03
N SER D 182 -23.95 32.52 11.82
CA SER D 182 -24.66 31.34 11.36
C SER D 182 -26.15 31.61 11.19
N ARG D 183 -26.71 32.42 12.08
CA ARG D 183 -28.12 32.76 12.00
C ARG D 183 -28.38 33.59 10.74
N ASP D 184 -27.51 34.57 10.50
CA ASP D 184 -27.64 35.44 9.32
C ASP D 184 -27.46 34.65 8.02
N ALA D 185 -26.58 33.65 8.08
CA ALA D 185 -26.31 32.80 6.92
C ALA D 185 -27.43 31.80 6.73
N PHE D 186 -28.10 31.44 7.83
CA PHE D 186 -29.20 30.50 7.76
C PHE D 186 -30.42 31.20 7.18
N ASP D 187 -30.63 32.45 7.57
CA ASP D 187 -31.77 33.21 7.08
C ASP D 187 -31.56 33.73 5.66
N SER D 188 -30.31 33.75 5.20
CA SER D 188 -30.00 34.22 3.85
C SER D 188 -30.59 33.25 2.83
N ARG D 189 -30.63 31.97 3.21
CA ARG D 189 -31.16 30.92 2.34
C ARG D 189 -32.67 30.73 2.53
N LYS D 190 -33.42 31.68 2.00
CA LYS D 190 -34.89 31.70 2.03
C LYS D 190 -35.54 30.32 2.04
N GLU D 191 -35.05 29.44 1.18
CA GLU D 191 -35.59 28.08 1.07
C GLU D 191 -35.43 27.34 2.42
N GLN D 192 -34.19 27.15 2.82
CA GLN D 192 -33.84 26.46 4.06
C GLN D 192 -34.51 27.10 5.29
N ALA D 193 -34.80 28.39 5.21
CA ALA D 193 -35.42 29.14 6.31
C ALA D 193 -36.84 28.70 6.66
N GLU D 194 -37.60 28.31 5.65
CA GLU D 194 -38.98 27.90 5.86
C GLU D 194 -39.17 26.40 6.00
N ASN D 195 -38.07 25.65 5.92
CA ASN D 195 -38.13 24.19 6.04
C ASN D 195 -37.39 23.61 7.23
N ALA D 196 -36.23 24.17 7.55
CA ALA D 196 -35.43 23.66 8.65
C ALA D 196 -35.48 24.55 9.89
N ALA D 197 -34.59 24.26 10.84
CA ALA D 197 -34.51 25.02 12.08
C ALA D 197 -33.05 25.20 12.46
N LEU D 198 -32.81 26.09 13.43
CA LEU D 198 -31.45 26.35 13.88
C LEU D 198 -31.32 26.31 15.40
N PHE D 199 -30.22 25.72 15.86
CA PHE D 199 -29.95 25.58 17.29
C PHE D 199 -28.66 26.30 17.67
N GLY D 200 -28.70 27.03 18.79
CA GLY D 200 -27.52 27.73 19.24
C GLY D 200 -26.76 26.87 20.24
N ILE D 201 -25.44 26.90 20.19
CA ILE D 201 -24.63 26.09 21.11
C ILE D 201 -23.99 26.97 22.17
N GLN D 202 -24.46 26.87 23.41
CA GLN D 202 -23.91 27.65 24.51
C GLN D 202 -22.53 27.14 24.85
N GLN D 203 -21.64 28.04 25.26
CA GLN D 203 -20.29 27.69 25.64
C GLN D 203 -19.94 28.36 26.96
N GLY D 204 -18.67 28.32 27.35
CA GLY D 204 -18.27 28.94 28.59
C GLY D 204 -17.70 27.96 29.58
N SER D 205 -17.28 26.80 29.07
CA SER D 205 -16.70 25.76 29.92
C SER D 205 -17.47 25.59 31.22
N VAL D 206 -16.75 25.67 32.34
CA VAL D 206 -17.34 25.52 33.67
C VAL D 206 -17.42 26.84 34.44
N PHE D 207 -17.69 27.93 33.74
CA PHE D 207 -17.74 29.23 34.41
C PHE D 207 -19.11 29.90 34.38
N GLU D 208 -19.78 29.84 35.53
CA GLU D 208 -21.10 30.43 35.75
C GLU D 208 -21.49 31.59 34.83
N ASN D 209 -20.83 32.73 34.99
CA ASN D 209 -21.10 33.92 34.20
C ASN D 209 -20.91 33.69 32.69
N LEU D 210 -19.73 33.15 32.33
CA LEU D 210 -19.43 32.89 30.92
C LEU D 210 -20.59 32.17 30.25
N ARG D 211 -21.30 31.37 31.03
CA ARG D 211 -22.48 30.63 30.55
C ARG D 211 -23.65 31.57 30.37
N GLN D 212 -23.89 32.43 31.35
CA GLN D 212 -24.99 33.37 31.26
C GLN D 212 -24.78 34.32 30.09
N GLN D 213 -23.54 34.78 29.91
CA GLN D 213 -23.20 35.68 28.82
C GLN D 213 -23.52 35.05 27.47
N SER D 214 -23.05 33.81 27.30
CA SER D 214 -23.29 33.07 26.07
C SER D 214 -24.80 32.89 25.93
N ALA D 215 -25.44 32.53 27.05
CA ALA D 215 -26.88 32.33 27.11
C ALA D 215 -27.64 33.58 26.65
N ASP D 216 -27.26 34.73 27.21
CA ASP D 216 -27.90 35.99 26.86
C ASP D 216 -27.58 36.39 25.41
N ALA D 217 -26.32 36.21 25.02
CA ALA D 217 -25.91 36.53 23.67
C ALA D 217 -26.82 35.78 22.71
N LEU D 218 -26.84 34.46 22.87
CA LEU D 218 -27.65 33.57 22.05
C LEU D 218 -29.14 33.89 22.13
N ALA D 219 -29.63 34.08 23.35
CA ALA D 219 -31.04 34.40 23.56
C ALA D 219 -31.40 35.70 22.86
N GLU D 220 -30.42 36.60 22.76
CA GLU D 220 -30.66 37.88 22.09
C GLU D 220 -30.72 37.73 20.58
N ILE D 221 -29.91 36.81 20.04
CA ILE D 221 -29.89 36.55 18.59
C ILE D 221 -31.14 35.83 18.13
N GLY D 222 -31.52 34.78 18.86
CA GLY D 222 -32.71 34.02 18.52
C GLY D 222 -32.40 32.67 17.88
N PHE D 223 -33.06 31.63 18.37
CA PHE D 223 -32.87 30.27 17.87
C PHE D 223 -34.10 29.40 18.14
N ASP D 224 -34.24 28.36 17.33
CA ASP D 224 -35.35 27.44 17.47
C ASP D 224 -35.06 26.46 18.60
N GLY D 225 -33.77 26.25 18.87
CA GLY D 225 -33.38 25.34 19.92
C GLY D 225 -32.02 25.69 20.50
N TYR D 226 -31.80 25.35 21.76
CA TYR D 226 -30.52 25.66 22.40
C TYR D 226 -29.83 24.43 22.94
N ALA D 227 -28.54 24.30 22.62
CA ALA D 227 -27.76 23.16 23.06
C ALA D 227 -26.60 23.56 23.94
N VAL D 228 -26.31 22.72 24.93
CA VAL D 228 -25.21 22.97 25.83
C VAL D 228 -23.98 22.20 25.33
N GLY D 229 -22.92 22.92 24.99
CA GLY D 229 -21.72 22.28 24.50
C GLY D 229 -20.56 22.37 25.48
N GLY D 230 -19.39 21.93 25.06
CA GLY D 230 -18.23 22.00 25.93
C GLY D 230 -18.21 20.92 27.00
N LEU D 231 -19.24 20.08 27.02
CA LEU D 231 -19.32 19.02 27.99
C LEU D 231 -19.02 17.68 27.33
N ALA D 232 -19.00 16.61 28.13
CA ALA D 232 -18.72 15.27 27.62
C ALA D 232 -17.27 15.20 27.14
N VAL D 233 -16.48 16.20 27.52
CA VAL D 233 -15.07 16.26 27.14
C VAL D 233 -14.18 15.53 28.15
N GLY D 234 -14.78 15.03 29.22
CA GLY D 234 -14.02 14.30 30.22
C GLY D 234 -13.88 15.03 31.54
N GLU D 235 -14.91 15.77 31.93
CA GLU D 235 -14.90 16.52 33.17
C GLU D 235 -15.49 15.73 34.35
N GLY D 236 -15.87 14.48 34.09
CA GLY D 236 -16.45 13.67 35.14
C GLY D 236 -17.95 13.89 35.20
N GLN D 237 -18.68 12.80 35.41
CA GLN D 237 -20.14 12.87 35.47
C GLN D 237 -20.62 13.84 36.56
N ASP D 238 -19.71 14.23 37.45
CA ASP D 238 -20.07 15.14 38.53
C ASP D 238 -20.03 16.58 38.08
N GLU D 239 -18.92 16.98 37.45
CA GLU D 239 -18.78 18.35 36.96
C GLU D 239 -19.88 18.68 35.97
N MET D 240 -20.06 17.80 35.00
CA MET D 240 -21.10 17.95 33.97
C MET D 240 -22.45 18.18 34.64
N PHE D 241 -22.80 17.28 35.54
CA PHE D 241 -24.07 17.36 36.26
C PHE D 241 -24.20 18.68 37.01
N ARG D 242 -23.12 19.06 37.67
CA ARG D 242 -23.07 20.30 38.45
C ARG D 242 -23.25 21.54 37.57
N VAL D 243 -22.64 21.49 36.37
CA VAL D 243 -22.72 22.59 35.41
C VAL D 243 -24.11 22.60 34.81
N LEU D 244 -24.64 21.42 34.52
CA LEU D 244 -25.97 21.30 33.95
C LEU D 244 -27.03 21.82 34.90
N ASP D 245 -26.66 21.98 36.17
CA ASP D 245 -27.61 22.46 37.18
C ASP D 245 -27.93 23.92 37.06
N PHE D 246 -26.94 24.72 36.68
CA PHE D 246 -27.15 26.16 36.54
C PHE D 246 -27.19 26.65 35.09
N SER D 247 -26.53 25.92 34.19
CA SER D 247 -26.47 26.31 32.79
C SER D 247 -27.81 26.20 32.09
N VAL D 248 -28.60 25.18 32.43
CA VAL D 248 -29.89 24.96 31.79
C VAL D 248 -30.98 25.99 32.09
N PRO D 249 -31.06 26.47 33.34
CA PRO D 249 -32.11 27.46 33.61
C PRO D 249 -31.84 28.75 32.82
N MET D 250 -30.56 28.99 32.54
CA MET D 250 -30.13 30.17 31.81
C MET D 250 -30.72 30.20 30.41
N LEU D 251 -31.15 29.03 29.93
CA LEU D 251 -31.72 28.91 28.58
C LEU D 251 -33.23 29.00 28.54
N PRO D 252 -33.78 29.57 27.45
CA PRO D 252 -35.22 29.74 27.24
C PRO D 252 -36.00 28.48 27.57
N ASP D 253 -36.80 28.55 28.63
CA ASP D 253 -37.60 27.42 29.08
C ASP D 253 -38.64 26.92 28.09
N ASP D 254 -39.05 27.76 27.14
CA ASP D 254 -40.07 27.33 26.18
C ASP D 254 -39.49 26.78 24.88
N LYS D 255 -38.17 26.63 24.83
CA LYS D 255 -37.47 26.07 23.67
C LYS D 255 -36.79 24.80 24.16
N PRO D 256 -36.56 23.83 23.26
CA PRO D 256 -35.90 22.59 23.69
C PRO D 256 -34.39 22.69 23.93
N HIS D 257 -33.93 21.91 24.91
CA HIS D 257 -32.51 21.87 25.29
C HIS D 257 -31.87 20.55 24.84
N TYR D 258 -30.91 20.67 23.93
CA TYR D 258 -30.20 19.52 23.39
C TYR D 258 -28.80 19.46 24.00
N LEU D 259 -28.41 18.27 24.45
CA LEU D 259 -27.09 18.09 25.06
C LEU D 259 -26.24 17.11 24.25
N MET D 260 -25.72 17.60 23.13
CA MET D 260 -24.87 16.80 22.26
C MET D 260 -23.66 16.22 22.98
N GLY D 261 -23.25 15.04 22.56
CA GLY D 261 -22.10 14.40 23.16
C GLY D 261 -22.40 13.35 24.22
N VAL D 262 -23.50 13.52 24.94
CA VAL D 262 -23.89 12.59 25.99
C VAL D 262 -24.57 11.32 25.52
N GLY D 263 -24.18 10.21 26.14
CA GLY D 263 -24.74 8.91 25.77
C GLY D 263 -24.98 7.94 26.92
N LYS D 264 -24.02 7.76 27.82
CA LYS D 264 -24.18 6.84 28.93
C LYS D 264 -25.57 6.92 29.55
N PRO D 265 -26.25 5.77 29.71
CA PRO D 265 -27.60 5.67 30.28
C PRO D 265 -27.86 6.52 31.52
N ASP D 266 -26.96 6.46 32.49
CA ASP D 266 -27.13 7.23 33.71
C ASP D 266 -26.98 8.72 33.42
N ASP D 267 -26.06 9.04 32.51
CA ASP D 267 -25.82 10.44 32.09
C ASP D 267 -27.11 11.02 31.50
N ILE D 268 -27.79 10.23 30.68
CA ILE D 268 -29.03 10.65 30.05
C ILE D 268 -30.08 10.92 31.13
N VAL D 269 -30.26 9.97 32.05
CA VAL D 269 -31.25 10.13 33.10
C VAL D 269 -31.05 11.41 33.93
N GLY D 270 -29.89 11.54 34.56
CA GLY D 270 -29.62 12.72 35.36
C GLY D 270 -29.74 14.02 34.56
N ALA D 271 -29.46 13.94 33.27
CA ALA D 271 -29.55 15.09 32.40
C ALA D 271 -31.01 15.49 32.23
N VAL D 272 -31.89 14.50 32.06
CA VAL D 272 -33.31 14.81 31.91
C VAL D 272 -33.84 15.46 33.18
N GLU D 273 -33.26 15.10 34.31
CA GLU D 273 -33.68 15.69 35.59
C GLU D 273 -33.29 17.16 35.60
N ARG D 274 -32.14 17.44 34.98
CA ARG D 274 -31.62 18.80 34.89
C ARG D 274 -32.31 19.69 33.85
N GLY D 275 -33.07 19.08 32.94
CA GLY D 275 -33.79 19.86 31.94
C GLY D 275 -33.56 19.54 30.48
N ILE D 276 -32.53 18.75 30.18
CA ILE D 276 -32.24 18.39 28.80
C ILE D 276 -33.41 17.65 28.16
N ASP D 277 -33.52 17.76 26.82
CA ASP D 277 -34.61 17.11 26.09
C ASP D 277 -34.14 16.28 24.89
N MET D 278 -32.86 16.41 24.51
CA MET D 278 -32.34 15.68 23.37
C MET D 278 -30.91 15.18 23.55
N PHE D 279 -30.66 13.95 23.12
CA PHE D 279 -29.34 13.37 23.23
C PHE D 279 -28.90 12.71 21.95
N ASP D 280 -27.63 12.34 21.91
CA ASP D 280 -27.03 11.66 20.77
C ASP D 280 -25.62 11.23 21.19
N CYS D 281 -25.24 10.03 20.78
CA CYS D 281 -23.91 9.55 21.11
C CYS D 281 -23.66 8.27 20.37
N VAL D 282 -22.44 8.10 19.90
CA VAL D 282 -22.06 6.92 19.15
C VAL D 282 -21.76 5.75 20.09
N LEU D 283 -22.25 5.85 21.32
CA LEU D 283 -22.00 4.82 22.33
C LEU D 283 -22.66 3.48 22.06
N PRO D 284 -23.99 3.46 22.00
CA PRO D 284 -24.70 2.20 21.75
C PRO D 284 -24.32 1.55 20.44
N THR D 285 -23.92 2.36 19.47
CA THR D 285 -23.57 1.83 18.16
C THR D 285 -22.15 1.28 18.08
N ARG D 286 -21.21 1.88 18.81
CA ARG D 286 -19.83 1.40 18.76
C ARG D 286 -19.56 0.30 19.78
N SER D 287 -20.20 0.41 20.94
CA SER D 287 -19.99 -0.59 21.98
C SER D 287 -20.57 -1.90 21.47
N GLY D 288 -21.55 -1.78 20.58
CA GLY D 288 -22.19 -2.96 20.00
C GLY D 288 -21.22 -3.83 19.24
N ARG D 289 -20.55 -3.24 18.24
CA ARG D 289 -19.57 -3.98 17.44
C ARG D 289 -18.47 -4.60 18.31
N ASN D 290 -18.18 -3.94 19.43
CA ASN D 290 -17.14 -4.37 20.36
C ASN D 290 -17.53 -5.49 21.32
N GLY D 291 -18.84 -5.64 21.54
CA GLY D 291 -19.30 -6.70 22.41
C GLY D 291 -19.93 -6.25 23.71
N GLN D 292 -20.26 -4.98 23.80
CA GLN D 292 -20.86 -4.46 25.02
C GLN D 292 -22.35 -4.25 24.77
N ALA D 293 -23.18 -4.93 25.56
CA ALA D 293 -24.63 -4.81 25.44
C ALA D 293 -25.24 -4.22 26.71
N PHE D 294 -26.14 -3.26 26.54
CA PHE D 294 -26.79 -2.61 27.66
C PHE D 294 -27.97 -3.39 28.14
N THR D 295 -28.04 -3.58 29.46
CA THR D 295 -29.16 -4.28 30.07
C THR D 295 -29.55 -3.40 31.24
N TRP D 296 -30.80 -3.49 31.68
CA TRP D 296 -31.26 -2.67 32.80
C TRP D 296 -30.45 -2.94 34.06
N ASP D 297 -29.68 -4.03 34.02
CA ASP D 297 -28.84 -4.42 35.13
C ASP D 297 -27.42 -4.03 34.80
N GLY D 298 -27.29 -3.09 33.86
CA GLY D 298 -25.97 -2.63 33.45
C GLY D 298 -25.39 -3.29 32.22
N PRO D 299 -24.24 -2.79 31.75
CA PRO D 299 -23.55 -3.33 30.57
C PRO D 299 -22.91 -4.67 30.85
N ILE D 300 -22.86 -5.52 29.83
CA ILE D 300 -22.22 -6.84 29.96
C ILE D 300 -21.46 -7.08 28.68
N ASN D 301 -20.23 -7.59 28.79
CA ASN D 301 -19.48 -7.84 27.58
C ASN D 301 -19.80 -9.26 27.14
N ILE D 302 -20.69 -9.37 26.17
CA ILE D 302 -21.12 -10.66 25.64
C ILE D 302 -19.98 -11.58 25.27
N ARG D 303 -18.78 -11.03 25.14
CA ARG D 303 -17.64 -11.85 24.77
C ARG D 303 -17.20 -12.77 25.89
N ASN D 304 -17.55 -12.42 27.12
CA ASN D 304 -17.17 -13.22 28.28
C ASN D 304 -17.61 -14.66 28.04
N ALA D 305 -16.79 -15.59 28.49
CA ALA D 305 -17.06 -17.00 28.32
C ALA D 305 -18.23 -17.49 29.16
N ARG D 306 -18.74 -16.63 30.06
CA ARG D 306 -19.85 -17.07 30.89
C ARG D 306 -21.09 -17.24 30.04
N PHE D 307 -21.15 -16.47 28.95
CA PHE D 307 -22.32 -16.50 28.06
C PHE D 307 -22.30 -17.59 27.02
N SER D 308 -21.20 -18.33 26.99
CA SER D 308 -21.01 -19.44 26.07
C SER D 308 -22.28 -20.28 25.79
N GLU D 309 -22.91 -20.78 26.86
CA GLU D 309 -24.12 -21.60 26.74
C GLU D 309 -25.38 -20.98 27.35
N ASP D 310 -25.38 -19.66 27.49
CA ASP D 310 -26.51 -18.95 28.07
C ASP D 310 -27.64 -18.82 27.05
N LEU D 311 -28.76 -19.51 27.30
CA LEU D 311 -29.89 -19.45 26.37
C LEU D 311 -30.80 -18.26 26.61
N LYS D 312 -30.51 -17.48 27.65
CA LYS D 312 -31.34 -16.32 27.93
C LYS D 312 -31.11 -15.28 26.85
N PRO D 313 -32.04 -14.35 26.70
CA PRO D 313 -31.85 -13.33 25.67
C PRO D 313 -30.88 -12.28 26.18
N LEU D 314 -30.47 -11.35 25.31
CA LEU D 314 -29.54 -10.30 25.71
C LEU D 314 -30.07 -9.66 26.98
N ASP D 315 -31.37 -9.36 26.99
CA ASP D 315 -32.00 -8.80 28.18
C ASP D 315 -33.43 -9.32 28.32
N SER D 316 -33.73 -9.80 29.52
CA SER D 316 -35.02 -10.36 29.89
C SER D 316 -36.18 -9.40 29.72
N GLU D 317 -35.98 -8.18 30.17
CA GLU D 317 -37.02 -7.17 30.08
C GLU D 317 -37.17 -6.64 28.65
N CYS D 318 -36.03 -6.36 28.02
CA CYS D 318 -35.99 -5.82 26.66
C CYS D 318 -36.85 -6.58 25.67
N HIS D 319 -37.57 -5.84 24.84
CA HIS D 319 -38.40 -6.48 23.82
C HIS D 319 -37.99 -6.09 22.41
N CYS D 320 -36.71 -5.77 22.24
CA CYS D 320 -36.20 -5.42 20.92
C CYS D 320 -36.42 -6.68 20.07
N ALA D 321 -36.48 -6.54 18.76
CA ALA D 321 -36.71 -7.69 17.90
C ALA D 321 -35.66 -8.77 18.13
N VAL D 322 -34.46 -8.36 18.52
CA VAL D 322 -33.38 -9.30 18.76
C VAL D 322 -33.70 -10.23 19.92
N CYS D 323 -33.94 -9.63 21.10
CA CYS D 323 -34.24 -10.37 22.33
C CYS D 323 -35.51 -11.25 22.27
N GLN D 324 -36.17 -11.23 21.13
CA GLN D 324 -37.37 -12.02 20.92
C GLN D 324 -37.03 -13.20 20.01
N LYS D 325 -35.82 -13.23 19.47
CA LYS D 325 -35.44 -14.31 18.54
C LYS D 325 -34.13 -15.03 18.77
N TRP D 326 -33.14 -14.36 19.36
CA TRP D 326 -31.85 -15.02 19.55
C TRP D 326 -31.37 -15.05 20.98
N SER D 327 -30.54 -16.04 21.30
CA SER D 327 -30.03 -16.17 22.65
C SER D 327 -28.69 -15.51 22.83
N ARG D 328 -28.22 -15.51 24.08
CA ARG D 328 -26.92 -14.94 24.44
C ARG D 328 -25.84 -15.81 23.82
N ALA D 329 -25.94 -17.11 24.07
CA ALA D 329 -24.99 -18.07 23.56
C ALA D 329 -24.75 -17.88 22.05
N TYR D 330 -25.82 -17.61 21.28
CA TYR D 330 -25.64 -17.42 19.85
C TYR D 330 -24.82 -16.15 19.60
N ILE D 331 -25.39 -14.99 19.92
CA ILE D 331 -24.67 -13.74 19.72
C ILE D 331 -23.24 -13.87 20.23
N HIS D 332 -23.07 -14.48 21.39
CA HIS D 332 -21.73 -14.69 21.96
C HIS D 332 -20.89 -15.26 20.84
N HIS D 333 -21.33 -16.38 20.28
CA HIS D 333 -20.64 -17.04 19.17
C HIS D 333 -20.34 -16.05 18.05
N LEU D 334 -21.39 -15.40 17.58
CA LEU D 334 -21.33 -14.42 16.51
C LEU D 334 -20.22 -13.38 16.73
N ILE D 335 -20.12 -12.82 17.93
CA ILE D 335 -19.11 -11.81 18.20
C ILE D 335 -17.69 -12.34 18.27
N ARG D 336 -17.48 -13.47 18.96
CA ARG D 336 -16.15 -14.06 19.07
C ARG D 336 -15.70 -14.46 17.68
N ALA D 337 -16.63 -15.06 16.93
CA ALA D 337 -16.34 -15.49 15.57
C ALA D 337 -16.33 -14.29 14.62
N GLY D 338 -16.42 -13.09 15.21
CA GLY D 338 -16.41 -11.86 14.45
C GLY D 338 -17.27 -11.84 13.19
N GLU D 339 -18.49 -12.36 13.30
CA GLU D 339 -19.43 -12.38 12.17
C GLU D 339 -20.15 -11.03 12.06
N ILE D 340 -20.55 -10.65 10.86
CA ILE D 340 -21.23 -9.37 10.69
C ILE D 340 -22.56 -9.36 11.40
N LEU D 341 -23.24 -10.50 11.41
CA LEU D 341 -24.54 -10.58 12.09
C LEU D 341 -24.40 -10.16 13.55
N GLY D 342 -23.25 -10.48 14.13
CA GLY D 342 -23.01 -10.12 15.52
C GLY D 342 -23.14 -8.61 15.69
N ALA D 343 -22.29 -7.88 14.97
CA ALA D 343 -22.28 -6.44 15.03
C ALA D 343 -23.69 -5.95 14.78
N MET D 344 -24.36 -6.58 13.82
CA MET D 344 -25.74 -6.24 13.48
C MET D 344 -26.65 -6.42 14.68
N LEU D 345 -26.83 -7.67 15.08
CA LEU D 345 -27.67 -7.99 16.21
C LEU D 345 -27.32 -7.12 17.42
N MET D 346 -26.06 -7.14 17.84
CA MET D 346 -25.65 -6.32 18.97
C MET D 346 -26.14 -4.87 18.81
N THR D 347 -25.68 -4.22 17.76
CA THR D 347 -26.07 -2.85 17.52
C THR D 347 -27.58 -2.63 17.58
N GLU D 348 -28.33 -3.52 16.95
CA GLU D 348 -29.78 -3.37 16.92
C GLU D 348 -30.39 -3.34 18.31
N HIS D 349 -29.96 -4.27 19.15
CA HIS D 349 -30.47 -4.32 20.51
C HIS D 349 -30.12 -3.03 21.21
N ASN D 350 -28.83 -2.71 21.25
CA ASN D 350 -28.35 -1.50 21.90
C ASN D 350 -29.08 -0.22 21.50
N ILE D 351 -29.46 -0.12 20.23
CA ILE D 351 -30.18 1.06 19.78
C ILE D 351 -31.56 1.04 20.42
N ALA D 352 -32.25 -0.10 20.27
CA ALA D 352 -33.58 -0.28 20.84
C ALA D 352 -33.56 0.01 22.34
N PHE D 353 -32.57 -0.55 23.04
CA PHE D 353 -32.45 -0.32 24.48
C PHE D 353 -32.65 1.16 24.74
N TYR D 354 -31.68 1.95 24.31
CA TYR D 354 -31.73 3.40 24.47
C TYR D 354 -33.10 3.99 24.17
N GLN D 355 -33.75 3.47 23.13
CA GLN D 355 -35.07 3.97 22.77
C GLN D 355 -36.04 3.74 23.91
N GLN D 356 -36.16 2.48 24.33
CA GLN D 356 -37.06 2.15 25.43
C GLN D 356 -36.71 2.99 26.63
N LEU D 357 -35.41 3.15 26.89
CA LEU D 357 -34.97 3.95 28.02
C LEU D 357 -35.61 5.32 27.94
N MET D 358 -35.66 5.89 26.73
CA MET D 358 -36.26 7.20 26.57
C MET D 358 -37.76 7.08 26.79
N GLN D 359 -38.34 5.99 26.32
CA GLN D 359 -39.77 5.77 26.48
C GLN D 359 -40.08 5.71 27.98
N LYS D 360 -39.18 5.11 28.75
CA LYS D 360 -39.37 5.02 30.20
C LYS D 360 -39.48 6.40 30.81
N ILE D 361 -38.64 7.30 30.34
CA ILE D 361 -38.59 8.68 30.82
C ILE D 361 -39.77 9.51 30.31
N ARG D 362 -40.15 9.30 29.06
CA ARG D 362 -41.25 10.03 28.49
C ARG D 362 -42.55 9.71 29.24
N ASP D 363 -42.54 8.65 30.03
CA ASP D 363 -43.73 8.27 30.78
C ASP D 363 -43.65 8.59 32.26
N SER D 364 -42.57 8.14 32.90
CA SER D 364 -42.45 8.41 34.32
C SER D 364 -42.65 9.91 34.57
N ILE D 365 -42.29 10.74 33.59
CA ILE D 365 -42.47 12.18 33.71
C ILE D 365 -43.93 12.53 33.47
N SER D 366 -44.53 11.89 32.47
CA SER D 366 -45.93 12.13 32.13
C SER D 366 -46.85 11.58 33.21
N GLU D 367 -46.28 10.81 34.13
CA GLU D 367 -47.04 10.20 35.22
C GLU D 367 -46.55 10.73 36.57
N GLY D 368 -45.99 11.93 36.55
CA GLY D 368 -45.49 12.52 37.78
C GLY D 368 -44.73 11.49 38.60
N ARG D 369 -44.10 10.54 37.91
CA ARG D 369 -43.34 9.48 38.58
C ARG D 369 -41.92 9.35 38.04
N PHE D 370 -41.36 10.44 37.51
CA PHE D 370 -40.00 10.40 36.98
C PHE D 370 -38.99 10.29 38.12
N SER D 371 -39.40 10.69 39.31
CA SER D 371 -38.52 10.62 40.48
C SER D 371 -38.52 9.19 40.97
N GLN D 372 -39.72 8.63 41.15
CA GLN D 372 -39.89 7.25 41.59
C GLN D 372 -39.56 6.35 40.40
N PHE D 373 -38.34 6.52 39.87
CA PHE D 373 -37.88 5.76 38.72
C PHE D 373 -36.39 5.89 38.55
N ALA D 374 -35.90 7.13 38.63
CA ALA D 374 -34.48 7.41 38.48
C ALA D 374 -33.69 6.76 39.61
N GLN D 375 -34.36 6.56 40.74
CA GLN D 375 -33.72 5.94 41.88
C GLN D 375 -33.74 4.44 41.62
N ASP D 376 -34.80 3.97 40.95
CA ASP D 376 -34.93 2.55 40.62
C ASP D 376 -33.78 2.21 39.69
N PHE D 377 -33.67 2.99 38.63
CA PHE D 377 -32.64 2.82 37.63
C PHE D 377 -31.27 2.69 38.25
N ARG D 378 -30.87 3.72 39.01
CA ARG D 378 -29.57 3.73 39.65
C ARG D 378 -29.43 2.50 40.55
N ALA D 379 -30.46 2.25 41.35
CA ALA D 379 -30.47 1.11 42.26
C ALA D 379 -30.04 -0.19 41.57
N ARG D 380 -30.66 -0.46 40.42
CA ARG D 380 -30.42 -1.67 39.66
C ARG D 380 -29.31 -1.62 38.62
N TYR D 381 -28.97 -0.43 38.13
CA TYR D 381 -27.93 -0.28 37.11
C TYR D 381 -26.49 -0.48 37.60
N PHE D 382 -26.28 -0.37 38.91
CA PHE D 382 -24.95 -0.54 39.50
C PHE D 382 -24.99 -1.61 40.59
N ARG E 11 55.52 -7.72 -3.97
CA ARG E 11 56.40 -8.83 -4.46
C ARG E 11 56.11 -10.17 -3.77
N PRO E 12 55.92 -10.16 -2.44
CA PRO E 12 55.64 -11.40 -1.71
C PRO E 12 54.21 -11.88 -1.98
N ARG E 13 54.05 -13.20 -2.12
CA ARG E 13 52.75 -13.79 -2.38
C ARG E 13 51.73 -13.48 -1.29
N PHE E 14 52.06 -13.84 -0.07
CA PHE E 14 51.18 -13.62 1.08
C PHE E 14 52.07 -13.55 2.34
N SER E 15 52.05 -12.39 2.99
CA SER E 15 52.89 -12.22 4.17
C SER E 15 52.22 -11.45 5.30
N PHE E 16 51.63 -12.20 6.23
CA PHE E 16 50.95 -11.63 7.40
C PHE E 16 52.00 -11.33 8.45
N SER E 17 51.95 -10.12 9.00
CA SER E 17 52.92 -9.73 10.02
C SER E 17 52.30 -8.83 11.06
N ILE E 18 52.10 -9.39 12.27
CA ILE E 18 51.50 -8.63 13.35
C ILE E 18 52.52 -7.63 13.90
N ALA E 19 52.08 -6.39 14.10
CA ALA E 19 52.96 -5.33 14.59
C ALA E 19 52.65 -4.81 15.98
N ALA E 20 51.56 -5.27 16.57
CA ALA E 20 51.18 -4.83 17.91
C ALA E 20 50.01 -5.67 18.39
N ARG E 21 49.84 -5.75 19.71
CA ARG E 21 48.74 -6.53 20.27
C ARG E 21 48.26 -5.91 21.55
N GLU E 22 47.07 -6.34 21.96
CA GLU E 22 46.42 -5.90 23.19
C GLU E 22 45.34 -6.91 23.49
N GLY E 23 45.68 -7.89 24.32
CA GLY E 23 44.73 -8.93 24.64
C GLY E 23 44.71 -9.84 23.43
N LYS E 24 43.55 -10.42 23.14
CA LYS E 24 43.42 -11.33 22.00
C LYS E 24 43.43 -10.55 20.69
N ALA E 25 43.49 -9.23 20.79
CA ALA E 25 43.46 -8.36 19.62
C ALA E 25 44.84 -8.01 19.07
N ARG E 26 44.90 -7.71 17.77
CA ARG E 26 46.16 -7.32 17.17
C ARG E 26 46.06 -6.63 15.82
N THR E 27 46.98 -5.70 15.56
CA THR E 27 47.01 -4.96 14.30
C THR E 27 48.27 -5.39 13.56
N GLY E 28 48.14 -5.57 12.26
CA GLY E 28 49.25 -5.99 11.44
C GLY E 28 49.07 -5.53 10.01
N THR E 29 49.68 -6.28 9.09
CA THR E 29 49.67 -5.98 7.66
C THR E 29 49.74 -7.27 6.85
N ILE E 30 49.05 -7.33 5.71
CA ILE E 30 49.15 -8.53 4.89
C ILE E 30 49.71 -8.06 3.58
N GLU E 31 50.87 -8.57 3.20
CA GLU E 31 51.52 -8.18 1.96
C GLU E 31 51.28 -9.20 0.87
N MET E 32 50.78 -8.72 -0.26
CA MET E 32 50.51 -9.58 -1.40
C MET E 32 51.07 -8.92 -2.64
N LYS E 33 51.10 -9.65 -3.74
CA LYS E 33 51.65 -9.09 -4.97
C LYS E 33 50.85 -7.90 -5.47
N ARG E 34 49.54 -7.90 -5.24
CA ARG E 34 48.72 -6.79 -5.70
C ARG E 34 48.58 -5.59 -4.75
N GLY E 35 49.12 -5.70 -3.55
CA GLY E 35 49.03 -4.59 -2.61
C GLY E 35 49.11 -4.99 -1.15
N VAL E 36 49.11 -4.01 -0.25
CA VAL E 36 49.17 -4.28 1.17
C VAL E 36 47.82 -4.17 1.84
N ILE E 37 47.57 -5.02 2.83
CA ILE E 37 46.30 -5.04 3.51
C ILE E 37 46.47 -4.76 4.99
N ARG E 38 45.95 -3.63 5.44
CA ARG E 38 46.04 -3.22 6.84
C ARG E 38 45.01 -4.00 7.64
N THR E 39 45.38 -4.48 8.83
CA THR E 39 44.45 -5.25 9.64
C THR E 39 44.52 -4.82 11.11
N PRO E 40 43.40 -4.97 11.85
CA PRO E 40 42.11 -5.49 11.41
C PRO E 40 41.60 -4.73 10.19
N ALA E 41 41.03 -5.45 9.23
CA ALA E 41 40.54 -4.81 8.02
C ALA E 41 39.11 -5.17 7.64
N PHE E 42 38.39 -4.22 7.07
CA PHE E 42 37.03 -4.49 6.60
C PHE E 42 37.07 -4.49 5.09
N MET E 43 36.48 -5.51 4.51
CA MET E 43 36.50 -5.63 3.07
C MET E 43 35.11 -5.52 2.46
N PRO E 44 34.86 -4.45 1.69
CA PRO E 44 33.59 -4.21 1.01
C PRO E 44 33.22 -5.40 0.11
N VAL E 45 31.93 -5.65 -0.04
CA VAL E 45 31.47 -6.76 -0.86
C VAL E 45 31.00 -6.33 -2.25
N GLY E 46 31.70 -6.80 -3.27
CA GLY E 46 31.34 -6.47 -4.63
C GLY E 46 31.00 -7.79 -5.29
N THR E 47 29.88 -8.37 -4.86
CA THR E 47 29.42 -9.65 -5.34
C THR E 47 29.53 -9.90 -6.85
N ALA E 48 28.78 -9.15 -7.65
CA ALA E 48 28.81 -9.36 -9.08
C ALA E 48 29.76 -8.44 -9.82
N ALA E 49 31.02 -8.39 -9.37
CA ALA E 49 32.07 -7.58 -9.97
C ALA E 49 31.79 -6.09 -9.94
N THR E 50 31.38 -5.61 -8.78
CA THR E 50 31.06 -4.19 -8.56
C THR E 50 30.61 -3.98 -7.13
N VAL E 51 31.05 -2.89 -6.53
CA VAL E 51 30.62 -2.57 -5.17
C VAL E 51 29.46 -1.60 -5.41
N LYS E 52 28.26 -2.13 -5.34
CA LYS E 52 27.02 -1.37 -5.56
C LYS E 52 27.18 0.14 -5.41
N ALA E 53 26.79 0.85 -6.46
CA ALA E 53 26.79 2.32 -6.53
C ALA E 53 28.13 3.03 -6.36
N LEU E 54 29.24 2.31 -6.47
CA LEU E 54 30.55 2.92 -6.29
C LEU E 54 31.63 2.53 -7.32
N LYS E 55 32.32 3.54 -7.84
CA LYS E 55 33.40 3.29 -8.80
C LYS E 55 34.58 2.79 -8.01
N PRO E 56 35.30 1.80 -8.53
CA PRO E 56 36.45 1.26 -7.83
C PRO E 56 37.27 2.32 -7.12
N GLU E 57 37.59 3.40 -7.84
CA GLU E 57 38.39 4.46 -7.25
C GLU E 57 37.77 5.06 -5.99
N THR E 58 36.44 5.16 -5.96
CA THR E 58 35.78 5.72 -4.80
C THR E 58 35.98 4.78 -3.62
N VAL E 59 35.84 3.49 -3.88
CA VAL E 59 36.02 2.49 -2.85
C VAL E 59 37.43 2.67 -2.29
N ARG E 60 38.40 2.89 -3.17
CA ARG E 60 39.74 3.06 -2.70
C ARG E 60 39.81 4.37 -1.93
N ALA E 61 39.11 5.38 -2.43
CA ALA E 61 39.06 6.69 -1.79
C ALA E 61 38.70 6.61 -0.31
N THR E 62 37.78 5.72 0.02
CA THR E 62 37.32 5.53 1.40
C THR E 62 38.34 4.87 2.31
N GLY E 63 39.27 4.11 1.71
CA GLY E 63 40.31 3.45 2.48
C GLY E 63 40.38 1.93 2.41
N ALA E 64 39.62 1.33 1.51
CA ALA E 64 39.64 -0.11 1.38
C ALA E 64 40.89 -0.60 0.70
N ASP E 65 41.53 -1.60 1.28
CA ASP E 65 42.73 -2.16 0.68
C ASP E 65 42.40 -3.40 -0.14
N ILE E 66 41.21 -3.95 0.08
CA ILE E 66 40.79 -5.16 -0.62
C ILE E 66 39.27 -5.32 -0.69
N ILE E 67 38.74 -5.64 -1.87
CA ILE E 67 37.31 -5.84 -2.02
C ILE E 67 37.11 -7.33 -2.21
N LEU E 68 35.89 -7.79 -1.95
CA LEU E 68 35.56 -9.19 -2.05
C LEU E 68 34.55 -9.43 -3.16
N GLY E 69 34.76 -10.49 -3.93
CA GLY E 69 33.85 -10.82 -5.01
C GLY E 69 33.29 -12.20 -4.74
N ASN E 70 32.13 -12.51 -5.30
CA ASN E 70 31.54 -13.83 -5.06
C ASN E 70 31.65 -14.77 -6.26
N THR E 71 31.88 -16.05 -5.98
CA THR E 71 32.02 -17.07 -7.02
C THR E 71 30.68 -17.48 -7.61
N TYR E 72 29.79 -17.98 -6.77
CA TYR E 72 28.48 -18.41 -7.22
C TYR E 72 27.90 -17.49 -8.28
N HIS E 73 27.71 -16.22 -7.94
CA HIS E 73 27.14 -15.28 -8.88
C HIS E 73 27.96 -15.06 -10.13
N LEU E 74 29.22 -14.68 -9.96
CA LEU E 74 30.10 -14.45 -11.10
C LEU E 74 30.08 -15.65 -12.04
N MET E 75 30.10 -16.87 -11.47
CA MET E 75 30.08 -18.08 -12.27
C MET E 75 28.95 -18.04 -13.28
N LEU E 76 27.77 -17.68 -12.80
CA LEU E 76 26.56 -17.60 -13.62
C LEU E 76 26.59 -16.41 -14.56
N ARG E 77 26.92 -15.25 -14.00
CA ARG E 77 26.97 -14.03 -14.79
C ARG E 77 28.05 -13.11 -14.23
N PRO E 78 28.96 -12.62 -15.07
CA PRO E 78 29.03 -12.86 -16.51
C PRO E 78 29.58 -14.21 -16.91
N GLY E 79 30.02 -15.00 -15.92
CA GLY E 79 30.58 -16.32 -16.20
C GLY E 79 32.07 -16.41 -15.94
N ALA E 80 32.50 -17.48 -15.28
CA ALA E 80 33.92 -17.66 -14.96
C ALA E 80 34.81 -17.53 -16.17
N GLU E 81 34.65 -18.46 -17.12
CA GLU E 81 35.44 -18.49 -18.35
C GLU E 81 35.45 -17.19 -19.13
N ARG E 82 34.31 -16.51 -19.19
CA ARG E 82 34.25 -15.26 -19.94
C ARG E 82 35.12 -14.17 -19.31
N ILE E 83 34.97 -13.98 -18.00
CA ILE E 83 35.79 -12.97 -17.33
C ILE E 83 37.23 -13.29 -17.62
N ALA E 84 37.61 -14.54 -17.43
CA ALA E 84 38.98 -14.95 -17.66
C ALA E 84 39.42 -14.58 -19.07
N LYS E 85 38.56 -14.86 -20.04
CA LYS E 85 38.85 -14.56 -21.44
C LYS E 85 38.99 -13.05 -21.68
N LEU E 86 38.53 -12.25 -20.73
CA LEU E 86 38.61 -10.80 -20.87
C LEU E 86 39.79 -10.17 -20.15
N GLY E 87 40.53 -10.97 -19.39
CA GLY E 87 41.68 -10.43 -18.70
C GLY E 87 41.64 -10.51 -17.18
N GLY E 88 40.72 -11.32 -16.65
CA GLY E 88 40.59 -11.48 -15.22
C GLY E 88 39.73 -10.40 -14.57
N LEU E 89 39.05 -10.79 -13.50
CA LEU E 89 38.19 -9.88 -12.76
C LEU E 89 38.78 -8.48 -12.57
N HIS E 90 39.99 -8.41 -11.99
CA HIS E 90 40.68 -7.14 -11.71
C HIS E 90 40.62 -6.15 -12.85
N SER E 91 40.95 -6.63 -14.04
CA SER E 91 40.92 -5.78 -15.22
C SER E 91 39.46 -5.48 -15.55
N PHE E 92 38.63 -6.54 -15.57
CA PHE E 92 37.22 -6.43 -15.89
C PHE E 92 36.51 -5.29 -15.16
N MET E 93 36.59 -5.28 -13.83
CA MET E 93 35.93 -4.24 -13.03
C MET E 93 36.74 -2.97 -12.74
N GLY E 94 38.06 -3.06 -12.83
CA GLY E 94 38.87 -1.88 -12.60
C GLY E 94 39.42 -1.71 -11.20
N TRP E 95 39.75 -2.82 -10.55
CA TRP E 95 40.30 -2.79 -9.21
C TRP E 95 41.56 -3.62 -9.29
N ASP E 96 42.71 -2.94 -9.22
CA ASP E 96 43.98 -3.62 -9.33
C ASP E 96 44.55 -4.12 -8.03
N ARG E 97 43.91 -3.82 -6.91
CA ARG E 97 44.43 -4.29 -5.64
C ARG E 97 43.94 -5.70 -5.35
N PRO E 98 44.45 -6.32 -4.29
CA PRO E 98 43.97 -7.67 -4.01
C PRO E 98 42.45 -7.83 -3.97
N ILE E 99 41.97 -9.01 -4.32
CA ILE E 99 40.55 -9.30 -4.28
C ILE E 99 40.38 -10.65 -3.63
N LEU E 100 39.38 -10.79 -2.77
CA LEU E 100 39.12 -12.06 -2.13
C LEU E 100 37.81 -12.63 -2.63
N THR E 101 37.86 -13.80 -3.26
CA THR E 101 36.64 -14.41 -3.77
C THR E 101 36.12 -15.48 -2.82
N ASP E 102 34.83 -15.46 -2.55
CA ASP E 102 34.21 -16.43 -1.67
C ASP E 102 33.96 -17.68 -2.51
N SER E 103 34.04 -18.85 -1.89
CA SER E 103 33.82 -20.10 -2.63
C SER E 103 32.38 -20.28 -3.06
N GLY E 104 31.48 -19.56 -2.42
CA GLY E 104 30.07 -19.67 -2.75
C GLY E 104 29.39 -20.51 -1.69
N GLY E 105 30.16 -20.94 -0.70
CA GLY E 105 29.61 -21.75 0.36
C GLY E 105 28.48 -21.06 1.10
N TYR E 106 28.32 -19.77 0.85
CA TYR E 106 27.25 -19.02 1.49
C TYR E 106 25.98 -19.24 0.70
N GLN E 107 26.11 -19.37 -0.61
CA GLN E 107 24.96 -19.58 -1.45
C GLN E 107 24.34 -20.94 -1.18
N VAL E 108 25.14 -21.83 -0.61
CA VAL E 108 24.66 -23.18 -0.29
C VAL E 108 23.61 -23.07 0.83
N MET E 109 23.73 -22.02 1.64
CA MET E 109 22.80 -21.76 2.74
C MET E 109 22.17 -20.37 2.63
N SER E 110 21.27 -20.18 1.67
CA SER E 110 20.59 -18.91 1.45
C SER E 110 19.87 -19.07 0.14
N LEU E 111 20.38 -20.00 -0.65
CA LEU E 111 19.81 -20.35 -1.94
C LEU E 111 19.56 -21.85 -1.80
N SER E 112 19.64 -22.31 -0.56
CA SER E 112 19.42 -23.71 -0.22
C SER E 112 18.14 -24.17 -0.87
N SER E 113 17.21 -23.22 -1.02
CA SER E 113 15.91 -23.46 -1.63
C SER E 113 16.13 -24.29 -2.88
N LEU E 114 16.78 -23.69 -3.87
CA LEU E 114 17.04 -24.36 -5.13
C LEU E 114 18.36 -25.11 -5.19
N THR E 115 18.73 -25.75 -4.08
CA THR E 115 19.99 -26.52 -4.00
C THR E 115 19.83 -28.00 -3.64
N LYS E 116 20.70 -28.84 -4.20
CA LYS E 116 20.69 -30.27 -3.93
C LYS E 116 22.10 -30.72 -3.53
N GLN E 117 22.29 -31.02 -2.25
CA GLN E 117 23.60 -31.43 -1.73
C GLN E 117 23.94 -32.91 -1.88
N SER E 118 25.24 -33.21 -1.89
CA SER E 118 25.73 -34.58 -2.01
C SER E 118 27.14 -34.66 -1.38
N GLU E 119 28.08 -35.27 -2.09
CA GLU E 119 29.45 -35.37 -1.58
C GLU E 119 30.41 -34.79 -2.61
N GLU E 120 30.04 -34.94 -3.88
CA GLU E 120 30.84 -34.43 -4.99
C GLU E 120 30.84 -32.92 -4.91
N GLY E 121 29.72 -32.37 -4.46
CA GLY E 121 29.56 -30.93 -4.34
C GLY E 121 28.12 -30.55 -4.06
N VAL E 122 27.72 -29.35 -4.48
CA VAL E 122 26.36 -28.88 -4.28
C VAL E 122 25.79 -28.46 -5.63
N THR E 123 24.82 -29.23 -6.11
CA THR E 123 24.21 -28.94 -7.40
C THR E 123 22.96 -28.09 -7.27
N PHE E 124 23.00 -26.86 -7.76
CA PHE E 124 21.82 -26.01 -7.70
C PHE E 124 21.39 -25.32 -9.00
N LYS E 125 20.14 -24.86 -8.97
CA LYS E 125 19.47 -24.20 -10.08
C LYS E 125 19.69 -22.69 -10.12
N SER E 126 20.05 -22.16 -11.29
CA SER E 126 20.28 -20.73 -11.41
C SER E 126 19.09 -19.97 -10.83
N HIS E 127 19.35 -19.13 -9.85
CA HIS E 127 18.28 -18.37 -9.19
C HIS E 127 17.52 -17.43 -10.11
N LEU E 128 18.00 -17.28 -11.35
CA LEU E 128 17.35 -16.39 -12.29
C LEU E 128 17.20 -17.02 -13.66
N ASP E 129 18.09 -17.96 -13.95
CA ASP E 129 18.10 -18.65 -15.23
C ASP E 129 17.33 -19.96 -15.14
N GLY E 130 17.40 -20.63 -14.01
CA GLY E 130 16.70 -21.91 -13.85
C GLY E 130 17.56 -23.11 -14.20
N SER E 131 18.65 -22.88 -14.93
CA SER E 131 19.56 -23.94 -15.34
C SER E 131 20.12 -24.72 -14.16
N ARG E 132 21.04 -25.64 -14.45
CA ARG E 132 21.63 -26.48 -13.40
C ARG E 132 23.15 -26.39 -13.44
N HIS E 133 23.75 -26.18 -12.27
CA HIS E 133 25.19 -26.09 -12.17
C HIS E 133 25.67 -26.89 -10.97
N MET E 134 26.78 -27.60 -11.18
CA MET E 134 27.39 -28.43 -10.14
C MET E 134 28.62 -27.74 -9.60
N LEU E 135 28.50 -27.08 -8.45
CA LEU E 135 29.63 -26.40 -7.85
C LEU E 135 30.34 -27.34 -6.89
N SER E 136 31.54 -27.75 -7.26
CA SER E 136 32.31 -28.67 -6.46
C SER E 136 33.57 -27.97 -5.93
N PRO E 137 34.19 -28.54 -4.90
CA PRO E 137 35.39 -27.94 -4.35
C PRO E 137 36.38 -27.70 -5.50
N GLU E 138 36.39 -28.63 -6.45
CA GLU E 138 37.28 -28.56 -7.60
C GLU E 138 36.93 -27.39 -8.48
N ARG E 139 35.68 -27.36 -8.91
CA ARG E 139 35.18 -26.30 -9.78
C ARG E 139 35.29 -24.93 -9.12
N SER E 140 34.80 -24.81 -7.90
CA SER E 140 34.86 -23.54 -7.21
C SER E 140 36.27 -22.98 -7.30
N ILE E 141 37.26 -23.80 -6.96
CA ILE E 141 38.66 -23.38 -7.00
C ILE E 141 39.10 -23.05 -8.43
N GLU E 142 38.52 -23.73 -9.41
CA GLU E 142 38.89 -23.46 -10.80
C GLU E 142 38.33 -22.11 -11.18
N ILE E 143 37.08 -21.90 -10.82
CA ILE E 143 36.39 -20.66 -11.10
C ILE E 143 37.20 -19.52 -10.50
N GLN E 144 37.51 -19.63 -9.20
CA GLN E 144 38.29 -18.60 -8.53
C GLN E 144 39.65 -18.36 -9.20
N HIS E 145 40.19 -19.40 -9.85
CA HIS E 145 41.45 -19.24 -10.54
C HIS E 145 41.23 -18.42 -11.78
N LEU E 146 40.17 -18.76 -12.51
CA LEU E 146 39.83 -18.06 -13.73
C LEU E 146 39.73 -16.57 -13.46
N LEU E 147 39.02 -16.22 -12.38
CA LEU E 147 38.84 -14.82 -12.02
C LEU E 147 40.14 -14.10 -11.73
N GLY E 148 41.10 -14.82 -11.14
CA GLY E 148 42.39 -14.24 -10.81
C GLY E 148 42.42 -13.66 -9.41
N SER E 149 41.55 -14.19 -8.54
CA SER E 149 41.46 -13.72 -7.17
C SER E 149 42.76 -13.93 -6.43
N ASP E 150 43.11 -12.97 -5.59
CA ASP E 150 44.34 -13.03 -4.83
C ASP E 150 44.15 -13.90 -3.59
N ILE E 151 42.99 -13.80 -2.97
CA ILE E 151 42.74 -14.64 -1.82
C ILE E 151 41.60 -15.58 -2.17
N VAL E 152 41.93 -16.87 -2.23
CA VAL E 152 40.98 -17.91 -2.57
C VAL E 152 40.43 -18.59 -1.33
N MET E 153 39.10 -18.70 -1.25
CA MET E 153 38.45 -19.33 -0.11
C MET E 153 38.13 -20.78 -0.43
N ALA E 154 38.36 -21.67 0.52
CA ALA E 154 38.07 -23.08 0.31
C ALA E 154 36.57 -23.22 0.10
N PHE E 155 36.13 -24.33 -0.48
CA PHE E 155 34.70 -24.53 -0.70
C PHE E 155 34.09 -25.21 0.51
N ASP E 156 33.21 -24.50 1.21
CA ASP E 156 32.55 -25.00 2.41
C ASP E 156 31.04 -25.00 2.26
N GLU E 157 30.35 -25.28 3.35
CA GLU E 157 28.90 -25.29 3.39
C GLU E 157 28.53 -24.57 4.68
N CYS E 158 28.08 -23.33 4.57
CA CYS E 158 27.71 -22.56 5.75
C CYS E 158 26.54 -23.28 6.43
N THR E 159 26.77 -23.76 7.64
CA THR E 159 25.74 -24.49 8.37
C THR E 159 24.69 -23.54 8.93
N PRO E 160 23.42 -23.72 8.52
CA PRO E 160 22.29 -22.89 8.97
C PRO E 160 22.08 -22.99 10.48
N TYR E 161 21.28 -22.08 11.01
CA TYR E 161 20.99 -22.05 12.43
C TYR E 161 19.49 -21.90 12.64
N PRO E 162 18.92 -22.66 13.60
CA PRO E 162 19.61 -23.63 14.45
C PRO E 162 19.97 -24.91 13.71
N ALA E 163 20.72 -25.79 14.36
CA ALA E 163 21.13 -27.05 13.77
C ALA E 163 21.48 -28.05 14.85
N THR E 164 21.00 -29.28 14.69
CA THR E 164 21.26 -30.35 15.65
C THR E 164 22.71 -30.84 15.56
N PRO E 165 23.27 -31.34 16.67
CA PRO E 165 24.65 -31.82 16.61
C PRO E 165 24.89 -32.78 15.44
N SER E 166 23.80 -33.20 14.78
CA SER E 166 23.90 -34.10 13.64
C SER E 166 24.46 -33.32 12.45
N ARG E 167 23.63 -32.48 11.81
CA ARG E 167 24.10 -31.71 10.67
C ARG E 167 25.33 -30.93 11.07
N ALA E 168 25.32 -30.46 12.31
CA ALA E 168 26.44 -29.69 12.84
C ALA E 168 27.76 -30.40 12.54
N ALA E 169 27.76 -31.73 12.65
CA ALA E 169 28.97 -32.51 12.40
C ALA E 169 29.06 -32.99 10.95
N SER E 170 27.93 -33.41 10.39
CA SER E 170 27.91 -33.86 9.00
C SER E 170 28.53 -32.77 8.13
N SER E 171 27.84 -31.63 8.07
CA SER E 171 28.28 -30.48 7.29
C SER E 171 29.75 -30.20 7.54
N MET E 172 30.08 -30.04 8.81
CA MET E 172 31.45 -29.74 9.22
C MET E 172 32.44 -30.75 8.63
N GLU E 173 32.28 -32.01 8.98
CA GLU E 173 33.18 -33.05 8.48
C GLU E 173 33.25 -33.08 6.96
N ARG E 174 32.10 -32.98 6.30
CA ARG E 174 32.09 -32.99 4.84
C ARG E 174 32.83 -31.76 4.33
N SER E 175 32.66 -30.66 5.05
CA SER E 175 33.31 -29.41 4.67
C SER E 175 34.82 -29.55 4.75
N MET E 176 35.30 -30.30 5.73
CA MET E 176 36.73 -30.48 5.87
C MET E 176 37.23 -31.34 4.72
N ARG E 177 36.53 -32.43 4.45
CA ARG E 177 36.93 -33.30 3.36
C ARG E 177 37.11 -32.39 2.13
N TRP E 178 36.18 -31.46 1.96
CA TRP E 178 36.22 -30.51 0.86
C TRP E 178 37.40 -29.54 0.99
N ALA E 179 37.72 -29.16 2.23
CA ALA E 179 38.83 -28.27 2.48
C ALA E 179 40.12 -28.87 1.91
N LYS E 180 40.22 -30.19 1.95
CA LYS E 180 41.39 -30.89 1.43
C LYS E 180 41.37 -30.90 -0.09
N ARG E 181 40.21 -31.20 -0.67
CA ARG E 181 40.09 -31.24 -2.11
C ARG E 181 40.46 -29.89 -2.69
N SER E 182 40.08 -28.83 -1.98
CA SER E 182 40.39 -27.47 -2.41
C SER E 182 41.90 -27.29 -2.45
N ARG E 183 42.54 -27.49 -1.31
CA ARG E 183 44.00 -27.37 -1.20
C ARG E 183 44.66 -28.03 -2.39
N ASP E 184 44.33 -29.31 -2.62
CA ASP E 184 44.91 -30.06 -3.73
C ASP E 184 44.69 -29.35 -5.04
N ALA E 185 43.44 -28.92 -5.25
CA ALA E 185 43.06 -28.21 -6.47
C ALA E 185 43.87 -26.91 -6.55
N PHE E 186 43.99 -26.23 -5.42
CA PHE E 186 44.74 -25.00 -5.35
C PHE E 186 46.21 -25.21 -5.67
N ASP E 187 46.74 -26.38 -5.36
CA ASP E 187 48.14 -26.64 -5.65
C ASP E 187 48.36 -27.29 -7.01
N SER E 188 47.28 -27.77 -7.62
CA SER E 188 47.37 -28.40 -8.93
C SER E 188 47.90 -27.42 -9.97
N ARG E 189 47.44 -26.17 -9.91
CA ARG E 189 47.88 -25.14 -10.84
C ARG E 189 48.97 -24.33 -10.15
N LYS E 190 50.15 -24.29 -10.74
CA LYS E 190 51.24 -23.54 -10.12
C LYS E 190 51.12 -22.05 -10.38
N GLU E 191 50.35 -21.69 -11.39
CA GLU E 191 50.13 -20.28 -11.72
C GLU E 191 49.36 -19.66 -10.55
N GLN E 192 48.46 -20.44 -9.97
CA GLN E 192 47.66 -19.97 -8.85
C GLN E 192 48.36 -20.15 -7.51
N ALA E 193 49.09 -21.24 -7.36
CA ALA E 193 49.77 -21.49 -6.11
C ALA E 193 50.95 -20.57 -5.89
N GLU E 194 51.47 -19.98 -6.97
CA GLU E 194 52.61 -19.07 -6.84
C GLU E 194 52.18 -17.62 -6.66
N ASN E 195 50.94 -17.30 -7.01
CA ASN E 195 50.48 -15.93 -6.90
C ASN E 195 49.35 -15.63 -5.91
N ALA E 196 48.43 -16.57 -5.72
CA ALA E 196 47.32 -16.34 -4.81
C ALA E 196 47.55 -16.99 -3.47
N ALA E 197 46.58 -16.82 -2.58
CA ALA E 197 46.66 -17.42 -1.26
C ALA E 197 45.39 -18.22 -1.03
N LEU E 198 45.45 -19.16 -0.10
CA LEU E 198 44.28 -19.97 0.20
C LEU E 198 43.90 -19.89 1.67
N PHE E 199 42.60 -19.71 1.92
CA PHE E 199 42.07 -19.64 3.28
C PHE E 199 41.14 -20.84 3.53
N GLY E 200 41.14 -21.34 4.77
CA GLY E 200 40.28 -22.44 5.10
C GLY E 200 39.16 -21.93 5.99
N ILE E 201 38.01 -22.55 5.94
CA ILE E 201 36.89 -22.09 6.76
C ILE E 201 36.52 -23.08 7.84
N GLN E 202 36.45 -22.61 9.08
CA GLN E 202 36.08 -23.45 10.20
C GLN E 202 34.58 -23.42 10.36
N GLN E 203 33.97 -24.59 10.51
CA GLN E 203 32.52 -24.68 10.69
C GLN E 203 32.27 -25.33 12.04
N GLY E 204 31.06 -25.82 12.26
CA GLY E 204 30.74 -26.45 13.53
C GLY E 204 29.75 -25.66 14.37
N SER E 205 29.02 -24.77 13.72
CA SER E 205 28.04 -23.94 14.39
C SER E 205 28.49 -23.47 15.77
N VAL E 206 27.64 -23.68 16.77
CA VAL E 206 27.95 -23.23 18.13
C VAL E 206 28.51 -24.28 19.08
N PHE E 207 28.83 -25.47 18.55
CA PHE E 207 29.38 -26.56 19.37
C PHE E 207 30.89 -26.51 19.30
N GLU E 208 31.54 -26.29 20.44
CA GLU E 208 32.99 -26.19 20.42
C GLU E 208 33.76 -27.46 20.15
N ASN E 209 33.31 -28.58 20.72
CA ASN E 209 34.02 -29.83 20.51
C ASN E 209 34.17 -30.01 19.00
N LEU E 210 33.20 -29.48 18.27
CA LEU E 210 33.18 -29.55 16.81
C LEU E 210 34.05 -28.46 16.19
N ARG E 211 34.00 -27.26 16.76
CA ARG E 211 34.81 -26.16 16.27
C ARG E 211 36.26 -26.61 16.41
N GLN E 212 36.51 -27.44 17.42
CA GLN E 212 37.86 -27.94 17.67
C GLN E 212 38.31 -28.81 16.53
N GLN E 213 37.54 -29.84 16.22
CA GLN E 213 37.88 -30.76 15.13
C GLN E 213 38.19 -30.00 13.84
N SER E 214 37.26 -29.13 13.46
CA SER E 214 37.40 -28.33 12.24
C SER E 214 38.74 -27.60 12.24
N ALA E 215 39.05 -26.97 13.36
CA ALA E 215 40.30 -26.26 13.48
C ALA E 215 41.44 -27.20 13.13
N ASP E 216 41.50 -28.32 13.85
CA ASP E 216 42.54 -29.33 13.64
C ASP E 216 42.61 -29.83 12.20
N ALA E 217 41.46 -30.17 11.65
CA ALA E 217 41.38 -30.64 10.27
C ALA E 217 42.03 -29.59 9.38
N LEU E 218 41.66 -28.33 9.60
CA LEU E 218 42.20 -27.21 8.84
C LEU E 218 43.69 -27.05 9.07
N ALA E 219 44.12 -27.11 10.33
CA ALA E 219 45.52 -26.97 10.65
C ALA E 219 46.37 -28.08 10.01
N GLU E 220 45.82 -29.29 9.93
CA GLU E 220 46.53 -30.42 9.33
C GLU E 220 46.80 -30.17 7.84
N ILE E 221 45.73 -29.83 7.11
CA ILE E 221 45.85 -29.57 5.69
C ILE E 221 46.90 -28.49 5.42
N GLY E 222 46.72 -27.32 6.03
CA GLY E 222 47.65 -26.23 5.85
C GLY E 222 47.11 -25.12 4.97
N PHE E 223 46.88 -23.96 5.57
CA PHE E 223 46.36 -22.83 4.84
C PHE E 223 47.13 -21.55 5.16
N ASP E 224 46.94 -20.53 4.32
CA ASP E 224 47.61 -19.26 4.48
C ASP E 224 46.84 -18.38 5.46
N GLY E 225 45.54 -18.67 5.60
CA GLY E 225 44.72 -17.90 6.50
C GLY E 225 43.52 -18.73 6.93
N TYR E 226 43.05 -18.53 8.16
CA TYR E 226 41.91 -19.27 8.66
C TYR E 226 40.75 -18.33 8.95
N ALA E 227 39.57 -18.74 8.50
CA ALA E 227 38.39 -17.95 8.68
C ALA E 227 37.33 -18.71 9.45
N VAL E 228 36.66 -18.00 10.37
CA VAL E 228 35.60 -18.57 11.17
C VAL E 228 34.30 -18.33 10.43
N GLY E 229 33.70 -19.38 9.88
CA GLY E 229 32.45 -19.20 9.18
C GLY E 229 31.28 -19.82 9.94
N GLY E 230 30.10 -19.75 9.35
CA GLY E 230 28.94 -20.34 9.99
C GLY E 230 28.37 -19.54 11.13
N LEU E 231 29.01 -18.42 11.46
CA LEU E 231 28.53 -17.55 12.53
C LEU E 231 27.74 -16.40 11.92
N ALA E 232 27.20 -15.53 12.79
CA ALA E 232 26.40 -14.37 12.36
C ALA E 232 25.33 -14.85 11.39
N VAL E 233 24.98 -16.12 11.52
CA VAL E 233 23.98 -16.75 10.69
C VAL E 233 22.65 -16.74 11.48
N GLY E 234 22.51 -15.78 12.38
CA GLY E 234 21.29 -15.66 13.14
C GLY E 234 21.30 -16.29 14.51
N GLU E 235 22.34 -16.05 15.31
CA GLU E 235 22.37 -16.61 16.65
C GLU E 235 22.59 -15.50 17.66
N GLY E 236 22.49 -14.27 17.19
CA GLY E 236 22.66 -13.13 18.06
C GLY E 236 24.13 -12.89 18.37
N GLN E 237 24.45 -11.66 18.77
CA GLN E 237 25.82 -11.27 19.09
C GLN E 237 26.31 -12.10 20.25
N ASP E 238 25.44 -12.22 21.25
CA ASP E 238 25.73 -12.97 22.45
C ASP E 238 26.32 -14.32 22.10
N GLU E 239 25.54 -15.17 21.45
CA GLU E 239 26.03 -16.48 21.09
C GLU E 239 27.32 -16.44 20.31
N MET E 240 27.36 -15.60 19.26
CA MET E 240 28.55 -15.47 18.41
C MET E 240 29.80 -15.15 19.19
N PHE E 241 29.76 -14.10 20.00
CA PHE E 241 30.92 -13.74 20.81
C PHE E 241 31.28 -14.93 21.68
N ARG E 242 30.27 -15.55 22.28
CA ARG E 242 30.47 -16.71 23.13
C ARG E 242 31.29 -17.77 22.40
N VAL E 243 30.98 -17.97 21.12
CA VAL E 243 31.70 -18.95 20.33
C VAL E 243 33.09 -18.46 19.96
N LEU E 244 33.18 -17.22 19.48
CA LEU E 244 34.47 -16.65 19.11
C LEU E 244 35.45 -16.72 20.28
N ASP E 245 34.90 -16.69 21.49
CA ASP E 245 35.72 -16.73 22.69
C ASP E 245 36.65 -17.95 22.78
N PHE E 246 36.21 -19.08 22.23
CA PHE E 246 37.03 -20.29 22.27
C PHE E 246 37.40 -20.75 20.87
N SER E 247 36.69 -20.24 19.88
CA SER E 247 36.96 -20.63 18.51
C SER E 247 38.23 -20.01 17.95
N VAL E 248 38.32 -18.69 17.98
CA VAL E 248 39.49 -17.99 17.46
C VAL E 248 40.81 -18.51 18.02
N PRO E 249 40.83 -18.89 19.30
CA PRO E 249 42.05 -19.40 19.95
C PRO E 249 42.52 -20.77 19.44
N MET E 250 41.58 -21.56 18.92
CA MET E 250 41.91 -22.88 18.39
C MET E 250 42.72 -22.74 17.12
N LEU E 251 42.50 -21.64 16.42
CA LEU E 251 43.17 -21.35 15.15
C LEU E 251 44.59 -20.83 15.30
N PRO E 252 45.48 -21.21 14.37
CA PRO E 252 46.88 -20.84 14.30
C PRO E 252 47.06 -19.35 14.53
N ASP E 253 47.69 -18.98 15.63
CA ASP E 253 47.86 -17.59 15.94
C ASP E 253 48.69 -16.75 14.96
N ASP E 254 49.69 -17.35 14.31
CA ASP E 254 50.54 -16.58 13.41
C ASP E 254 49.98 -16.40 12.01
N LYS E 255 48.73 -16.79 11.82
CA LYS E 255 48.08 -16.63 10.53
C LYS E 255 46.87 -15.74 10.73
N PRO E 256 46.45 -15.02 9.68
CA PRO E 256 45.28 -14.16 9.88
C PRO E 256 43.97 -14.89 10.14
N HIS E 257 43.13 -14.29 10.96
CA HIS E 257 41.81 -14.82 11.32
C HIS E 257 40.76 -13.94 10.63
N TYR E 258 39.85 -14.56 9.90
CA TYR E 258 38.83 -13.81 9.17
C TYR E 258 37.39 -14.23 9.46
N LEU E 259 36.64 -13.32 10.05
CA LEU E 259 35.24 -13.58 10.39
C LEU E 259 34.37 -13.18 9.20
N MET E 260 33.82 -14.16 8.50
CA MET E 260 32.99 -13.93 7.33
C MET E 260 31.58 -13.43 7.61
N GLY E 261 31.13 -12.48 6.79
CA GLY E 261 29.78 -11.98 6.92
C GLY E 261 29.50 -11.07 8.08
N VAL E 262 30.31 -11.14 9.13
CA VAL E 262 30.06 -10.26 10.26
C VAL E 262 30.41 -8.82 9.89
N GLY E 263 29.68 -7.90 10.49
CA GLY E 263 29.95 -6.52 10.19
C GLY E 263 28.81 -5.65 10.67
N LYS E 264 29.01 -5.05 11.82
CA LYS E 264 28.04 -4.15 12.40
C LYS E 264 28.96 -3.56 13.43
N PRO E 265 29.22 -2.25 13.33
CA PRO E 265 30.10 -1.53 14.24
C PRO E 265 30.41 -2.28 15.55
N ASP E 266 29.41 -2.48 16.39
CA ASP E 266 29.62 -3.19 17.65
C ASP E 266 30.08 -4.64 17.47
N ASP E 267 29.58 -5.32 16.44
CA ASP E 267 30.01 -6.70 16.19
C ASP E 267 31.52 -6.70 15.93
N ILE E 268 31.92 -5.99 14.87
CA ILE E 268 33.32 -5.87 14.49
C ILE E 268 34.20 -5.55 15.69
N VAL E 269 33.87 -4.48 16.41
CA VAL E 269 34.64 -4.10 17.58
C VAL E 269 34.78 -5.25 18.58
N GLY E 270 33.70 -6.02 18.75
CA GLY E 270 33.73 -7.14 19.67
C GLY E 270 34.57 -8.28 19.13
N ALA E 271 34.37 -8.59 17.86
CA ALA E 271 35.11 -9.67 17.23
C ALA E 271 36.61 -9.39 17.24
N VAL E 272 36.99 -8.12 17.16
CA VAL E 272 38.41 -7.79 17.17
C VAL E 272 38.96 -8.13 18.55
N GLU E 273 38.22 -7.78 19.59
CA GLU E 273 38.66 -8.11 20.94
C GLU E 273 38.79 -9.63 21.08
N ARG E 274 37.96 -10.36 20.35
CA ARG E 274 38.00 -11.82 20.37
C ARG E 274 39.16 -12.37 19.51
N GLY E 275 39.77 -11.54 18.69
CA GLY E 275 40.89 -11.97 17.88
C GLY E 275 40.73 -12.03 16.38
N ILE E 276 39.72 -11.37 15.83
CA ILE E 276 39.55 -11.41 14.38
C ILE E 276 40.40 -10.37 13.69
N ASP E 277 40.85 -10.72 12.49
CA ASP E 277 41.73 -9.84 11.71
C ASP E 277 41.09 -9.27 10.46
N MET E 278 40.13 -10.00 9.88
CA MET E 278 39.47 -9.56 8.67
C MET E 278 37.96 -9.68 8.74
N PHE E 279 37.27 -8.76 8.08
CA PHE E 279 35.82 -8.72 8.03
C PHE E 279 35.29 -8.45 6.62
N ASP E 280 34.14 -9.03 6.31
CA ASP E 280 33.48 -8.82 5.04
C ASP E 280 31.97 -8.90 5.33
N CYS E 281 31.22 -7.89 4.89
CA CYS E 281 29.79 -7.86 5.16
C CYS E 281 28.97 -6.93 4.27
N VAL E 282 27.77 -7.36 3.97
CA VAL E 282 26.86 -6.60 3.11
C VAL E 282 26.24 -5.34 3.70
N LEU E 283 26.03 -5.33 5.01
CA LEU E 283 25.42 -4.20 5.67
C LEU E 283 25.68 -2.80 5.14
N PRO E 284 26.91 -2.28 5.27
CA PRO E 284 27.17 -0.91 4.79
C PRO E 284 26.69 -0.59 3.38
N THR E 285 26.94 -1.47 2.43
CA THR E 285 26.50 -1.21 1.08
C THR E 285 24.99 -1.39 0.86
N ARG E 286 24.38 -2.36 1.55
CA ARG E 286 22.94 -2.62 1.41
C ARG E 286 22.16 -1.52 2.13
N SER E 287 22.49 -1.28 3.39
CA SER E 287 21.84 -0.25 4.18
C SER E 287 21.96 1.15 3.55
N GLY E 288 23.07 1.39 2.85
CA GLY E 288 23.22 2.68 2.22
C GLY E 288 22.12 2.80 1.19
N ARG E 289 22.08 1.81 0.30
CA ARG E 289 21.08 1.74 -0.75
C ARG E 289 19.67 1.88 -0.21
N ASN E 290 19.40 1.25 0.93
CA ASN E 290 18.08 1.28 1.54
C ASN E 290 17.78 2.62 2.22
N GLY E 291 18.76 3.18 2.92
CA GLY E 291 18.56 4.45 3.59
C GLY E 291 19.10 4.55 5.01
N GLN E 292 19.80 3.52 5.45
CA GLN E 292 20.35 3.51 6.80
C GLN E 292 21.79 3.94 6.70
N ALA E 293 22.20 4.86 7.58
CA ALA E 293 23.57 5.35 7.60
C ALA E 293 24.23 5.02 8.94
N PHE E 294 25.51 4.66 8.90
CA PHE E 294 26.24 4.32 10.12
C PHE E 294 27.09 5.48 10.62
N THR E 295 26.85 5.90 11.85
CA THR E 295 27.59 7.01 12.43
C THR E 295 28.08 6.67 13.82
N TRP E 296 29.03 7.47 14.29
CA TRP E 296 29.59 7.26 15.63
C TRP E 296 28.53 7.30 16.73
N ASP E 297 27.38 7.83 16.39
CA ASP E 297 26.30 7.91 17.34
C ASP E 297 25.19 6.92 17.04
N GLY E 298 25.58 5.73 16.59
CA GLY E 298 24.61 4.70 16.26
C GLY E 298 24.08 4.81 14.85
N PRO E 299 23.23 3.86 14.46
CA PRO E 299 22.64 3.88 13.12
C PRO E 299 21.53 4.92 13.07
N ILE E 300 21.30 5.50 11.90
CA ILE E 300 20.23 6.46 11.73
C ILE E 300 19.57 6.13 10.41
N ASN E 301 18.25 6.28 10.36
CA ASN E 301 17.50 6.00 9.13
C ASN E 301 17.16 7.34 8.51
N ILE E 302 17.98 7.79 7.58
CA ILE E 302 17.83 9.09 6.94
C ILE E 302 16.42 9.37 6.38
N ARG E 303 15.57 8.36 6.37
CA ARG E 303 14.21 8.54 5.84
C ARG E 303 13.28 9.28 6.79
N ASN E 304 13.62 9.27 8.07
CA ASN E 304 12.82 9.92 9.12
C ASN E 304 12.46 11.37 8.86
N ALA E 305 11.30 11.75 9.37
CA ALA E 305 10.79 13.10 9.19
C ALA E 305 11.71 14.18 9.70
N ARG E 306 12.42 13.86 10.78
CA ARG E 306 13.33 14.82 11.41
C ARG E 306 14.40 15.38 10.50
N PHE E 307 15.03 14.51 9.73
CA PHE E 307 16.10 14.92 8.82
C PHE E 307 15.66 15.79 7.66
N SER E 308 14.36 15.91 7.43
CA SER E 308 13.87 16.70 6.32
C SER E 308 14.52 18.06 6.19
N GLU E 309 14.80 18.72 7.30
CA GLU E 309 15.41 20.03 7.24
C GLU E 309 16.73 20.11 7.99
N ASP E 310 17.34 18.96 8.23
CA ASP E 310 18.61 18.89 8.93
C ASP E 310 19.76 19.25 8.01
N LEU E 311 20.45 20.34 8.31
CA LEU E 311 21.56 20.82 7.48
C LEU E 311 22.91 20.26 7.85
N LYS E 312 22.99 19.42 8.88
CA LYS E 312 24.26 18.83 9.26
C LYS E 312 24.56 17.63 8.37
N PRO E 313 25.82 17.15 8.35
CA PRO E 313 26.19 16.00 7.54
C PRO E 313 25.85 14.71 8.30
N LEU E 314 25.76 13.59 7.61
CA LEU E 314 25.43 12.30 8.21
C LEU E 314 26.13 12.08 9.55
N ASP E 315 27.38 12.50 9.62
CA ASP E 315 28.17 12.37 10.86
C ASP E 315 29.19 13.51 10.93
N SER E 316 29.08 14.33 11.97
CA SER E 316 29.96 15.46 12.10
C SER E 316 31.41 15.15 12.41
N GLU E 317 31.72 13.88 12.63
CA GLU E 317 33.09 13.46 12.91
C GLU E 317 33.67 12.90 11.62
N CYS E 318 32.79 12.39 10.77
CA CYS E 318 33.20 11.79 9.49
C CYS E 318 34.03 12.70 8.58
N HIS E 319 34.88 12.08 7.76
CA HIS E 319 35.74 12.79 6.83
C HIS E 319 35.29 12.62 5.37
N CYS E 320 34.53 11.55 5.10
CA CYS E 320 34.06 11.22 3.74
C CYS E 320 33.52 12.41 2.95
N ALA E 321 33.78 12.38 1.65
CA ALA E 321 33.41 13.42 0.71
C ALA E 321 31.96 13.80 0.78
N VAL E 322 31.12 12.83 1.15
CA VAL E 322 29.70 13.08 1.28
C VAL E 322 29.51 14.09 2.40
N CYS E 323 30.00 13.73 3.58
CA CYS E 323 29.88 14.60 4.73
C CYS E 323 30.75 15.85 4.57
N GLN E 324 31.28 16.07 3.38
CA GLN E 324 32.10 17.24 3.16
C GLN E 324 31.31 18.26 2.37
N LYS E 325 30.37 17.76 1.56
CA LYS E 325 29.58 18.63 0.71
C LYS E 325 28.06 18.51 0.86
N TRP E 326 27.56 17.41 1.40
CA TRP E 326 26.11 17.28 1.54
C TRP E 326 25.59 17.13 2.95
N SER E 327 24.34 17.55 3.09
CA SER E 327 23.60 17.56 4.35
C SER E 327 22.58 16.44 4.49
N ARG E 328 22.17 16.19 5.73
CA ARG E 328 21.17 15.16 5.94
C ARG E 328 20.01 15.50 5.02
N ALA E 329 19.56 16.75 5.11
CA ALA E 329 18.45 17.27 4.32
C ALA E 329 18.43 16.81 2.88
N TYR E 330 19.54 16.96 2.20
CA TYR E 330 19.61 16.57 0.80
C TYR E 330 19.55 15.05 0.62
N ILE E 331 20.29 14.31 1.43
CA ILE E 331 20.26 12.85 1.29
C ILE E 331 18.85 12.32 1.57
N HIS E 332 18.12 13.04 2.42
CA HIS E 332 16.74 12.73 2.80
C HIS E 332 15.90 12.86 1.51
N HIS E 333 15.94 14.04 0.92
CA HIS E 333 15.22 14.25 -0.30
C HIS E 333 15.52 13.07 -1.24
N LEU E 334 16.78 12.98 -1.67
CA LEU E 334 17.27 11.93 -2.55
C LEU E 334 16.73 10.54 -2.27
N ILE E 335 17.11 9.98 -1.13
CA ILE E 335 16.65 8.65 -0.80
C ILE E 335 15.15 8.50 -0.84
N ARG E 336 14.47 9.39 -0.11
CA ARG E 336 13.01 9.40 -0.01
C ARG E 336 12.38 9.46 -1.37
N ALA E 337 13.00 10.30 -2.21
CA ALA E 337 12.57 10.52 -3.57
C ALA E 337 12.90 9.34 -4.47
N GLY E 338 13.83 8.49 -4.06
CA GLY E 338 14.16 7.36 -4.91
C GLY E 338 15.25 7.63 -5.93
N GLU E 339 16.14 8.57 -5.63
CA GLU E 339 17.24 8.90 -6.52
C GLU E 339 18.37 7.92 -6.40
N ILE E 340 19.18 7.82 -7.46
CA ILE E 340 20.34 6.94 -7.44
C ILE E 340 21.48 7.64 -6.70
N LEU E 341 21.51 8.98 -6.82
CA LEU E 341 22.54 9.75 -6.15
C LEU E 341 22.38 9.54 -4.64
N GLY E 342 21.22 9.00 -4.27
CA GLY E 342 20.94 8.71 -2.88
C GLY E 342 21.76 7.50 -2.49
N ALA E 343 21.52 6.40 -3.18
CA ALA E 343 22.24 5.15 -2.94
C ALA E 343 23.74 5.42 -3.04
N MET E 344 24.09 6.20 -4.06
CA MET E 344 25.49 6.54 -4.29
C MET E 344 26.05 7.22 -3.08
N LEU E 345 25.41 8.31 -2.64
CA LEU E 345 25.90 9.10 -1.51
C LEU E 345 25.93 8.36 -0.18
N MET E 346 24.88 7.61 0.12
CA MET E 346 24.80 6.85 1.37
C MET E 346 25.95 5.85 1.48
N THR E 347 25.99 4.90 0.55
CA THR E 347 27.02 3.87 0.53
C THR E 347 28.43 4.38 0.74
N GLU E 348 28.81 5.44 0.01
CA GLU E 348 30.15 5.99 0.17
C GLU E 348 30.39 6.38 1.63
N HIS E 349 29.41 7.04 2.25
CA HIS E 349 29.60 7.43 3.65
C HIS E 349 29.73 6.19 4.51
N ASN E 350 28.78 5.27 4.35
CA ASN E 350 28.78 4.02 5.10
C ASN E 350 30.11 3.31 5.03
N ILE E 351 30.63 3.11 3.82
CA ILE E 351 31.91 2.44 3.64
C ILE E 351 33.07 3.22 4.27
N ALA E 352 33.12 4.52 4.02
CA ALA E 352 34.17 5.34 4.60
C ALA E 352 34.04 5.21 6.11
N PHE E 353 32.82 5.14 6.61
CA PHE E 353 32.68 5.03 8.03
C PHE E 353 33.32 3.74 8.50
N TYR E 354 32.92 2.63 7.89
CA TYR E 354 33.50 1.35 8.30
C TYR E 354 35.02 1.46 8.26
N GLN E 355 35.55 2.01 7.17
CA GLN E 355 36.98 2.17 7.01
C GLN E 355 37.55 3.02 8.13
N GLN E 356 36.90 4.17 8.40
CA GLN E 356 37.35 5.08 9.44
C GLN E 356 37.38 4.39 10.77
N LEU E 357 36.41 3.50 10.99
CA LEU E 357 36.34 2.74 12.24
C LEU E 357 37.47 1.75 12.32
N MET E 358 37.63 0.97 11.25
CA MET E 358 38.68 -0.02 11.20
C MET E 358 39.96 0.76 11.44
N GLN E 359 40.08 1.94 10.85
CA GLN E 359 41.28 2.74 11.06
C GLN E 359 41.48 3.06 12.54
N LYS E 360 40.46 3.62 13.19
CA LYS E 360 40.57 3.95 14.64
C LYS E 360 41.04 2.72 15.41
N ILE E 361 40.46 1.56 15.10
CA ILE E 361 40.83 0.33 15.78
C ILE E 361 42.33 0.07 15.63
N ARG E 362 42.83 0.10 14.39
CA ARG E 362 44.24 -0.15 14.15
C ARG E 362 45.15 0.81 14.92
N ASP E 363 44.75 2.07 15.02
CA ASP E 363 45.56 3.06 15.73
C ASP E 363 45.48 2.91 17.24
N SER E 364 44.36 2.38 17.75
CA SER E 364 44.22 2.23 19.18
C SER E 364 44.93 0.99 19.66
N ILE E 365 45.10 0.02 18.77
CA ILE E 365 45.79 -1.22 19.10
C ILE E 365 47.27 -0.91 19.06
N SER E 366 47.66 -0.07 18.10
CA SER E 366 49.04 0.32 17.95
C SER E 366 49.48 1.14 19.14
N GLU E 367 48.55 1.92 19.69
CA GLU E 367 48.85 2.76 20.83
C GLU E 367 48.49 2.09 22.14
N GLY E 368 48.17 0.81 22.07
CA GLY E 368 47.83 0.05 23.25
C GLY E 368 46.75 0.68 24.11
N ARG E 369 45.66 1.08 23.48
CA ARG E 369 44.54 1.69 24.18
C ARG E 369 43.25 1.22 23.51
N PHE E 370 43.30 0.04 22.91
CA PHE E 370 42.16 -0.49 22.22
C PHE E 370 41.00 -0.85 23.11
N SER E 371 41.28 -1.18 24.36
CA SER E 371 40.21 -1.53 25.28
C SER E 371 39.41 -0.28 25.69
N GLN E 372 40.12 0.80 25.92
CA GLN E 372 39.48 2.05 26.28
C GLN E 372 38.59 2.45 25.13
N PHE E 373 39.18 2.46 23.93
CA PHE E 373 38.47 2.82 22.71
C PHE E 373 37.19 2.00 22.54
N ALA E 374 37.33 0.68 22.60
CA ALA E 374 36.20 -0.19 22.46
C ALA E 374 35.11 0.19 23.45
N GLN E 375 35.48 0.46 24.69
CA GLN E 375 34.48 0.81 25.67
C GLN E 375 33.79 2.12 25.32
N ASP E 376 34.59 3.15 25.02
CA ASP E 376 34.03 4.44 24.67
C ASP E 376 33.13 4.35 23.44
N PHE E 377 33.47 3.44 22.53
CA PHE E 377 32.70 3.25 21.31
C PHE E 377 31.30 2.76 21.62
N ARG E 378 31.20 1.56 22.21
CA ARG E 378 29.90 0.98 22.55
C ARG E 378 29.10 2.01 23.31
N ALA E 379 29.77 2.74 24.20
CA ALA E 379 29.13 3.77 25.00
C ALA E 379 28.34 4.75 24.12
N ARG E 380 29.07 5.60 23.43
CA ARG E 380 28.49 6.60 22.54
C ARG E 380 27.62 6.05 21.43
N TYR E 381 28.04 4.94 20.84
CA TYR E 381 27.32 4.31 19.74
C TYR E 381 25.95 3.82 20.16
N PHE E 382 25.87 3.36 21.39
CA PHE E 382 24.62 2.88 21.92
C PHE E 382 23.82 3.95 22.63
N ALA E 383 24.42 5.13 22.75
CA ALA E 383 23.72 6.25 23.37
C ALA E 383 22.70 6.65 22.31
N ARG E 384 23.22 6.83 21.11
CA ARG E 384 22.40 7.19 19.97
C ARG E 384 21.94 8.63 20.01
N ASN E 385 22.85 9.53 20.38
CA ASN E 385 22.51 10.93 20.40
C ASN E 385 22.96 11.52 19.09
N SER E 386 22.11 11.39 18.08
CA SER E 386 22.41 11.87 16.74
C SER E 386 21.53 13.03 16.28
N ARG F 11 30.93 38.35 -13.50
CA ARG F 11 30.63 39.60 -12.76
C ARG F 11 29.27 40.18 -13.13
N PRO F 12 28.95 40.30 -14.43
CA PRO F 12 27.67 40.85 -14.85
C PRO F 12 26.47 39.97 -14.55
N ARG F 13 25.27 40.56 -14.57
CA ARG F 13 24.04 39.83 -14.29
C ARG F 13 23.72 38.92 -15.47
N PHE F 14 23.82 39.48 -16.67
CA PHE F 14 23.55 38.72 -17.88
C PHE F 14 24.28 39.45 -18.99
N SER F 15 25.02 38.72 -19.81
CA SER F 15 25.77 39.36 -20.88
C SER F 15 26.13 38.39 -21.99
N PHE F 16 25.21 38.25 -22.94
CA PHE F 16 25.41 37.38 -24.10
C PHE F 16 26.30 38.10 -25.09
N SER F 17 27.19 37.36 -25.75
CA SER F 17 28.11 37.94 -26.71
C SER F 17 28.47 37.00 -27.84
N ILE F 18 27.88 37.21 -29.01
CA ILE F 18 28.17 36.37 -30.16
C ILE F 18 29.63 36.64 -30.49
N ALA F 19 30.38 35.61 -30.88
CA ALA F 19 31.80 35.79 -31.17
C ALA F 19 32.23 35.34 -32.56
N ALA F 20 31.35 34.65 -33.26
CA ALA F 20 31.67 34.16 -34.59
C ALA F 20 30.39 33.56 -35.14
N ARG F 21 30.16 33.74 -36.44
CA ARG F 21 28.95 33.23 -37.06
C ARG F 21 29.28 32.26 -38.19
N GLU F 22 28.24 31.59 -38.66
CA GLU F 22 28.36 30.62 -39.73
C GLU F 22 26.93 30.44 -40.22
N GLY F 23 26.39 31.47 -40.86
CA GLY F 23 25.02 31.39 -41.31
C GLY F 23 24.15 31.66 -40.12
N LYS F 24 22.92 31.17 -40.15
CA LYS F 24 22.01 31.41 -39.05
C LYS F 24 22.62 30.94 -37.74
N ALA F 25 23.62 30.08 -37.86
CA ALA F 25 24.30 29.51 -36.70
C ALA F 25 25.32 30.45 -36.11
N ARG F 26 25.51 30.37 -34.81
CA ARG F 26 26.49 31.22 -34.14
C ARG F 26 26.96 30.64 -32.81
N THR F 27 28.17 31.02 -32.41
CA THR F 27 28.75 30.56 -31.14
C THR F 27 29.27 31.75 -30.33
N GLY F 28 29.14 31.66 -29.01
CA GLY F 28 29.61 32.72 -28.14
C GLY F 28 29.62 32.29 -26.69
N THR F 29 29.26 33.21 -25.80
CA THR F 29 29.24 32.93 -24.38
C THR F 29 28.27 33.89 -23.67
N ILE F 30 27.59 33.38 -22.65
CA ILE F 30 26.66 34.16 -21.85
C ILE F 30 27.26 34.32 -20.47
N GLU F 31 27.85 35.48 -20.23
CA GLU F 31 28.50 35.75 -18.95
C GLU F 31 27.44 35.95 -17.86
N MET F 32 27.43 35.02 -16.92
CA MET F 32 26.48 35.06 -15.82
C MET F 32 27.26 35.37 -14.57
N LYS F 33 26.56 35.52 -13.45
CA LYS F 33 27.23 35.82 -12.18
C LYS F 33 27.95 34.60 -11.61
N ARG F 34 27.21 33.52 -11.38
CA ARG F 34 27.81 32.30 -10.86
C ARG F 34 28.66 31.58 -11.91
N GLY F 35 28.84 32.17 -13.08
CA GLY F 35 29.65 31.51 -14.09
C GLY F 35 29.44 31.95 -15.52
N VAL F 36 30.24 31.39 -16.41
CA VAL F 36 30.16 31.70 -17.84
C VAL F 36 29.65 30.49 -18.58
N ILE F 37 28.70 30.71 -19.50
CA ILE F 37 28.09 29.65 -20.30
C ILE F 37 28.50 29.68 -21.77
N ARG F 38 29.37 28.76 -22.16
CA ARG F 38 29.83 28.67 -23.54
C ARG F 38 28.70 28.15 -24.39
N THR F 39 28.29 28.94 -25.37
CA THR F 39 27.21 28.58 -26.26
C THR F 39 27.66 28.48 -27.72
N PRO F 40 26.97 27.65 -28.54
CA PRO F 40 25.82 26.80 -28.22
C PRO F 40 26.14 25.92 -27.02
N ALA F 41 25.15 25.56 -26.24
CA ALA F 41 25.42 24.74 -25.06
C ALA F 41 24.29 23.77 -24.75
N PHE F 42 24.64 22.59 -24.25
CA PHE F 42 23.63 21.62 -23.89
C PHE F 42 23.60 21.60 -22.39
N MET F 43 22.41 21.61 -21.82
CA MET F 43 22.26 21.61 -20.38
C MET F 43 21.72 20.30 -19.85
N PRO F 44 22.51 19.62 -19.02
CA PRO F 44 22.07 18.35 -18.45
C PRO F 44 20.84 18.65 -17.61
N VAL F 45 19.83 17.79 -17.71
CA VAL F 45 18.60 17.97 -16.97
C VAL F 45 18.64 17.33 -15.59
N GLY F 46 18.56 18.16 -14.55
CA GLY F 46 18.59 17.66 -13.18
C GLY F 46 17.23 17.74 -12.54
N THR F 47 16.44 16.67 -12.68
CA THR F 47 15.09 16.63 -12.13
C THR F 47 14.95 16.96 -10.65
N ALA F 48 14.86 15.94 -9.80
CA ALA F 48 14.68 16.18 -8.36
C ALA F 48 15.93 16.69 -7.67
N ALA F 49 16.46 17.81 -8.16
CA ALA F 49 17.66 18.45 -7.61
C ALA F 49 18.92 17.59 -7.70
N THR F 50 19.00 16.80 -8.76
CA THR F 50 20.12 15.93 -8.98
C THR F 50 20.08 15.49 -10.43
N VAL F 51 21.23 15.31 -11.04
CA VAL F 51 21.31 14.86 -12.43
C VAL F 51 21.43 13.35 -12.41
N LYS F 52 20.29 12.68 -12.57
CA LYS F 52 20.18 11.22 -12.56
C LYS F 52 21.47 10.40 -12.52
N ALA F 53 21.90 10.09 -11.29
CA ALA F 53 23.08 9.26 -11.02
C ALA F 53 24.46 9.86 -11.29
N LEU F 54 24.68 11.08 -10.85
CA LEU F 54 25.95 11.75 -11.04
C LEU F 54 26.13 12.82 -9.98
N LYS F 55 27.34 12.93 -9.44
CA LYS F 55 27.61 13.96 -8.46
C LYS F 55 27.72 15.22 -9.30
N PRO F 56 27.49 16.39 -8.70
CA PRO F 56 27.57 17.64 -9.46
C PRO F 56 28.92 17.78 -10.14
N GLU F 57 29.97 17.44 -9.40
CA GLU F 57 31.36 17.50 -9.87
C GLU F 57 31.58 16.67 -11.11
N THR F 58 30.93 15.52 -11.19
CA THR F 58 31.07 14.68 -12.37
C THR F 58 30.46 15.41 -13.55
N VAL F 59 29.39 16.15 -13.31
CA VAL F 59 28.74 16.88 -14.38
C VAL F 59 29.68 17.97 -14.86
N ARG F 60 30.12 18.82 -13.92
CA ARG F 60 31.04 19.87 -14.29
C ARG F 60 32.26 19.26 -14.97
N ALA F 61 32.60 18.02 -14.60
CA ALA F 61 33.73 17.31 -15.19
C ALA F 61 33.54 17.10 -16.68
N THR F 62 32.34 16.70 -17.07
CA THR F 62 32.01 16.46 -18.47
C THR F 62 32.05 17.78 -19.22
N GLY F 63 32.14 18.89 -18.50
CA GLY F 63 32.22 20.18 -19.16
C GLY F 63 30.95 20.99 -19.27
N ALA F 64 29.87 20.55 -18.64
CA ALA F 64 28.62 21.29 -18.69
C ALA F 64 28.82 22.58 -17.91
N ASP F 65 28.29 23.69 -18.42
CA ASP F 65 28.44 24.95 -17.73
C ASP F 65 27.18 25.36 -16.99
N ILE F 66 26.09 24.63 -17.20
CA ILE F 66 24.82 24.95 -16.55
C ILE F 66 23.87 23.77 -16.67
N ILE F 67 23.09 23.52 -15.63
CA ILE F 67 22.14 22.43 -15.62
C ILE F 67 20.72 22.98 -15.51
N LEU F 68 19.72 22.14 -15.73
CA LEU F 68 18.34 22.58 -15.63
C LEU F 68 17.58 21.83 -14.54
N GLY F 69 16.91 22.58 -13.66
CA GLY F 69 16.17 21.96 -12.58
C GLY F 69 14.66 22.07 -12.78
N ASN F 70 13.96 20.96 -12.64
CA ASN F 70 12.51 20.96 -12.81
C ASN F 70 11.76 21.68 -11.71
N THR F 71 11.24 22.86 -12.02
CA THR F 71 10.51 23.64 -11.04
C THR F 71 9.31 22.84 -10.52
N TYR F 72 8.69 22.06 -11.39
CA TYR F 72 7.52 21.28 -10.99
C TYR F 72 7.81 20.30 -9.87
N HIS F 73 8.64 19.31 -10.17
CA HIS F 73 8.96 18.30 -9.19
C HIS F 73 9.35 18.82 -7.81
N LEU F 74 10.29 19.76 -7.79
CA LEU F 74 10.76 20.33 -6.54
C LEU F 74 9.71 20.99 -5.67
N MET F 75 8.68 21.59 -6.27
CA MET F 75 7.65 22.26 -5.49
C MET F 75 6.79 21.30 -4.69
N LEU F 76 6.65 20.08 -5.17
CA LEU F 76 5.85 19.10 -4.47
C LEU F 76 6.70 18.48 -3.37
N ARG F 77 7.93 18.14 -3.72
CA ARG F 77 8.88 17.55 -2.78
C ARG F 77 10.27 18.01 -3.18
N PRO F 78 11.05 18.54 -2.23
CA PRO F 78 10.71 18.74 -0.82
C PRO F 78 9.77 19.91 -0.60
N GLY F 79 9.93 20.96 -1.39
CA GLY F 79 9.10 22.14 -1.27
C GLY F 79 9.85 23.41 -1.63
N ALA F 80 9.23 24.27 -2.45
CA ALA F 80 9.88 25.52 -2.85
C ALA F 80 10.32 26.34 -1.64
N GLU F 81 9.46 26.39 -0.63
CA GLU F 81 9.74 27.10 0.61
C GLU F 81 10.88 26.39 1.33
N ARG F 82 10.68 25.12 1.64
CA ARG F 82 11.67 24.31 2.32
C ARG F 82 13.05 24.43 1.70
N ILE F 83 13.11 24.46 0.37
CA ILE F 83 14.39 24.59 -0.32
C ILE F 83 14.96 25.97 -0.08
N ALA F 84 14.16 27.00 -0.35
CA ALA F 84 14.62 28.36 -0.13
C ALA F 84 15.13 28.45 1.31
N LYS F 85 14.38 27.86 2.23
CA LYS F 85 14.74 27.85 3.65
C LYS F 85 16.05 27.12 3.88
N LEU F 86 16.32 26.09 3.07
CA LEU F 86 17.54 25.30 3.22
C LEU F 86 18.74 25.95 2.54
N GLY F 87 18.58 27.19 2.08
CA GLY F 87 19.67 27.90 1.44
C GLY F 87 19.64 27.97 -0.09
N GLY F 88 18.52 27.57 -0.66
CA GLY F 88 18.41 27.61 -2.11
C GLY F 88 18.98 26.39 -2.81
N LEU F 89 18.43 26.08 -3.98
CA LEU F 89 18.83 24.93 -4.78
C LEU F 89 20.34 24.72 -4.90
N HIS F 90 21.03 25.70 -5.47
CA HIS F 90 22.47 25.60 -5.67
C HIS F 90 23.14 24.93 -4.50
N SER F 91 22.96 25.51 -3.32
CA SER F 91 23.54 24.99 -2.10
C SER F 91 23.00 23.62 -1.74
N PHE F 92 21.68 23.50 -1.73
CA PHE F 92 21.02 22.26 -1.39
C PHE F 92 21.59 21.03 -2.13
N MET F 93 21.84 21.15 -3.43
CA MET F 93 22.34 20.01 -4.20
C MET F 93 23.83 19.96 -4.51
N GLY F 94 24.51 21.08 -4.33
CA GLY F 94 25.94 21.09 -4.58
C GLY F 94 26.36 21.54 -5.96
N TRP F 95 25.61 22.48 -6.54
CA TRP F 95 25.95 23.00 -7.86
C TRP F 95 26.06 24.51 -7.76
N ASP F 96 27.29 25.02 -7.75
CA ASP F 96 27.51 26.44 -7.63
C ASP F 96 27.48 27.23 -8.92
N ARG F 97 27.32 26.54 -10.06
CA ARG F 97 27.25 27.19 -11.37
C ARG F 97 25.83 27.60 -11.72
N PRO F 98 25.66 28.47 -12.70
CA PRO F 98 24.30 28.87 -13.06
C PRO F 98 23.32 27.70 -13.16
N ILE F 99 22.04 28.00 -12.94
CA ILE F 99 20.95 27.00 -13.02
C ILE F 99 19.73 27.61 -13.69
N LEU F 100 19.11 26.89 -14.63
CA LEU F 100 17.92 27.37 -15.30
C LEU F 100 16.72 26.53 -14.85
N THR F 101 15.60 27.18 -14.55
CA THR F 101 14.39 26.49 -14.08
C THR F 101 13.20 26.65 -15.03
N ASP F 102 12.57 25.56 -15.44
CA ASP F 102 11.42 25.69 -16.32
C ASP F 102 10.27 26.24 -15.50
N SER F 103 9.26 26.78 -16.18
CA SER F 103 8.10 27.36 -15.50
C SER F 103 7.32 26.32 -14.72
N GLY F 104 7.45 25.07 -15.12
CA GLY F 104 6.71 24.02 -14.46
C GLY F 104 5.37 23.91 -15.14
N GLY F 105 5.14 24.78 -16.13
CA GLY F 105 3.89 24.77 -16.87
C GLY F 105 3.72 23.47 -17.62
N TYR F 106 4.68 23.16 -18.47
CA TYR F 106 4.67 21.94 -19.26
C TYR F 106 4.42 20.72 -18.36
N GLN F 107 5.33 20.47 -17.43
CA GLN F 107 5.22 19.33 -16.51
C GLN F 107 3.82 19.21 -15.91
N VAL F 108 3.28 20.31 -15.41
CA VAL F 108 1.96 20.31 -14.80
C VAL F 108 0.93 19.78 -15.77
N MET F 109 0.78 20.51 -16.88
CA MET F 109 -0.18 20.16 -17.93
C MET F 109 0.08 18.77 -18.53
N SER F 110 1.29 18.25 -18.34
CA SER F 110 1.64 16.92 -18.84
C SER F 110 1.35 15.86 -17.80
N LEU F 111 2.38 15.12 -17.36
CA LEU F 111 2.20 14.07 -16.36
C LEU F 111 1.67 14.66 -15.05
N SER F 112 0.37 14.47 -14.81
CA SER F 112 -0.29 14.97 -13.60
C SER F 112 -1.69 14.37 -13.46
N SER F 113 -2.62 15.14 -12.92
CA SER F 113 -4.00 14.68 -12.73
C SER F 113 -5.03 15.82 -12.75
N LEU F 114 -6.21 15.54 -13.31
CA LEU F 114 -7.31 16.49 -13.41
C LEU F 114 -6.89 17.96 -13.60
N THR F 115 -6.30 18.27 -14.75
CA THR F 115 -5.86 19.63 -15.03
C THR F 115 -7.07 20.55 -15.22
N LYS F 116 -7.09 21.64 -14.47
CA LYS F 116 -8.18 22.63 -14.51
C LYS F 116 -7.58 24.02 -14.75
N GLN F 117 -7.79 24.57 -15.95
CA GLN F 117 -7.24 25.88 -16.29
C GLN F 117 -8.21 27.07 -16.30
N SER F 118 -7.64 28.25 -16.15
CA SER F 118 -8.39 29.51 -16.13
C SER F 118 -7.51 30.57 -16.78
N GLU F 119 -7.69 31.83 -16.38
CA GLU F 119 -6.89 32.91 -16.94
C GLU F 119 -5.87 33.35 -15.92
N GLU F 120 -6.20 33.17 -14.63
CA GLU F 120 -5.29 33.56 -13.57
C GLU F 120 -4.15 32.56 -13.48
N GLY F 121 -4.46 31.27 -13.65
CA GLY F 121 -3.43 30.26 -13.60
C GLY F 121 -3.91 28.90 -14.07
N VAL F 122 -3.72 27.89 -13.23
CA VAL F 122 -4.13 26.53 -13.56
C VAL F 122 -4.01 25.66 -12.32
N THR F 123 -5.02 24.84 -12.10
CA THR F 123 -5.00 23.97 -10.94
C THR F 123 -4.83 22.52 -11.38
N PHE F 124 -4.22 21.71 -10.53
CA PHE F 124 -3.97 20.31 -10.84
C PHE F 124 -3.85 19.46 -9.58
N LYS F 125 -3.74 18.15 -9.76
CA LYS F 125 -3.59 17.22 -8.65
C LYS F 125 -2.22 16.59 -8.68
N SER F 126 -1.45 16.83 -7.62
CA SER F 126 -0.11 16.28 -7.49
C SER F 126 -0.16 14.78 -7.76
N HIS F 127 0.72 14.29 -8.61
CA HIS F 127 0.75 12.86 -8.92
C HIS F 127 1.06 11.98 -7.71
N LEU F 128 1.81 12.53 -6.77
CA LEU F 128 2.17 11.78 -5.58
C LEU F 128 1.42 12.19 -4.32
N ASP F 129 0.87 13.40 -4.30
CA ASP F 129 0.14 13.88 -3.12
C ASP F 129 -1.35 13.75 -3.30
N GLY F 130 -1.82 13.92 -4.53
CA GLY F 130 -3.24 13.84 -4.78
C GLY F 130 -3.89 15.04 -4.13
N SER F 131 -3.12 16.12 -4.01
CA SER F 131 -3.58 17.35 -3.40
C SER F 131 -3.77 18.44 -4.46
N ARG F 132 -4.50 19.50 -4.11
CA ARG F 132 -4.77 20.60 -5.04
C ARG F 132 -3.72 21.71 -5.00
N HIS F 133 -3.37 22.20 -6.18
CA HIS F 133 -2.39 23.30 -6.31
C HIS F 133 -2.80 24.22 -7.46
N MET F 134 -2.59 25.51 -7.25
CA MET F 134 -2.94 26.52 -8.25
C MET F 134 -1.66 27.25 -8.68
N LEU F 135 -1.14 26.86 -9.86
CA LEU F 135 0.09 27.46 -10.38
C LEU F 135 -0.18 28.63 -11.33
N SER F 136 0.39 29.79 -11.00
CA SER F 136 0.21 31.00 -11.78
C SER F 136 1.54 31.68 -12.09
N PRO F 137 1.61 32.43 -13.20
CA PRO F 137 2.84 33.12 -13.56
C PRO F 137 3.44 33.81 -12.35
N GLU F 138 2.58 34.38 -11.51
CA GLU F 138 3.06 35.08 -10.33
C GLU F 138 3.81 34.11 -9.43
N ARG F 139 3.25 32.90 -9.27
CA ARG F 139 3.86 31.89 -8.42
C ARG F 139 5.06 31.20 -9.04
N SER F 140 4.97 30.88 -10.33
CA SER F 140 6.09 30.23 -10.99
C SER F 140 7.33 31.05 -10.73
N ILE F 141 7.25 32.32 -11.07
CA ILE F 141 8.40 33.19 -10.87
C ILE F 141 8.80 33.18 -9.40
N GLU F 142 7.82 33.11 -8.52
CA GLU F 142 8.10 33.09 -7.09
C GLU F 142 8.86 31.83 -6.69
N ILE F 143 8.30 30.68 -7.05
CA ILE F 143 8.94 29.41 -6.74
C ILE F 143 10.39 29.45 -7.21
N GLN F 144 10.57 29.69 -8.50
CA GLN F 144 11.89 29.76 -9.13
C GLN F 144 12.84 30.70 -8.37
N HIS F 145 12.28 31.66 -7.65
CA HIS F 145 13.07 32.60 -6.89
C HIS F 145 13.46 31.95 -5.58
N LEU F 146 12.55 31.15 -5.03
CA LEU F 146 12.82 30.47 -3.79
C LEU F 146 13.96 29.49 -3.98
N LEU F 147 13.95 28.78 -5.12
CA LEU F 147 15.00 27.82 -5.45
C LEU F 147 16.29 28.59 -5.70
N GLY F 148 16.15 29.77 -6.30
CA GLY F 148 17.29 30.62 -6.55
C GLY F 148 17.89 30.52 -7.93
N SER F 149 17.14 29.96 -8.89
CA SER F 149 17.63 29.79 -10.24
C SER F 149 18.20 31.07 -10.80
N ASP F 150 19.09 30.93 -11.79
CA ASP F 150 19.74 32.06 -12.43
C ASP F 150 19.04 32.47 -13.70
N ILE F 151 18.28 31.54 -14.27
CA ILE F 151 17.53 31.81 -15.48
C ILE F 151 16.13 31.28 -15.26
N VAL F 152 15.18 32.20 -15.34
CA VAL F 152 13.79 31.89 -15.12
C VAL F 152 13.01 31.83 -16.41
N MET F 153 12.21 30.79 -16.59
CA MET F 153 11.38 30.66 -17.78
C MET F 153 10.01 31.18 -17.36
N ALA F 154 9.45 32.11 -18.13
CA ALA F 154 8.14 32.66 -17.81
C ALA F 154 7.10 31.55 -17.93
N PHE F 155 6.00 31.70 -17.21
CA PHE F 155 4.94 30.71 -17.23
C PHE F 155 4.19 30.79 -18.54
N ASP F 156 3.71 29.67 -19.05
CA ASP F 156 2.96 29.69 -20.30
C ASP F 156 2.09 28.46 -20.57
N GLU F 157 1.12 28.63 -21.45
CA GLU F 157 0.20 27.56 -21.81
C GLU F 157 0.72 26.76 -22.99
N CYS F 158 1.20 25.56 -22.71
CA CYS F 158 1.74 24.67 -23.73
C CYS F 158 0.65 24.17 -24.66
N THR F 159 0.88 24.31 -25.96
CA THR F 159 -0.08 23.88 -26.97
C THR F 159 0.23 22.46 -27.43
N PRO F 160 -0.77 21.54 -27.36
CA PRO F 160 -0.61 20.15 -27.76
C PRO F 160 -0.38 19.93 -29.26
N TYR F 161 -0.29 18.66 -29.67
CA TYR F 161 -0.09 18.32 -31.08
C TYR F 161 -0.91 17.09 -31.47
N PRO F 162 -1.65 17.17 -32.59
CA PRO F 162 -1.77 18.30 -33.51
C PRO F 162 -2.43 19.55 -32.89
N ALA F 163 -2.65 20.57 -33.71
CA ALA F 163 -3.26 21.81 -33.23
C ALA F 163 -4.21 22.44 -34.25
N THR F 164 -5.22 23.15 -33.75
CA THR F 164 -6.19 23.80 -34.63
C THR F 164 -5.72 25.22 -34.94
N PRO F 165 -5.98 25.71 -36.16
CA PRO F 165 -5.58 27.05 -36.59
C PRO F 165 -5.94 28.18 -35.62
N SER F 166 -6.91 27.94 -34.75
CA SER F 166 -7.32 28.95 -33.80
C SER F 166 -7.01 28.52 -32.37
N ARG F 167 -6.85 27.21 -32.17
CA ARG F 167 -6.55 26.71 -30.85
C ARG F 167 -5.19 27.27 -30.46
N ALA F 168 -4.25 27.24 -31.41
CA ALA F 168 -2.91 27.73 -31.17
C ALA F 168 -2.93 29.21 -30.85
N ALA F 169 -3.84 29.94 -31.47
CA ALA F 169 -3.97 31.37 -31.23
C ALA F 169 -4.42 31.69 -29.80
N SER F 170 -5.52 31.09 -29.39
CA SER F 170 -6.05 31.33 -28.05
C SER F 170 -5.03 30.96 -26.98
N SER F 171 -4.32 29.85 -27.19
CA SER F 171 -3.30 29.44 -26.24
C SER F 171 -2.21 30.50 -26.23
N MET F 172 -1.66 30.76 -27.40
CA MET F 172 -0.60 31.76 -27.55
C MET F 172 -0.95 33.10 -26.90
N GLU F 173 -2.13 33.61 -27.18
CA GLU F 173 -2.54 34.88 -26.60
C GLU F 173 -2.36 34.81 -25.10
N ARG F 174 -2.94 33.77 -24.51
CA ARG F 174 -2.88 33.57 -23.08
C ARG F 174 -1.43 33.56 -22.64
N SER F 175 -0.63 32.77 -23.33
CA SER F 175 0.80 32.65 -23.01
C SER F 175 1.48 34.01 -23.04
N MET F 176 1.12 34.83 -24.03
CA MET F 176 1.70 36.15 -24.14
C MET F 176 1.25 37.08 -23.03
N ARG F 177 0.03 36.85 -22.52
CA ARG F 177 -0.48 37.66 -21.43
C ARG F 177 0.26 37.25 -20.17
N TRP F 178 0.41 35.94 -20.00
CA TRP F 178 1.12 35.41 -18.85
C TRP F 178 2.58 35.85 -18.95
N ALA F 179 3.08 35.94 -20.17
CA ALA F 179 4.44 36.37 -20.41
C ALA F 179 4.64 37.74 -19.74
N LYS F 180 3.80 38.71 -20.11
CA LYS F 180 3.89 40.03 -19.53
C LYS F 180 3.81 39.89 -18.01
N ARG F 181 2.75 39.24 -17.54
CA ARG F 181 2.54 39.04 -16.11
C ARG F 181 3.79 38.50 -15.41
N SER F 182 4.50 37.61 -16.09
CA SER F 182 5.71 37.02 -15.54
C SER F 182 6.83 38.04 -15.44
N ARG F 183 6.92 38.93 -16.43
CA ARG F 183 7.96 39.94 -16.43
C ARG F 183 7.71 40.94 -15.29
N ASP F 184 6.45 41.34 -15.11
CA ASP F 184 6.09 42.29 -14.05
C ASP F 184 6.29 41.67 -12.69
N ALA F 185 6.05 40.37 -12.60
CA ALA F 185 6.23 39.64 -11.34
C ALA F 185 7.71 39.40 -11.07
N PHE F 186 8.50 39.29 -12.13
CA PHE F 186 9.94 39.08 -11.98
C PHE F 186 10.59 40.38 -11.53
N ASP F 187 10.13 41.49 -12.09
CA ASP F 187 10.70 42.78 -11.73
C ASP F 187 10.21 43.31 -10.38
N SER F 188 9.13 42.71 -9.88
CA SER F 188 8.58 43.11 -8.59
C SER F 188 9.54 42.72 -7.48
N ARG F 189 10.25 41.62 -7.69
CA ARG F 189 11.21 41.11 -6.72
C ARG F 189 12.61 41.69 -6.93
N LYS F 190 12.74 42.95 -6.57
CA LYS F 190 13.99 43.72 -6.66
C LYS F 190 15.25 42.89 -6.53
N GLU F 191 15.27 41.99 -5.54
CA GLU F 191 16.44 41.16 -5.32
C GLU F 191 16.72 40.29 -6.55
N GLN F 192 15.75 39.43 -6.89
CA GLN F 192 15.84 38.54 -8.03
C GLN F 192 16.13 39.26 -9.34
N ALA F 193 15.72 40.52 -9.42
CA ALA F 193 15.91 41.32 -10.62
C ALA F 193 17.35 41.66 -10.97
N GLU F 194 18.18 41.84 -9.94
CA GLU F 194 19.58 42.20 -10.15
C GLU F 194 20.53 41.00 -10.13
N ASN F 195 19.98 39.80 -9.94
CA ASN F 195 20.78 38.59 -9.87
C ASN F 195 20.47 37.55 -10.95
N ALA F 196 19.20 37.41 -11.32
CA ALA F 196 18.79 36.43 -12.34
C ALA F 196 18.40 37.06 -13.66
N ALA F 197 17.86 36.23 -14.55
CA ALA F 197 17.43 36.69 -15.86
C ALA F 197 16.12 36.03 -16.24
N LEU F 198 15.44 36.59 -17.24
CA LEU F 198 14.17 36.04 -17.66
C LEU F 198 14.15 35.74 -19.15
N PHE F 199 13.52 34.62 -19.50
CA PHE F 199 13.42 34.18 -20.88
C PHE F 199 11.95 34.08 -21.31
N GLY F 200 11.63 34.59 -22.49
CA GLY F 200 10.27 34.51 -22.99
C GLY F 200 10.11 33.28 -23.85
N ILE F 201 8.96 32.63 -23.80
CA ILE F 201 8.73 31.43 -24.60
C ILE F 201 7.76 31.72 -25.73
N GLN F 202 8.24 31.71 -26.97
CA GLN F 202 7.39 31.97 -28.12
C GLN F 202 6.49 30.77 -28.37
N GLN F 203 5.27 31.03 -28.83
CA GLN F 203 4.32 29.98 -29.11
C GLN F 203 3.71 30.22 -30.47
N GLY F 204 2.68 29.45 -30.80
CA GLY F 204 2.03 29.63 -32.08
C GLY F 204 2.08 28.38 -32.94
N SER F 205 2.33 27.25 -32.29
CA SER F 205 2.39 25.97 -32.99
C SER F 205 3.16 26.09 -34.29
N VAL F 206 2.53 25.66 -35.37
CA VAL F 206 3.14 25.68 -36.70
C VAL F 206 2.53 26.74 -37.62
N PHE F 207 2.21 27.91 -37.08
CA PHE F 207 1.61 28.93 -37.91
C PHE F 207 2.42 30.21 -38.02
N GLU F 208 3.04 30.40 -39.17
CA GLU F 208 3.86 31.55 -39.49
C GLU F 208 3.57 32.83 -38.72
N ASN F 209 2.42 33.44 -38.98
CA ASN F 209 2.03 34.68 -38.34
C ASN F 209 1.93 34.55 -36.82
N LEU F 210 1.19 33.55 -36.36
CA LEU F 210 1.02 33.32 -34.93
C LEU F 210 2.36 33.38 -34.20
N ARG F 211 3.43 33.02 -34.92
CA ARG F 211 4.76 33.04 -34.37
C ARG F 211 5.28 34.47 -34.34
N GLN F 212 5.06 35.20 -35.42
CA GLN F 212 5.53 36.57 -35.51
C GLN F 212 4.82 37.40 -34.45
N GLN F 213 3.51 37.15 -34.28
CA GLN F 213 2.73 37.88 -33.29
C GLN F 213 3.31 37.68 -31.90
N SER F 214 3.54 36.41 -31.56
CA SER F 214 4.11 36.04 -30.28
C SER F 214 5.47 36.71 -30.19
N ALA F 215 6.25 36.58 -31.25
CA ALA F 215 7.57 37.16 -31.32
C ALA F 215 7.54 38.65 -31.05
N ASP F 216 6.63 39.37 -31.72
CA ASP F 216 6.50 40.80 -31.55
C ASP F 216 5.98 41.15 -30.17
N ALA F 217 5.00 40.38 -29.69
CA ALA F 217 4.45 40.61 -28.37
C ALA F 217 5.59 40.56 -27.36
N LEU F 218 6.31 39.44 -27.36
CA LEU F 218 7.43 39.21 -26.47
C LEU F 218 8.51 40.27 -26.65
N ALA F 219 8.89 40.51 -27.90
CA ALA F 219 9.93 41.50 -28.20
C ALA F 219 9.54 42.86 -27.65
N GLU F 220 8.25 43.13 -27.60
CA GLU F 220 7.77 44.41 -27.11
C GLU F 220 7.85 44.50 -25.59
N ILE F 221 7.65 43.36 -24.93
CA ILE F 221 7.69 43.29 -23.48
C ILE F 221 9.13 43.39 -23.00
N GLY F 222 10.00 42.60 -23.63
CA GLY F 222 11.41 42.62 -23.25
C GLY F 222 11.84 41.41 -22.44
N PHE F 223 12.94 40.79 -22.86
CA PHE F 223 13.47 39.62 -22.15
C PHE F 223 14.97 39.50 -22.34
N ASP F 224 15.62 38.78 -21.44
CA ASP F 224 17.06 38.56 -21.51
C ASP F 224 17.35 37.45 -22.51
N GLY F 225 16.38 36.55 -22.67
CA GLY F 225 16.54 35.45 -23.60
C GLY F 225 15.22 34.99 -24.17
N TYR F 226 15.23 34.43 -25.38
CA TYR F 226 14.01 33.97 -26.01
C TYR F 226 14.09 32.49 -26.38
N ALA F 227 13.06 31.76 -25.99
CA ALA F 227 12.98 30.33 -26.27
C ALA F 227 11.82 29.95 -27.18
N VAL F 228 12.05 28.98 -28.05
CA VAL F 228 11.01 28.52 -28.96
C VAL F 228 10.35 27.30 -28.33
N GLY F 229 9.05 27.39 -28.03
CA GLY F 229 8.37 26.27 -27.42
C GLY F 229 7.37 25.64 -28.38
N GLY F 230 6.56 24.72 -27.87
CA GLY F 230 5.56 24.10 -28.73
C GLY F 230 6.14 23.07 -29.68
N LEU F 231 7.45 22.84 -29.58
CA LEU F 231 8.10 21.86 -30.44
C LEU F 231 8.54 20.66 -29.62
N ALA F 232 9.06 19.64 -30.30
CA ALA F 232 9.50 18.41 -29.63
C ALA F 232 8.28 17.65 -29.08
N VAL F 233 7.09 18.05 -29.52
CA VAL F 233 5.86 17.41 -29.07
C VAL F 233 5.50 16.23 -29.96
N GLY F 234 6.30 16.00 -31.01
CA GLY F 234 6.03 14.87 -31.89
C GLY F 234 5.58 15.25 -33.29
N GLU F 235 6.10 16.37 -33.79
CA GLU F 235 5.73 16.85 -35.12
C GLU F 235 6.67 16.34 -36.20
N GLY F 236 7.65 15.54 -35.81
CA GLY F 236 8.61 15.02 -36.78
C GLY F 236 9.78 15.97 -36.92
N GLN F 237 10.98 15.41 -37.03
CA GLN F 237 12.19 16.21 -37.15
C GLN F 237 12.11 17.16 -38.35
N ASP F 238 11.17 16.91 -39.26
CA ASP F 238 11.03 17.75 -40.45
C ASP F 238 10.23 19.01 -40.18
N GLU F 239 9.07 18.84 -39.56
CA GLU F 239 8.23 19.98 -39.22
C GLU F 239 8.99 20.94 -38.32
N MET F 240 9.54 20.39 -37.25
CA MET F 240 10.31 21.18 -36.30
C MET F 240 11.35 22.00 -37.04
N PHE F 241 12.17 21.32 -37.84
CA PHE F 241 13.21 21.96 -38.61
C PHE F 241 12.66 23.06 -39.52
N ARG F 242 11.54 22.75 -40.16
CA ARG F 242 10.90 23.69 -41.07
C ARG F 242 10.36 24.90 -40.32
N VAL F 243 9.87 24.68 -39.11
CA VAL F 243 9.35 25.77 -38.29
C VAL F 243 10.50 26.60 -37.75
N LEU F 244 11.57 25.91 -37.35
CA LEU F 244 12.73 26.57 -36.81
C LEU F 244 13.41 27.45 -37.86
N ASP F 245 13.04 27.24 -39.12
CA ASP F 245 13.61 28.02 -40.21
C ASP F 245 13.10 29.45 -40.26
N PHE F 246 11.82 29.65 -39.95
CA PHE F 246 11.26 31.00 -39.98
C PHE F 246 10.97 31.61 -38.62
N SER F 247 10.81 30.76 -37.60
CA SER F 247 10.52 31.19 -36.23
C SER F 247 11.70 31.88 -35.54
N VAL F 248 12.91 31.42 -35.83
CA VAL F 248 14.12 31.97 -35.22
C VAL F 248 14.51 33.37 -35.70
N PRO F 249 14.35 33.66 -37.00
CA PRO F 249 14.72 35.01 -37.43
C PRO F 249 13.81 36.05 -36.79
N MET F 250 12.59 35.63 -36.48
CA MET F 250 11.61 36.51 -35.86
C MET F 250 12.07 36.99 -34.50
N LEU F 251 13.00 36.27 -33.89
CA LEU F 251 13.49 36.62 -32.57
C LEU F 251 14.73 37.50 -32.60
N PRO F 252 14.89 38.36 -31.59
CA PRO F 252 16.02 39.28 -31.46
C PRO F 252 17.38 38.59 -31.69
N ASP F 253 18.05 38.96 -32.77
CA ASP F 253 19.33 38.37 -33.13
C ASP F 253 20.44 38.60 -32.12
N ASP F 254 20.32 39.64 -31.30
CA ASP F 254 21.36 39.90 -30.31
C ASP F 254 21.11 39.28 -28.93
N LYS F 255 20.06 38.48 -28.82
CA LYS F 255 19.75 37.79 -27.56
C LYS F 255 19.81 36.29 -27.88
N PRO F 256 20.13 35.46 -26.87
CA PRO F 256 20.22 34.02 -27.13
C PRO F 256 18.89 33.27 -27.34
N HIS F 257 18.94 32.26 -28.22
CA HIS F 257 17.76 31.46 -28.53
C HIS F 257 17.88 30.07 -27.89
N TYR F 258 16.97 29.77 -26.98
CA TYR F 258 16.96 28.49 -26.28
C TYR F 258 15.82 27.64 -26.83
N LEU F 259 16.11 26.38 -27.14
CA LEU F 259 15.10 25.48 -27.68
C LEU F 259 14.85 24.31 -26.75
N MET F 260 14.10 24.57 -25.69
CA MET F 260 13.78 23.55 -24.70
C MET F 260 13.09 22.34 -25.31
N GLY F 261 13.34 21.18 -24.72
CA GLY F 261 12.73 19.95 -25.21
C GLY F 261 13.57 19.11 -26.13
N VAL F 262 14.43 19.76 -26.91
CA VAL F 262 15.27 19.06 -27.86
C VAL F 262 16.50 18.41 -27.28
N GLY F 263 16.76 17.19 -27.71
CA GLY F 263 17.90 16.41 -27.23
C GLY F 263 18.65 15.57 -28.26
N LYS F 264 17.94 14.79 -29.09
CA LYS F 264 18.61 13.95 -30.09
C LYS F 264 19.77 14.66 -30.79
N PRO F 265 20.96 14.04 -30.83
CA PRO F 265 22.16 14.59 -31.45
C PRO F 265 21.96 15.30 -32.79
N ASP F 266 21.27 14.66 -33.71
CA ASP F 266 21.04 15.28 -35.01
C ASP F 266 20.14 16.50 -34.87
N ASP F 267 19.16 16.39 -33.97
CA ASP F 267 18.23 17.48 -33.71
C ASP F 267 19.02 18.69 -33.24
N ILE F 268 20.00 18.46 -32.38
CA ILE F 268 20.81 19.55 -31.87
C ILE F 268 21.58 20.23 -32.99
N VAL F 269 22.26 19.43 -33.81
CA VAL F 269 23.03 19.98 -34.91
C VAL F 269 22.23 20.86 -35.88
N GLY F 270 21.19 20.27 -36.46
CA GLY F 270 20.36 21.02 -37.40
C GLY F 270 19.78 22.26 -36.76
N ALA F 271 19.58 22.21 -35.44
CA ALA F 271 19.01 23.33 -34.72
C ALA F 271 20.04 24.45 -34.65
N VAL F 272 21.29 24.11 -34.41
CA VAL F 272 22.32 25.12 -34.33
C VAL F 272 22.46 25.82 -35.67
N GLU F 273 22.21 25.08 -36.75
CA GLU F 273 22.29 25.66 -38.10
C GLU F 273 21.18 26.70 -38.26
N ARG F 274 20.04 26.42 -37.63
CA ARG F 274 18.88 27.29 -37.68
C ARG F 274 18.97 28.51 -36.76
N GLY F 275 19.92 28.50 -35.82
CA GLY F 275 20.07 29.64 -34.94
C GLY F 275 19.99 29.43 -33.44
N ILE F 276 19.55 28.25 -33.02
CA ILE F 276 19.44 27.96 -31.60
C ILE F 276 20.81 28.03 -30.92
N ASP F 277 20.82 28.31 -29.62
CA ASP F 277 22.05 28.42 -28.86
C ASP F 277 22.05 27.59 -27.57
N MET F 278 20.86 27.13 -27.15
CA MET F 278 20.74 26.37 -25.91
C MET F 278 19.79 25.18 -26.00
N PHE F 279 20.21 24.06 -25.41
CA PHE F 279 19.40 22.85 -25.40
C PHE F 279 19.34 22.19 -24.03
N ASP F 280 18.44 21.24 -23.90
CA ASP F 280 18.26 20.51 -22.67
C ASP F 280 17.31 19.38 -23.00
N CYS F 281 17.60 18.20 -22.47
CA CYS F 281 16.74 17.05 -22.68
C CYS F 281 17.16 15.92 -21.77
N VAL F 282 16.19 15.19 -21.25
CA VAL F 282 16.46 14.09 -20.36
C VAL F 282 16.81 12.85 -21.17
N LEU F 283 17.21 13.06 -22.42
CA LEU F 283 17.55 11.95 -23.29
C LEU F 283 18.81 11.18 -22.89
N PRO F 284 19.98 11.85 -22.88
CA PRO F 284 21.22 11.18 -22.50
C PRO F 284 21.22 10.58 -21.10
N THR F 285 20.45 11.18 -20.20
CA THR F 285 20.37 10.70 -18.83
C THR F 285 19.44 9.49 -18.64
N ARG F 286 18.33 9.43 -19.38
CA ARG F 286 17.40 8.31 -19.24
C ARG F 286 17.75 7.13 -20.14
N SER F 287 18.24 7.39 -21.34
CA SER F 287 18.62 6.31 -22.23
C SER F 287 19.79 5.57 -21.61
N GLY F 288 20.54 6.28 -20.77
CA GLY F 288 21.67 5.68 -20.09
C GLY F 288 21.25 4.55 -19.18
N ARG F 289 20.34 4.82 -18.25
CA ARG F 289 19.88 3.80 -17.33
C ARG F 289 19.28 2.62 -18.08
N ASN F 290 18.74 2.90 -19.27
CA ASN F 290 18.10 1.88 -20.12
C ASN F 290 19.04 1.04 -20.96
N GLY F 291 20.24 1.55 -21.21
CA GLY F 291 21.21 0.78 -21.96
C GLY F 291 21.55 1.34 -23.32
N GLN F 292 21.17 2.59 -23.55
CA GLN F 292 21.46 3.20 -24.84
C GLN F 292 22.59 4.19 -24.68
N ALA F 293 23.69 3.95 -25.40
CA ALA F 293 24.87 4.82 -25.32
C ALA F 293 25.16 5.48 -26.66
N PHE F 294 25.41 6.78 -26.62
CA PHE F 294 25.70 7.54 -27.83
C PHE F 294 27.15 7.43 -28.27
N THR F 295 27.35 7.15 -29.54
CA THR F 295 28.68 7.05 -30.12
C THR F 295 28.60 7.87 -31.38
N TRP F 296 29.73 8.34 -31.88
CA TRP F 296 29.72 9.16 -33.11
C TRP F 296 29.22 8.37 -34.30
N ASP F 297 29.09 7.06 -34.10
CA ASP F 297 28.60 6.15 -35.12
C ASP F 297 27.17 5.78 -34.80
N GLY F 298 26.53 6.61 -34.00
CA GLY F 298 25.14 6.37 -33.62
C GLY F 298 24.95 5.65 -32.30
N PRO F 299 23.69 5.53 -31.83
CA PRO F 299 23.37 4.86 -30.57
C PRO F 299 23.53 3.36 -30.69
N ILE F 300 23.87 2.72 -29.58
CA ILE F 300 24.03 1.28 -29.53
C ILE F 300 23.48 0.83 -28.20
N ASN F 301 22.69 -0.23 -28.19
CA ASN F 301 22.16 -0.69 -26.91
C ASN F 301 23.17 -1.67 -26.36
N ILE F 302 23.92 -1.19 -25.38
CA ILE F 302 24.94 -1.99 -24.74
C ILE F 302 24.41 -3.34 -24.24
N ARG F 303 23.08 -3.49 -24.15
CA ARG F 303 22.50 -4.73 -23.67
C ARG F 303 22.62 -5.86 -24.66
N ASN F 304 22.79 -5.52 -25.93
CA ASN F 304 22.91 -6.56 -26.95
C ASN F 304 24.01 -7.52 -26.56
N ALA F 305 23.83 -8.80 -26.88
CA ALA F 305 24.81 -9.82 -26.55
C ALA F 305 26.09 -9.70 -27.34
N ARG F 306 26.11 -8.86 -28.36
CA ARG F 306 27.32 -8.72 -29.16
C ARG F 306 28.42 -8.06 -28.37
N PHE F 307 28.04 -7.33 -27.33
CA PHE F 307 29.02 -6.64 -26.50
C PHE F 307 29.54 -7.50 -25.35
N SER F 308 28.96 -8.69 -25.20
CA SER F 308 29.38 -9.60 -24.16
C SER F 308 30.89 -9.65 -23.90
N GLU F 309 31.69 -9.78 -24.94
CA GLU F 309 33.13 -9.87 -24.74
C GLU F 309 33.93 -8.78 -25.43
N ASP F 310 33.26 -7.66 -25.69
CA ASP F 310 33.88 -6.51 -26.35
C ASP F 310 34.77 -5.67 -25.41
N LEU F 311 36.09 -5.74 -25.60
CA LEU F 311 36.99 -5.01 -24.74
C LEU F 311 37.11 -3.56 -25.13
N LYS F 312 36.52 -3.19 -26.26
CA LYS F 312 36.63 -1.79 -26.70
C LYS F 312 35.85 -0.89 -25.74
N PRO F 313 36.21 0.39 -25.67
CA PRO F 313 35.50 1.28 -24.77
C PRO F 313 34.15 1.60 -25.38
N LEU F 314 33.29 2.27 -24.62
CA LEU F 314 31.96 2.63 -25.10
C LEU F 314 32.09 3.31 -26.46
N ASP F 315 33.09 4.19 -26.58
CA ASP F 315 33.37 4.87 -27.84
C ASP F 315 34.86 5.18 -27.98
N SER F 316 35.40 4.75 -29.10
CA SER F 316 36.81 4.90 -29.43
C SER F 316 37.30 6.33 -29.41
N GLU F 317 36.50 7.23 -29.97
CA GLU F 317 36.86 8.63 -30.04
C GLU F 317 36.72 9.36 -28.69
N CYS F 318 35.62 9.07 -27.98
CA CYS F 318 35.31 9.73 -26.69
C CYS F 318 36.47 9.84 -25.70
N HIS F 319 36.55 10.99 -25.05
CA HIS F 319 37.60 11.25 -24.10
C HIS F 319 37.15 10.96 -22.67
N CYS F 320 35.83 10.95 -22.45
CA CYS F 320 35.23 10.72 -21.14
C CYS F 320 35.99 9.72 -20.26
N ALA F 321 35.81 9.86 -18.95
CA ALA F 321 36.47 9.00 -17.99
C ALA F 321 36.10 7.54 -18.15
N VAL F 322 34.83 7.27 -18.47
CA VAL F 322 34.38 5.90 -18.62
C VAL F 322 35.12 5.21 -19.78
N CYS F 323 35.08 5.83 -20.95
CA CYS F 323 35.75 5.27 -22.13
C CYS F 323 37.27 5.09 -21.96
N GLN F 324 37.89 5.84 -21.05
CA GLN F 324 39.32 5.68 -20.85
C GLN F 324 39.51 4.76 -19.64
N LYS F 325 38.52 3.94 -19.31
CA LYS F 325 38.65 3.07 -18.14
C LYS F 325 37.85 1.76 -18.18
N TRP F 326 36.76 1.70 -18.94
CA TRP F 326 35.96 0.49 -19.00
C TRP F 326 35.49 0.02 -20.37
N SER F 327 35.38 -1.31 -20.47
CA SER F 327 34.96 -1.99 -21.67
C SER F 327 33.45 -2.23 -21.70
N ARG F 328 32.94 -2.42 -22.91
CA ARG F 328 31.52 -2.67 -23.12
C ARG F 328 31.11 -3.97 -22.43
N ALA F 329 31.91 -5.01 -22.63
CA ALA F 329 31.63 -6.29 -22.02
C ALA F 329 31.26 -6.10 -20.53
N TYR F 330 31.96 -5.18 -19.88
CA TYR F 330 31.70 -4.89 -18.47
C TYR F 330 30.41 -4.11 -18.27
N ILE F 331 30.31 -2.96 -18.92
CA ILE F 331 29.10 -2.16 -18.79
C ILE F 331 27.90 -2.99 -19.26
N HIS F 332 28.13 -3.84 -20.25
CA HIS F 332 27.09 -4.73 -20.77
C HIS F 332 26.66 -5.56 -19.56
N HIS F 333 27.63 -6.13 -18.87
CA HIS F 333 27.34 -6.94 -17.70
C HIS F 333 26.57 -6.13 -16.68
N LEU F 334 27.13 -4.98 -16.37
CA LEU F 334 26.56 -4.10 -15.38
C LEU F 334 25.10 -3.76 -15.69
N ILE F 335 24.83 -3.20 -16.85
CA ILE F 335 23.46 -2.85 -17.19
C ILE F 335 22.54 -4.06 -17.19
N ARG F 336 22.96 -5.13 -17.88
CA ARG F 336 22.15 -6.34 -17.96
C ARG F 336 21.81 -6.86 -16.57
N ALA F 337 22.74 -6.69 -15.63
CA ALA F 337 22.52 -7.15 -14.26
C ALA F 337 21.79 -6.12 -13.42
N GLY F 338 21.43 -5.00 -14.02
CA GLY F 338 20.74 -3.98 -13.26
C GLY F 338 21.52 -3.40 -12.09
N GLU F 339 22.84 -3.31 -12.24
CA GLU F 339 23.69 -2.75 -11.20
C GLU F 339 23.60 -1.24 -11.28
N ILE F 340 23.73 -0.55 -10.15
CA ILE F 340 23.69 0.91 -10.14
C ILE F 340 24.87 1.49 -10.94
N LEU F 341 26.03 0.86 -10.78
CA LEU F 341 27.20 1.33 -11.51
C LEU F 341 26.94 1.39 -12.99
N GLY F 342 26.04 0.54 -13.46
CA GLY F 342 25.70 0.52 -14.88
C GLY F 342 25.19 1.86 -15.33
N ALA F 343 24.07 2.28 -14.73
CA ALA F 343 23.47 3.56 -15.09
C ALA F 343 24.55 4.61 -14.92
N MET F 344 25.26 4.51 -13.79
CA MET F 344 26.31 5.47 -13.48
C MET F 344 27.34 5.71 -14.59
N LEU F 345 27.97 4.64 -15.04
CA LEU F 345 28.97 4.73 -16.09
C LEU F 345 28.27 5.19 -17.36
N MET F 346 27.16 4.54 -17.66
CA MET F 346 26.39 4.89 -18.83
C MET F 346 26.05 6.39 -18.90
N THR F 347 25.32 6.86 -17.90
CA THR F 347 24.95 8.27 -17.90
C THR F 347 26.16 9.18 -18.05
N GLU F 348 27.20 8.96 -17.25
CA GLU F 348 28.36 9.81 -17.35
C GLU F 348 28.87 9.89 -18.76
N HIS F 349 28.96 8.75 -19.43
CA HIS F 349 29.44 8.77 -20.80
C HIS F 349 28.55 9.65 -21.67
N ASN F 350 27.25 9.37 -21.66
CA ASN F 350 26.27 10.10 -22.48
C ASN F 350 26.31 11.61 -22.29
N ILE F 351 26.38 12.07 -21.06
CA ILE F 351 26.45 13.51 -20.86
C ILE F 351 27.80 13.97 -21.39
N ALA F 352 28.84 13.26 -20.98
CA ALA F 352 30.19 13.58 -21.43
C ALA F 352 30.18 13.75 -22.94
N PHE F 353 29.57 12.78 -23.62
CA PHE F 353 29.45 12.77 -25.07
C PHE F 353 28.97 14.11 -25.52
N TYR F 354 27.69 14.39 -25.28
CA TYR F 354 27.05 15.66 -25.65
C TYR F 354 27.96 16.88 -25.51
N GLN F 355 28.44 17.11 -24.31
CA GLN F 355 29.32 18.23 -24.05
C GLN F 355 30.36 18.28 -25.14
N GLN F 356 30.98 17.13 -25.41
CA GLN F 356 32.01 17.07 -26.45
C GLN F 356 31.39 17.60 -27.73
N LEU F 357 30.31 16.96 -28.14
CA LEU F 357 29.57 17.33 -29.34
C LEU F 357 29.35 18.85 -29.40
N MET F 358 28.96 19.42 -28.26
CA MET F 358 28.73 20.85 -28.21
C MET F 358 30.02 21.59 -28.51
N GLN F 359 31.11 21.21 -27.84
CA GLN F 359 32.40 21.88 -28.09
C GLN F 359 32.74 21.88 -29.58
N LYS F 360 32.75 20.70 -30.20
CA LYS F 360 33.04 20.60 -31.62
C LYS F 360 32.16 21.57 -32.40
N ILE F 361 30.88 21.66 -32.04
CA ILE F 361 30.00 22.61 -32.72
C ILE F 361 30.54 24.03 -32.52
N ARG F 362 30.85 24.37 -31.27
CA ARG F 362 31.37 25.69 -30.94
C ARG F 362 32.61 25.96 -31.79
N ASP F 363 33.61 25.09 -31.62
CA ASP F 363 34.89 25.19 -32.32
C ASP F 363 34.75 25.20 -33.83
N SER F 364 33.84 24.38 -34.35
CA SER F 364 33.61 24.31 -35.79
C SER F 364 33.07 25.63 -36.30
N ILE F 365 32.13 26.21 -35.57
CA ILE F 365 31.53 27.48 -35.93
C ILE F 365 32.58 28.56 -35.84
N SER F 366 33.36 28.53 -34.77
CA SER F 366 34.41 29.50 -34.55
C SER F 366 35.51 29.42 -35.60
N GLU F 367 35.83 28.19 -36.03
CA GLU F 367 36.84 27.97 -37.06
C GLU F 367 36.19 28.17 -38.40
N GLY F 368 34.93 28.59 -38.40
CA GLY F 368 34.19 28.81 -39.62
C GLY F 368 34.22 27.61 -40.54
N ARG F 369 34.03 26.43 -39.97
CA ARG F 369 34.02 25.17 -40.72
C ARG F 369 32.88 24.32 -40.17
N PHE F 370 31.83 24.98 -39.73
CA PHE F 370 30.69 24.27 -39.18
C PHE F 370 29.94 23.58 -40.29
N SER F 371 29.68 24.30 -41.38
CA SER F 371 28.96 23.70 -42.51
C SER F 371 29.55 22.32 -42.75
N GLN F 372 30.81 22.32 -43.16
CA GLN F 372 31.56 21.12 -43.42
C GLN F 372 31.33 20.07 -42.34
N PHE F 373 31.61 20.43 -41.09
CA PHE F 373 31.44 19.56 -39.93
C PHE F 373 30.10 18.82 -39.96
N ALA F 374 29.01 19.58 -39.89
CA ALA F 374 27.67 19.02 -39.91
C ALA F 374 27.59 17.91 -40.96
N GLN F 375 28.03 18.24 -42.17
CA GLN F 375 28.02 17.30 -43.29
C GLN F 375 28.80 16.04 -42.88
N ASP F 376 29.99 16.22 -42.33
CA ASP F 376 30.79 15.09 -41.88
C ASP F 376 30.04 14.28 -40.80
N PHE F 377 29.60 14.98 -39.75
CA PHE F 377 28.88 14.36 -38.62
C PHE F 377 27.71 13.51 -39.10
N ARG F 378 26.76 14.18 -39.73
CA ARG F 378 25.59 13.51 -40.23
C ARG F 378 26.02 12.25 -40.98
N ALA F 379 27.10 12.38 -41.75
CA ALA F 379 27.60 11.25 -42.50
C ALA F 379 27.89 10.07 -41.57
N ARG F 380 28.85 10.23 -40.68
CA ARG F 380 29.25 9.16 -39.78
C ARG F 380 28.18 8.60 -38.85
N TYR F 381 27.36 9.47 -38.27
CA TYR F 381 26.32 9.07 -37.32
C TYR F 381 25.10 8.36 -37.93
N PHE F 382 24.60 8.92 -39.03
CA PHE F 382 23.42 8.48 -39.78
C PHE F 382 22.23 9.31 -39.23
#